data_1ZU1
#
_entry.id   1ZU1
#
_cell.length_a   1.000
_cell.length_b   1.000
_cell.length_c   1.000
_cell.angle_alpha   90.00
_cell.angle_beta   90.00
_cell.angle_gamma   90.00
#
_symmetry.space_group_name_H-M   'P 1'
#
loop_
_entity.id
_entity.type
_entity.pdbx_description
1 polymer 'RNA binding protein ZFa'
2 non-polymer 'ZINC ION'
#
_entity_poly.entity_id   1
_entity_poly.type   'polypeptide(L)'
_entity_poly.pdbx_seq_one_letter_code
;ADEFGNGDALDLPVGKDAVNSLIRENSHIFSDTQCKVCSAVLISESQKLAHYQSRKHANKVRRYMAINQGEDSVPAKKFK
AAPAEISDGEDRSKCCPVCNMTFSSPVVAESHYIGKTHIKNLRLREQ
;
_entity_poly.pdbx_strand_id   A
#
# COMPACT_ATOMS: atom_id res chain seq x y z
N ALA A 1 24.19 -18.86 3.74
CA ALA A 1 25.41 -19.67 3.68
C ALA A 1 26.09 -19.70 2.29
N ASP A 2 25.63 -18.84 1.36
CA ASP A 2 26.13 -18.74 -0.03
C ASP A 2 26.40 -17.27 -0.46
N GLU A 3 26.38 -16.33 0.49
CA GLU A 3 26.60 -14.89 0.28
C GLU A 3 27.30 -14.23 1.49
N PHE A 4 27.77 -13.00 1.29
CA PHE A 4 28.45 -12.14 2.27
C PHE A 4 27.93 -10.68 2.21
N GLY A 5 27.05 -10.34 1.25
CA GLY A 5 26.45 -9.01 1.08
C GLY A 5 25.09 -9.05 0.34
N ASN A 6 24.52 -7.87 0.09
CA ASN A 6 23.24 -7.68 -0.59
C ASN A 6 23.17 -6.29 -1.28
N GLY A 7 22.17 -6.09 -2.14
CA GLY A 7 21.92 -4.81 -2.83
C GLY A 7 21.33 -3.72 -1.92
N ASP A 8 21.10 -2.53 -2.49
CA ASP A 8 20.56 -1.36 -1.76
C ASP A 8 19.62 -0.51 -2.64
N ALA A 9 18.55 0.00 -2.05
CA ALA A 9 17.52 0.86 -2.66
C ALA A 9 16.80 1.70 -1.57
N LEU A 10 16.06 2.74 -1.98
CA LEU A 10 15.32 3.62 -1.08
C LEU A 10 14.07 4.21 -1.75
N ASP A 11 12.91 4.04 -1.09
CA ASP A 11 11.58 4.54 -1.52
C ASP A 11 10.76 5.11 -0.35
N LEU A 12 11.41 5.37 0.78
CA LEU A 12 10.87 5.90 2.04
C LEU A 12 10.50 7.40 1.94
N PRO A 13 9.66 7.92 2.86
CA PRO A 13 9.34 9.35 2.91
C PRO A 13 10.58 10.16 3.32
N VAL A 14 10.63 11.44 2.93
CA VAL A 14 11.73 12.37 3.24
C VAL A 14 11.15 13.73 3.65
N GLY A 15 11.29 14.06 4.92
CA GLY A 15 10.80 15.31 5.53
C GLY A 15 9.37 15.24 6.06
N LYS A 16 9.00 16.24 6.88
CA LYS A 16 7.69 16.36 7.53
C LYS A 16 6.50 16.33 6.57
N ASP A 17 6.61 16.98 5.41
CA ASP A 17 5.55 16.99 4.39
C ASP A 17 5.24 15.58 3.87
N ALA A 18 6.26 14.78 3.58
CA ALA A 18 6.10 13.39 3.13
C ALA A 18 5.50 12.51 4.24
N VAL A 19 5.98 12.64 5.48
CA VAL A 19 5.45 11.87 6.63
C VAL A 19 3.98 12.21 6.90
N ASN A 20 3.61 13.50 6.92
CA ASN A 20 2.22 13.91 7.09
C ASN A 20 1.32 13.36 5.96
N SER A 21 1.78 13.44 4.71
CA SER A 21 1.05 12.90 3.55
C SER A 21 0.86 11.38 3.67
N LEU A 22 1.92 10.65 4.05
CA LEU A 22 1.90 9.19 4.26
C LEU A 22 0.91 8.79 5.36
N ILE A 23 0.85 9.55 6.46
CA ILE A 23 -0.10 9.34 7.56
C ILE A 23 -1.54 9.54 7.05
N ARG A 24 -1.83 10.65 6.35
CA ARG A 24 -3.18 10.95 5.82
C ARG A 24 -3.65 9.91 4.78
N GLU A 25 -2.77 9.47 3.88
CA GLU A 25 -3.08 8.46 2.86
C GLU A 25 -3.26 7.03 3.43
N ASN A 26 -2.87 6.79 4.69
CA ASN A 26 -2.95 5.49 5.38
C ASN A 26 -3.54 5.62 6.79
N SER A 27 -4.52 6.51 6.98
CA SER A 27 -5.19 6.80 8.27
C SER A 27 -5.76 5.57 9.01
N HIS A 28 -5.97 4.46 8.32
CA HIS A 28 -6.43 3.18 8.87
C HIS A 28 -5.35 2.40 9.64
N ILE A 29 -4.06 2.68 9.39
CA ILE A 29 -2.90 1.99 10.00
C ILE A 29 -1.82 2.93 10.58
N PHE A 30 -1.77 4.19 10.15
CA PHE A 30 -0.82 5.21 10.62
C PHE A 30 -1.61 6.42 11.15
N SER A 31 -1.05 7.12 12.13
CA SER A 31 -1.64 8.33 12.73
C SER A 31 -0.57 9.27 13.26
N ASP A 32 -0.98 10.48 13.63
CA ASP A 32 -0.12 11.54 14.19
C ASP A 32 0.57 11.15 15.51
N THR A 33 0.13 10.08 16.19
CA THR A 33 0.69 9.63 17.49
C THR A 33 0.76 8.10 17.68
N GLN A 34 0.54 7.29 16.64
CA GLN A 34 0.62 5.82 16.72
C GLN A 34 0.76 5.14 15.35
N CYS A 35 1.56 4.08 15.27
CA CYS A 35 1.71 3.23 14.08
C CYS A 35 1.23 1.81 14.43
N LYS A 36 0.15 1.34 13.80
CA LYS A 36 -0.43 0.00 14.05
C LYS A 36 0.41 -1.13 13.46
N VAL A 37 1.02 -0.91 12.29
CA VAL A 37 1.90 -1.90 11.60
C VAL A 37 3.04 -2.35 12.51
N CYS A 38 3.65 -1.40 13.21
CA CYS A 38 4.74 -1.62 14.17
C CYS A 38 4.23 -1.69 15.63
N SER A 39 2.91 -1.59 15.84
CA SER A 39 2.18 -1.58 17.13
C SER A 39 2.92 -0.77 18.21
N ALA A 40 3.21 0.49 17.87
CA ALA A 40 3.98 1.41 18.71
C ALA A 40 3.37 2.82 18.76
N VAL A 41 3.46 3.45 19.94
CA VAL A 41 2.98 4.82 20.20
C VAL A 41 4.09 5.83 19.87
N LEU A 42 3.69 7.01 19.43
CA LEU A 42 4.50 8.12 18.96
C LEU A 42 4.13 9.38 19.77
N ILE A 43 4.56 9.40 21.04
CA ILE A 43 4.25 10.43 22.05
C ILE A 43 4.56 11.90 21.67
N SER A 44 5.34 12.14 20.61
CA SER A 44 5.65 13.48 20.09
C SER A 44 5.97 13.41 18.58
N GLU A 45 5.84 14.55 17.89
CA GLU A 45 6.12 14.67 16.46
C GLU A 45 7.56 14.26 16.11
N SER A 46 8.55 14.53 16.97
CA SER A 46 9.94 14.09 16.72
C SER A 46 10.05 12.56 16.66
N GLN A 47 9.35 11.83 17.52
CA GLN A 47 9.29 10.36 17.47
C GLN A 47 8.52 9.91 16.22
N LYS A 48 7.39 10.56 15.87
CA LYS A 48 6.62 10.24 14.66
C LYS A 48 7.48 10.40 13.39
N LEU A 49 8.18 11.51 13.27
CA LEU A 49 9.06 11.84 12.13
C LEU A 49 10.20 10.84 12.01
N ALA A 50 10.82 10.42 13.12
CA ALA A 50 11.88 9.41 13.10
C ALA A 50 11.33 8.01 12.77
N HIS A 51 10.20 7.61 13.36
CA HIS A 51 9.59 6.30 13.13
C HIS A 51 9.17 6.09 11.67
N TYR A 52 8.40 7.02 11.08
CA TYR A 52 7.94 6.89 9.68
C TYR A 52 9.08 6.95 8.64
N GLN A 53 10.25 7.49 8.99
CA GLN A 53 11.44 7.54 8.12
C GLN A 53 12.47 6.45 8.46
N SER A 54 12.25 5.66 9.52
CA SER A 54 13.13 4.57 9.95
C SER A 54 13.18 3.40 8.96
N ARG A 55 14.36 2.81 8.78
CA ARG A 55 14.57 1.61 7.95
C ARG A 55 13.82 0.39 8.52
N LYS A 56 13.68 0.31 9.86
CA LYS A 56 12.95 -0.77 10.56
C LYS A 56 11.46 -0.71 10.22
N HIS A 57 10.86 0.48 10.25
CA HIS A 57 9.45 0.71 9.88
C HIS A 57 9.20 0.30 8.42
N ALA A 58 10.06 0.72 7.49
CA ALA A 58 9.92 0.37 6.08
C ALA A 58 9.95 -1.15 5.84
N ASN A 59 10.86 -1.88 6.49
CA ASN A 59 10.91 -3.34 6.42
C ASN A 59 9.64 -3.97 7.01
N LYS A 60 9.16 -3.48 8.16
CA LYS A 60 7.91 -3.95 8.80
C LYS A 60 6.70 -3.74 7.88
N VAL A 61 6.60 -2.57 7.24
CA VAL A 61 5.54 -2.25 6.25
C VAL A 61 5.61 -3.19 5.06
N ARG A 62 6.80 -3.47 4.51
CA ARG A 62 6.97 -4.41 3.38
C ARG A 62 6.47 -5.82 3.72
N ARG A 63 6.79 -6.32 4.93
CA ARG A 63 6.31 -7.61 5.44
C ARG A 63 4.79 -7.60 5.64
N TYR A 64 4.26 -6.56 6.31
CA TYR A 64 2.83 -6.40 6.53
C TYR A 64 2.03 -6.36 5.22
N MET A 65 2.48 -5.59 4.22
CA MET A 65 1.86 -5.51 2.90
C MET A 65 1.81 -6.87 2.19
N ALA A 66 2.87 -7.69 2.32
CA ALA A 66 2.91 -9.04 1.75
C ALA A 66 1.92 -10.00 2.47
N ILE A 67 1.78 -9.87 3.79
CA ILE A 67 0.85 -10.68 4.62
C ILE A 67 -0.62 -10.28 4.35
N ASN A 68 -0.89 -8.98 4.14
CA ASN A 68 -2.20 -8.39 3.87
C ASN A 68 -2.78 -8.71 2.47
N GLN A 69 -2.74 -9.99 2.07
CA GLN A 69 -3.21 -10.51 0.77
C GLN A 69 -4.11 -11.76 0.90
N GLY A 70 -4.37 -12.25 2.12
CA GLY A 70 -5.21 -13.43 2.39
C GLY A 70 -5.33 -13.75 3.89
N GLU A 71 -6.07 -14.81 4.22
CA GLU A 71 -6.31 -15.29 5.59
C GLU A 71 -6.56 -16.81 5.64
N ASP A 72 -6.32 -17.43 6.79
CA ASP A 72 -6.53 -18.87 7.04
C ASP A 72 -8.04 -19.24 7.17
N SER A 73 -8.35 -20.51 7.40
CA SER A 73 -9.73 -21.01 7.57
C SER A 73 -10.41 -20.46 8.83
N VAL A 74 -11.71 -20.13 8.74
CA VAL A 74 -12.57 -19.60 9.81
C VAL A 74 -13.94 -20.29 9.72
N PRO A 75 -14.59 -20.69 10.83
CA PRO A 75 -15.89 -21.39 10.81
C PRO A 75 -17.08 -20.58 10.25
N ALA A 76 -16.95 -19.26 10.05
CA ALA A 76 -17.93 -18.32 9.50
C ALA A 76 -18.27 -18.52 8.00
N LYS A 77 -18.32 -19.78 7.54
CA LYS A 77 -18.55 -20.24 6.15
C LYS A 77 -19.82 -19.67 5.49
N LYS A 78 -20.94 -19.64 6.23
CA LYS A 78 -22.27 -19.16 5.80
C LYS A 78 -23.04 -18.51 6.96
N PHE A 79 -24.08 -17.74 6.63
CA PHE A 79 -24.95 -17.05 7.58
C PHE A 79 -26.35 -16.78 6.99
N LYS A 80 -27.37 -16.63 7.85
CA LYS A 80 -28.77 -16.29 7.48
C LYS A 80 -29.57 -15.61 8.60
N ALA A 81 -29.36 -15.99 9.87
CA ALA A 81 -30.04 -15.45 11.05
C ALA A 81 -29.22 -15.71 12.34
N ALA A 82 -29.57 -15.01 13.43
CA ALA A 82 -28.92 -15.13 14.74
C ALA A 82 -29.96 -15.02 15.90
N PRO A 83 -29.69 -15.62 17.07
CA PRO A 83 -30.57 -15.57 18.25
C PRO A 83 -30.57 -14.22 18.99
N ALA A 84 -29.69 -13.28 18.62
CA ALA A 84 -29.55 -11.95 19.21
C ALA A 84 -29.22 -10.89 18.15
N GLU A 85 -29.50 -9.62 18.46
CA GLU A 85 -29.31 -8.47 17.54
C GLU A 85 -27.98 -7.70 17.74
N ILE A 86 -27.10 -8.17 18.65
CA ILE A 86 -25.80 -7.54 18.94
C ILE A 86 -24.95 -7.43 17.66
N SER A 87 -24.55 -6.20 17.31
CA SER A 87 -23.76 -5.89 16.10
C SER A 87 -22.62 -4.88 16.33
N ASP A 88 -22.51 -4.30 17.54
CA ASP A 88 -21.50 -3.30 17.93
C ASP A 88 -20.90 -3.56 19.33
N GLY A 89 -21.10 -4.76 19.89
CA GLY A 89 -20.61 -5.17 21.22
C GLY A 89 -19.18 -5.71 21.21
N GLU A 90 -18.71 -6.13 22.40
CA GLU A 90 -17.36 -6.67 22.64
C GLU A 90 -17.39 -8.06 23.34
N ASP A 91 -18.58 -8.68 23.39
CA ASP A 91 -18.82 -10.00 24.01
C ASP A 91 -18.18 -11.17 23.23
N ARG A 92 -17.82 -12.24 23.95
CA ARG A 92 -17.21 -13.46 23.38
C ARG A 92 -18.08 -14.14 22.32
N SER A 93 -19.40 -13.97 22.39
CA SER A 93 -20.36 -14.47 21.40
C SER A 93 -20.36 -13.71 20.05
N LYS A 94 -19.62 -12.58 19.95
CA LYS A 94 -19.54 -11.74 18.74
C LYS A 94 -18.12 -11.40 18.29
N CYS A 95 -17.11 -11.44 19.16
CA CYS A 95 -15.73 -11.15 18.78
C CYS A 95 -14.66 -11.87 19.62
N CYS A 96 -13.43 -11.91 19.12
CA CYS A 96 -12.27 -12.50 19.77
C CYS A 96 -11.03 -11.59 19.63
N PRO A 97 -10.57 -10.91 20.71
CA PRO A 97 -9.42 -10.00 20.65
C PRO A 97 -8.06 -10.71 20.49
N VAL A 98 -7.97 -12.02 20.81
CA VAL A 98 -6.72 -12.80 20.62
C VAL A 98 -6.38 -12.89 19.12
N CYS A 99 -7.40 -13.10 18.29
CA CYS A 99 -7.29 -13.18 16.83
C CYS A 99 -7.60 -11.85 16.13
N ASN A 100 -8.25 -10.93 16.86
CA ASN A 100 -8.76 -9.63 16.41
C ASN A 100 -9.76 -9.79 15.24
N MET A 101 -10.80 -10.59 15.49
CA MET A 101 -11.87 -10.92 14.54
C MET A 101 -13.27 -10.84 15.16
N THR A 102 -14.30 -10.88 14.31
CA THR A 102 -15.73 -10.84 14.65
C THR A 102 -16.49 -12.01 14.01
N PHE A 103 -17.66 -12.35 14.58
CA PHE A 103 -18.51 -13.47 14.15
C PHE A 103 -19.97 -13.01 13.97
N SER A 104 -20.66 -13.59 13.00
CA SER A 104 -22.05 -13.26 12.67
C SER A 104 -23.07 -13.69 13.73
N SER A 105 -22.90 -14.87 14.32
CA SER A 105 -23.80 -15.47 15.32
C SER A 105 -23.03 -16.16 16.46
N PRO A 106 -23.56 -16.21 17.70
CA PRO A 106 -22.93 -16.90 18.83
C PRO A 106 -22.43 -18.32 18.53
N VAL A 107 -23.16 -19.10 17.72
CA VAL A 107 -22.74 -20.47 17.37
C VAL A 107 -21.42 -20.51 16.59
N VAL A 108 -21.19 -19.50 15.73
CA VAL A 108 -19.93 -19.35 14.97
C VAL A 108 -18.79 -19.00 15.93
N ALA A 109 -19.05 -18.12 16.90
CA ALA A 109 -18.08 -17.76 17.94
C ALA A 109 -17.72 -18.97 18.83
N GLU A 110 -18.73 -19.74 19.27
CA GLU A 110 -18.50 -20.97 20.06
C GLU A 110 -17.64 -21.97 19.25
N SER A 111 -17.93 -22.14 17.96
CA SER A 111 -17.17 -23.01 17.06
C SER A 111 -15.72 -22.54 16.89
N HIS A 112 -15.50 -21.22 16.79
CA HIS A 112 -14.17 -20.63 16.67
C HIS A 112 -13.32 -20.90 17.92
N TYR A 113 -13.84 -20.62 19.11
CA TYR A 113 -13.13 -20.79 20.39
C TYR A 113 -12.71 -22.25 20.70
N ILE A 114 -13.25 -23.25 20.00
CA ILE A 114 -12.91 -24.68 20.17
C ILE A 114 -12.22 -25.30 18.92
N GLY A 115 -11.99 -24.49 17.87
CA GLY A 115 -11.38 -24.94 16.61
C GLY A 115 -9.95 -24.45 16.39
N LYS A 116 -9.29 -24.99 15.35
CA LYS A 116 -7.90 -24.67 14.97
C LYS A 116 -7.65 -23.19 14.69
N THR A 117 -8.66 -22.45 14.20
CA THR A 117 -8.56 -21.00 13.92
C THR A 117 -8.06 -20.21 15.13
N HIS A 118 -8.58 -20.52 16.32
CA HIS A 118 -8.14 -19.88 17.57
C HIS A 118 -6.74 -20.34 17.97
N ILE A 119 -6.46 -21.64 17.90
CA ILE A 119 -5.16 -22.25 18.26
C ILE A 119 -4.00 -21.72 17.40
N LYS A 120 -4.22 -21.52 16.10
CA LYS A 120 -3.25 -20.91 15.17
C LYS A 120 -2.86 -19.50 15.64
N ASN A 121 -3.82 -18.76 16.19
CA ASN A 121 -3.60 -17.43 16.75
C ASN A 121 -2.98 -17.48 18.16
N LEU A 122 -3.23 -18.51 18.98
CA LEU A 122 -2.56 -18.65 20.29
C LEU A 122 -1.04 -18.63 20.10
N ARG A 123 -0.53 -19.44 19.17
CA ARG A 123 0.90 -19.51 18.80
C ARG A 123 1.41 -18.20 18.21
N LEU A 124 0.59 -17.48 17.44
CA LEU A 124 0.94 -16.17 16.87
C LEU A 124 1.19 -15.14 17.98
N ARG A 125 0.28 -15.01 18.96
CA ARG A 125 0.43 -14.09 20.11
C ARG A 125 1.55 -14.51 21.06
N GLU A 126 1.70 -15.82 21.28
CA GLU A 126 2.76 -16.44 22.11
C GLU A 126 4.17 -16.22 21.53
N GLN A 127 4.30 -16.25 20.20
CA GLN A 127 5.56 -16.08 19.46
C GLN A 127 5.28 -15.37 18.12
N ALA A 1 16.01 5.61 -14.64
CA ALA A 1 14.92 5.02 -13.85
C ALA A 1 14.58 3.56 -14.21
N ASP A 2 15.30 2.95 -15.16
CA ASP A 2 15.10 1.57 -15.64
C ASP A 2 15.31 0.47 -14.56
N GLU A 3 15.98 0.78 -13.45
CA GLU A 3 16.23 -0.14 -12.32
C GLU A 3 16.18 0.57 -10.95
N PHE A 4 15.74 -0.14 -9.92
CA PHE A 4 15.62 0.35 -8.53
C PHE A 4 15.75 -0.79 -7.49
N GLY A 5 16.52 -1.83 -7.80
CA GLY A 5 16.74 -3.01 -6.93
C GLY A 5 18.11 -3.01 -6.21
N ASN A 6 18.94 -1.99 -6.41
CA ASN A 6 20.26 -1.84 -5.81
C ASN A 6 20.19 -1.44 -4.31
N GLY A 7 21.30 -1.55 -3.59
CA GLY A 7 21.41 -1.23 -2.15
C GLY A 7 20.95 0.18 -1.73
N ASP A 8 21.04 1.17 -2.63
CA ASP A 8 20.62 2.55 -2.38
C ASP A 8 19.10 2.80 -2.50
N ALA A 9 18.30 1.79 -2.92
CA ALA A 9 16.85 1.89 -3.04
C ALA A 9 16.17 2.28 -1.71
N LEU A 10 15.16 3.16 -1.79
CA LEU A 10 14.41 3.69 -0.64
C LEU A 10 13.05 4.24 -1.09
N ASP A 11 12.01 3.95 -0.32
CA ASP A 11 10.61 4.39 -0.55
C ASP A 11 10.02 5.20 0.63
N LEU A 12 10.87 5.51 1.62
CA LEU A 12 10.55 6.25 2.84
C LEU A 12 10.43 7.77 2.61
N PRO A 13 9.70 8.50 3.49
CA PRO A 13 9.59 9.96 3.45
C PRO A 13 10.94 10.63 3.79
N VAL A 14 11.06 11.93 3.53
CA VAL A 14 12.29 12.72 3.78
C VAL A 14 12.04 14.11 4.41
N GLY A 15 10.89 14.24 5.08
CA GLY A 15 10.46 15.47 5.78
C GLY A 15 9.03 15.37 6.30
N LYS A 16 8.62 16.30 7.17
CA LYS A 16 7.28 16.34 7.78
C LYS A 16 6.15 16.36 6.74
N ASP A 17 6.33 17.07 5.63
CA ASP A 17 5.34 17.14 4.54
C ASP A 17 5.06 15.75 3.94
N ALA A 18 6.12 14.96 3.68
CA ALA A 18 5.99 13.60 3.17
C ALA A 18 5.39 12.66 4.23
N VAL A 19 5.79 12.78 5.51
CA VAL A 19 5.23 12.00 6.62
C VAL A 19 3.72 12.27 6.77
N ASN A 20 3.29 13.53 6.68
CA ASN A 20 1.88 13.92 6.75
C ASN A 20 1.07 13.26 5.62
N SER A 21 1.56 13.31 4.38
CA SER A 21 0.89 12.65 3.24
C SER A 21 0.85 11.13 3.39
N LEU A 22 1.95 10.52 3.86
CA LEU A 22 2.03 9.07 4.13
C LEU A 22 1.00 8.63 5.18
N ILE A 23 0.84 9.41 6.26
CA ILE A 23 -0.17 9.19 7.29
C ILE A 23 -1.58 9.32 6.70
N ARG A 24 -1.86 10.38 5.92
CA ARG A 24 -3.16 10.63 5.29
C ARG A 24 -3.60 9.48 4.37
N GLU A 25 -2.70 9.01 3.51
CA GLU A 25 -2.96 7.92 2.56
C GLU A 25 -3.06 6.53 3.22
N ASN A 26 -2.63 6.39 4.49
CA ASN A 26 -2.63 5.13 5.25
C ASN A 26 -3.24 5.29 6.66
N SER A 27 -4.27 6.13 6.80
CA SER A 27 -4.96 6.43 8.07
C SER A 27 -5.47 5.21 8.85
N HIS A 28 -5.68 4.08 8.15
CA HIS A 28 -6.09 2.79 8.70
C HIS A 28 -4.97 2.04 9.47
N ILE A 29 -3.71 2.48 9.35
CA ILE A 29 -2.54 1.86 10.02
C ILE A 29 -1.54 2.86 10.62
N PHE A 30 -1.47 4.10 10.12
CA PHE A 30 -0.58 5.16 10.61
C PHE A 30 -1.40 6.37 11.10
N SER A 31 -0.86 7.11 12.07
CA SER A 31 -1.49 8.31 12.63
C SER A 31 -0.45 9.28 13.22
N ASP A 32 -0.88 10.49 13.54
CA ASP A 32 -0.08 11.56 14.14
C ASP A 32 0.57 11.18 15.50
N THR A 33 0.05 10.14 16.19
CA THR A 33 0.51 9.70 17.51
C THR A 33 0.70 8.19 17.70
N GLN A 34 0.51 7.35 16.67
CA GLN A 34 0.67 5.89 16.77
C GLN A 34 0.83 5.20 15.41
N CYS A 35 1.66 4.14 15.36
CA CYS A 35 1.84 3.27 14.19
C CYS A 35 1.39 1.84 14.56
N LYS A 36 0.33 1.34 13.92
CA LYS A 36 -0.25 0.00 14.19
C LYS A 36 0.53 -1.14 13.54
N VAL A 37 1.16 -0.92 12.38
CA VAL A 37 2.01 -1.93 11.69
C VAL A 37 3.22 -2.30 12.57
N CYS A 38 3.73 -1.35 13.36
CA CYS A 38 4.85 -1.53 14.27
C CYS A 38 4.41 -1.53 15.75
N SER A 39 3.11 -1.56 16.01
CA SER A 39 2.43 -1.53 17.32
C SER A 39 3.14 -0.66 18.37
N ALA A 40 3.36 0.60 18.01
CA ALA A 40 4.10 1.57 18.83
C ALA A 40 3.44 2.96 18.87
N VAL A 41 3.54 3.62 20.03
CA VAL A 41 3.01 4.98 20.27
C VAL A 41 4.12 6.01 19.95
N LEU A 42 3.70 7.18 19.48
CA LEU A 42 4.52 8.29 19.00
C LEU A 42 4.06 9.59 19.70
N ILE A 43 4.28 9.68 21.01
CA ILE A 43 3.81 10.79 21.88
C ILE A 43 4.37 12.18 21.57
N SER A 44 5.38 12.29 20.69
CA SER A 44 6.01 13.54 20.27
C SER A 44 6.26 13.54 18.75
N GLU A 45 6.24 14.71 18.12
CA GLU A 45 6.49 14.86 16.69
C GLU A 45 7.86 14.32 16.27
N SER A 46 8.90 14.50 17.09
CA SER A 46 10.23 13.94 16.82
C SER A 46 10.21 12.40 16.74
N GLN A 47 9.45 11.73 17.61
CA GLN A 47 9.28 10.27 17.56
C GLN A 47 8.56 9.87 16.28
N LYS A 48 7.48 10.58 15.90
CA LYS A 48 6.71 10.31 14.67
C LYS A 48 7.59 10.46 13.43
N LEU A 49 8.33 11.57 13.34
CA LEU A 49 9.23 11.87 12.23
C LEU A 49 10.37 10.85 12.13
N ALA A 50 10.98 10.44 13.24
CA ALA A 50 12.04 9.43 13.22
C ALA A 50 11.49 8.03 12.88
N HIS A 51 10.34 7.64 13.44
CA HIS A 51 9.74 6.33 13.19
C HIS A 51 9.32 6.15 11.72
N TYR A 52 8.57 7.10 11.15
CA TYR A 52 8.12 7.00 9.76
C TYR A 52 9.24 7.13 8.72
N GLN A 53 10.42 7.64 9.08
CA GLN A 53 11.60 7.75 8.19
C GLN A 53 12.62 6.60 8.40
N SER A 54 12.45 5.75 9.42
CA SER A 54 13.35 4.63 9.73
C SER A 54 13.21 3.43 8.78
N ARG A 55 14.33 2.74 8.51
CA ARG A 55 14.37 1.48 7.72
C ARG A 55 13.57 0.35 8.38
N LYS A 56 13.43 0.36 9.72
CA LYS A 56 12.63 -0.63 10.47
C LYS A 56 11.16 -0.58 10.05
N HIS A 57 10.62 0.63 9.89
CA HIS A 57 9.25 0.85 9.42
C HIS A 57 9.05 0.32 8.00
N ALA A 58 9.98 0.61 7.08
CA ALA A 58 9.92 0.08 5.70
C ALA A 58 9.89 -1.47 5.67
N ASN A 59 10.73 -2.13 6.48
CA ASN A 59 10.76 -3.58 6.58
C ASN A 59 9.44 -4.14 7.10
N LYS A 60 8.88 -3.57 8.19
CA LYS A 60 7.57 -3.98 8.73
C LYS A 60 6.44 -3.75 7.75
N VAL A 61 6.43 -2.62 7.02
CA VAL A 61 5.44 -2.34 5.97
C VAL A 61 5.55 -3.36 4.83
N ARG A 62 6.77 -3.74 4.40
CA ARG A 62 6.97 -4.78 3.37
C ARG A 62 6.33 -6.12 3.78
N ARG A 63 6.49 -6.53 5.05
CA ARG A 63 5.86 -7.74 5.60
C ARG A 63 4.33 -7.59 5.65
N TYR A 64 3.83 -6.48 6.19
CA TYR A 64 2.38 -6.21 6.26
C TYR A 64 1.72 -6.22 4.88
N MET A 65 2.34 -5.62 3.86
CA MET A 65 1.84 -5.60 2.48
C MET A 65 1.70 -7.01 1.87
N ALA A 66 2.58 -7.95 2.25
CA ALA A 66 2.49 -9.34 1.82
C ALA A 66 1.40 -10.10 2.59
N ILE A 67 1.29 -9.86 3.90
CA ILE A 67 0.31 -10.49 4.80
C ILE A 67 -1.14 -10.05 4.51
N ASN A 68 -1.36 -8.76 4.24
CA ASN A 68 -2.69 -8.18 3.99
C ASN A 68 -3.31 -8.51 2.61
N GLN A 69 -2.57 -9.19 1.72
CA GLN A 69 -3.03 -9.57 0.37
C GLN A 69 -4.33 -10.40 0.41
N GLY A 70 -5.29 -10.06 -0.45
CA GLY A 70 -6.60 -10.72 -0.54
C GLY A 70 -7.56 -10.06 -1.53
N GLU A 71 -8.85 -10.41 -1.43
CA GLU A 71 -9.95 -9.90 -2.27
C GLU A 71 -11.26 -9.75 -1.45
N ASP A 72 -12.21 -8.96 -1.96
CA ASP A 72 -13.48 -8.65 -1.29
C ASP A 72 -14.71 -8.60 -2.23
N SER A 73 -14.63 -9.25 -3.39
CA SER A 73 -15.69 -9.31 -4.40
C SER A 73 -15.72 -10.64 -5.17
N VAL A 74 -16.87 -10.96 -5.79
CA VAL A 74 -17.10 -12.19 -6.56
C VAL A 74 -18.22 -11.96 -7.60
N PRO A 75 -18.12 -12.47 -8.85
CA PRO A 75 -19.14 -12.27 -9.89
C PRO A 75 -20.42 -13.12 -9.70
N ALA A 76 -20.43 -14.06 -8.74
CA ALA A 76 -21.56 -14.95 -8.44
C ALA A 76 -22.82 -14.21 -7.97
N LYS A 77 -23.98 -14.87 -8.11
CA LYS A 77 -25.32 -14.38 -7.71
C LYS A 77 -26.25 -15.55 -7.34
N LYS A 78 -27.25 -15.30 -6.49
CA LYS A 78 -28.26 -16.26 -6.02
C LYS A 78 -29.61 -15.57 -5.78
N PHE A 79 -30.69 -16.37 -5.75
CA PHE A 79 -32.08 -15.93 -5.56
C PHE A 79 -32.89 -16.95 -4.74
N LYS A 80 -34.14 -16.61 -4.38
CA LYS A 80 -35.06 -17.49 -3.64
C LYS A 80 -35.49 -18.72 -4.47
N ALA A 81 -35.60 -18.57 -5.79
CA ALA A 81 -35.95 -19.66 -6.71
C ALA A 81 -34.85 -20.73 -6.83
N ALA A 82 -35.17 -21.88 -7.43
CA ALA A 82 -34.25 -23.01 -7.64
C ALA A 82 -34.08 -23.35 -9.15
N PRO A 83 -33.40 -22.49 -9.94
CA PRO A 83 -33.27 -22.64 -11.39
C PRO A 83 -32.25 -23.70 -11.89
N ALA A 84 -31.40 -24.28 -11.05
CA ALA A 84 -30.36 -25.24 -11.49
C ALA A 84 -30.09 -26.43 -10.54
N GLU A 85 -30.64 -26.38 -9.33
CA GLU A 85 -30.51 -27.41 -8.28
C GLU A 85 -31.18 -28.73 -8.67
N ILE A 86 -30.74 -29.85 -8.07
CA ILE A 86 -31.26 -31.21 -8.34
C ILE A 86 -32.52 -31.49 -7.51
N SER A 87 -33.37 -32.40 -7.99
CA SER A 87 -34.65 -32.81 -7.37
C SER A 87 -34.65 -34.29 -6.93
N ASP A 88 -33.47 -34.83 -6.60
CA ASP A 88 -33.25 -36.21 -6.16
C ASP A 88 -33.62 -36.51 -4.69
N GLY A 89 -33.94 -35.47 -3.91
CA GLY A 89 -34.28 -35.56 -2.48
C GLY A 89 -33.07 -35.49 -1.54
N GLU A 90 -31.84 -35.40 -2.07
CA GLU A 90 -30.59 -35.31 -1.29
C GLU A 90 -29.94 -33.93 -1.45
N ASP A 91 -30.06 -33.29 -2.62
CA ASP A 91 -29.60 -31.91 -2.86
C ASP A 91 -30.46 -30.85 -2.14
N ARG A 92 -31.48 -31.30 -1.38
CA ARG A 92 -32.38 -30.48 -0.54
C ARG A 92 -31.66 -29.50 0.39
N SER A 93 -30.38 -29.78 0.70
CA SER A 93 -29.48 -28.92 1.48
C SER A 93 -29.36 -27.50 0.93
N LYS A 94 -29.62 -27.29 -0.37
CA LYS A 94 -29.56 -25.98 -1.04
C LYS A 94 -30.95 -25.37 -1.31
N CYS A 95 -31.96 -26.19 -1.59
CA CYS A 95 -33.31 -25.70 -1.93
C CYS A 95 -34.47 -26.63 -1.55
N CYS A 96 -35.69 -26.09 -1.70
CA CYS A 96 -36.95 -26.77 -1.47
C CYS A 96 -37.92 -26.43 -2.63
N PRO A 97 -37.98 -27.23 -3.71
CA PRO A 97 -38.86 -26.97 -4.85
C PRO A 97 -40.36 -27.09 -4.53
N VAL A 98 -40.72 -27.77 -3.43
CA VAL A 98 -42.11 -27.89 -2.95
C VAL A 98 -42.67 -26.52 -2.53
N CYS A 99 -41.81 -25.67 -1.95
CA CYS A 99 -42.14 -24.32 -1.49
C CYS A 99 -41.49 -23.20 -2.34
N ASN A 100 -40.61 -23.59 -3.26
CA ASN A 100 -39.78 -22.78 -4.14
C ASN A 100 -38.92 -21.75 -3.38
N MET A 101 -38.07 -22.28 -2.49
CA MET A 101 -37.15 -21.51 -1.63
C MET A 101 -35.72 -22.10 -1.62
N THR A 102 -34.75 -21.35 -1.11
CA THR A 102 -33.33 -21.72 -0.98
C THR A 102 -32.80 -21.50 0.44
N PHE A 103 -31.71 -22.19 0.79
CA PHE A 103 -31.09 -22.17 2.12
C PHE A 103 -29.57 -21.93 2.08
N SER A 104 -29.05 -21.24 3.09
CA SER A 104 -27.62 -20.93 3.26
C SER A 104 -26.80 -22.05 3.92
N SER A 105 -27.45 -23.08 4.49
CA SER A 105 -26.83 -24.20 5.21
C SER A 105 -27.74 -25.44 5.21
N PRO A 106 -27.19 -26.67 5.23
CA PRO A 106 -27.98 -27.90 5.31
C PRO A 106 -28.81 -27.97 6.60
N VAL A 107 -28.34 -27.36 7.70
CA VAL A 107 -29.09 -27.32 8.97
C VAL A 107 -30.40 -26.53 8.82
N VAL A 108 -30.35 -25.42 8.09
CA VAL A 108 -31.54 -24.59 7.77
C VAL A 108 -32.51 -25.38 6.89
N ALA A 109 -31.99 -26.12 5.91
CA ALA A 109 -32.80 -26.98 5.04
C ALA A 109 -33.54 -28.07 5.84
N GLU A 110 -32.83 -28.83 6.67
CA GLU A 110 -33.45 -29.88 7.50
C GLU A 110 -34.49 -29.28 8.46
N SER A 111 -34.18 -28.14 9.09
CA SER A 111 -35.09 -27.41 9.99
C SER A 111 -36.39 -27.01 9.28
N HIS A 112 -36.30 -26.54 8.02
CA HIS A 112 -37.46 -26.20 7.21
C HIS A 112 -38.31 -27.46 6.88
N TYR A 113 -37.68 -28.53 6.36
CA TYR A 113 -38.37 -29.77 6.00
C TYR A 113 -39.14 -30.44 7.15
N ILE A 114 -38.65 -30.35 8.40
CA ILE A 114 -39.36 -30.90 9.59
C ILE A 114 -40.38 -29.93 10.20
N GLY A 115 -40.43 -28.67 9.74
CA GLY A 115 -41.33 -27.64 10.26
C GLY A 115 -42.75 -27.70 9.67
N LYS A 116 -43.73 -27.18 10.42
CA LYS A 116 -45.15 -27.17 10.02
C LYS A 116 -45.40 -26.40 8.72
N THR A 117 -44.63 -25.36 8.44
CA THR A 117 -44.73 -24.55 7.20
C THR A 117 -44.56 -25.43 5.96
N HIS A 118 -43.59 -26.36 5.97
CA HIS A 118 -43.37 -27.31 4.88
C HIS A 118 -44.52 -28.30 4.75
N ILE A 119 -45.01 -28.84 5.88
CA ILE A 119 -46.14 -29.78 5.94
C ILE A 119 -47.43 -29.14 5.37
N LYS A 120 -47.70 -27.87 5.69
CA LYS A 120 -48.83 -27.11 5.13
C LYS A 120 -48.70 -26.96 3.61
N ASN A 121 -47.46 -26.74 3.12
CA ASN A 121 -47.19 -26.66 1.67
C ASN A 121 -47.43 -28.00 0.95
N LEU A 122 -47.28 -29.17 1.60
CA LEU A 122 -47.60 -30.47 0.98
C LEU A 122 -49.06 -30.47 0.50
N ARG A 123 -49.99 -30.07 1.39
CA ARG A 123 -51.43 -29.97 1.12
C ARG A 123 -51.73 -28.93 0.04
N LEU A 124 -50.99 -27.82 0.01
CA LEU A 124 -51.11 -26.74 -0.98
C LEU A 124 -50.77 -27.25 -2.40
N ARG A 125 -49.64 -27.96 -2.57
CA ARG A 125 -49.24 -28.52 -3.86
C ARG A 125 -50.18 -29.61 -4.38
N GLU A 126 -50.89 -30.32 -3.49
CA GLU A 126 -51.88 -31.35 -3.85
C GLU A 126 -53.22 -30.79 -4.36
N GLN A 127 -53.50 -29.49 -4.21
CA GLN A 127 -54.75 -28.87 -4.69
C GLN A 127 -54.88 -28.94 -6.22
N ALA A 1 30.39 -10.52 -5.55
CA ALA A 1 29.36 -10.79 -4.54
C ALA A 1 29.14 -9.55 -3.64
N ASP A 2 28.10 -9.57 -2.79
CA ASP A 2 27.79 -8.49 -1.84
C ASP A 2 28.95 -8.19 -0.86
N GLU A 3 29.79 -9.18 -0.56
CA GLU A 3 31.01 -9.04 0.26
C GLU A 3 32.05 -8.07 -0.35
N PHE A 4 31.89 -7.71 -1.63
CA PHE A 4 32.76 -6.80 -2.40
C PHE A 4 31.94 -5.76 -3.20
N GLY A 5 30.65 -5.58 -2.88
CA GLY A 5 29.75 -4.65 -3.60
C GLY A 5 28.42 -4.33 -2.90
N ASN A 6 28.39 -4.30 -1.56
CA ASN A 6 27.19 -4.00 -0.77
C ASN A 6 26.63 -2.58 -1.06
N GLY A 7 25.31 -2.41 -0.92
CA GLY A 7 24.60 -1.14 -1.13
C GLY A 7 23.11 -1.21 -0.79
N ASP A 8 22.45 -0.05 -0.78
CA ASP A 8 21.02 0.11 -0.46
C ASP A 8 20.43 1.36 -1.16
N ALA A 9 19.11 1.53 -1.07
CA ALA A 9 18.30 2.62 -1.59
C ALA A 9 17.32 3.14 -0.51
N LEU A 10 16.48 4.13 -0.82
CA LEU A 10 15.51 4.68 0.13
C LEU A 10 14.13 4.85 -0.52
N ASP A 11 13.15 4.15 0.05
CA ASP A 11 11.73 4.09 -0.34
C ASP A 11 10.84 4.58 0.82
N LEU A 12 11.29 5.64 1.49
CA LEU A 12 10.71 6.27 2.68
C LEU A 12 10.61 7.80 2.53
N PRO A 13 9.78 8.48 3.36
CA PRO A 13 9.70 9.94 3.37
C PRO A 13 11.02 10.57 3.82
N VAL A 14 11.25 11.85 3.48
CA VAL A 14 12.48 12.60 3.81
C VAL A 14 12.18 14.02 4.33
N GLY A 15 11.04 14.21 4.98
CA GLY A 15 10.61 15.49 5.55
C GLY A 15 9.21 15.47 6.16
N LYS A 16 8.87 16.55 6.89
CA LYS A 16 7.59 16.76 7.57
C LYS A 16 6.39 16.66 6.62
N ASP A 17 6.49 17.26 5.44
CA ASP A 17 5.44 17.22 4.41
C ASP A 17 5.19 15.79 3.90
N ALA A 18 6.25 15.03 3.61
CA ALA A 18 6.14 13.65 3.15
C ALA A 18 5.54 12.73 4.23
N VAL A 19 5.97 12.86 5.49
CA VAL A 19 5.40 12.08 6.62
C VAL A 19 3.92 12.43 6.80
N ASN A 20 3.54 13.71 6.74
CA ASN A 20 2.14 14.14 6.85
C ASN A 20 1.27 13.50 5.75
N SER A 21 1.71 13.53 4.49
CA SER A 21 0.99 12.89 3.38
C SER A 21 0.93 11.36 3.52
N LEU A 22 2.00 10.72 3.97
CA LEU A 22 2.05 9.28 4.21
C LEU A 22 1.04 8.84 5.28
N ILE A 23 0.94 9.61 6.38
CA ILE A 23 -0.06 9.37 7.44
C ILE A 23 -1.48 9.57 6.87
N ARG A 24 -1.72 10.68 6.16
CA ARG A 24 -3.03 11.01 5.55
C ARG A 24 -3.53 9.94 4.57
N GLU A 25 -2.67 9.45 3.68
CA GLU A 25 -2.99 8.42 2.68
C GLU A 25 -3.16 7.01 3.28
N ASN A 26 -2.73 6.79 4.53
CA ASN A 26 -2.80 5.50 5.24
C ASN A 26 -3.40 5.63 6.65
N SER A 27 -4.38 6.52 6.82
CA SER A 27 -5.05 6.83 8.10
C SER A 27 -5.62 5.60 8.86
N HIS A 28 -5.84 4.49 8.17
CA HIS A 28 -6.32 3.21 8.72
C HIS A 28 -5.24 2.43 9.48
N ILE A 29 -3.94 2.70 9.24
CA ILE A 29 -2.80 2.01 9.86
C ILE A 29 -1.71 2.94 10.45
N PHE A 30 -1.66 4.20 10.03
CA PHE A 30 -0.71 5.21 10.53
C PHE A 30 -1.51 6.42 11.05
N SER A 31 -1.04 7.06 12.12
CA SER A 31 -1.67 8.25 12.71
C SER A 31 -0.63 9.23 13.27
N ASP A 32 -1.11 10.40 13.70
CA ASP A 32 -0.32 11.46 14.31
C ASP A 32 0.34 11.03 15.65
N THR A 33 -0.12 9.93 16.26
CA THR A 33 0.38 9.44 17.57
C THR A 33 0.60 7.93 17.67
N GLN A 34 0.39 7.13 16.61
CA GLN A 34 0.58 5.67 16.64
C GLN A 34 0.77 5.04 15.25
N CYS A 35 1.57 3.98 15.17
CA CYS A 35 1.75 3.15 13.97
C CYS A 35 1.27 1.73 14.29
N LYS A 36 0.20 1.27 13.63
CA LYS A 36 -0.38 -0.08 13.85
C LYS A 36 0.47 -1.19 13.23
N VAL A 37 1.11 -0.92 12.09
CA VAL A 37 2.01 -1.88 11.40
C VAL A 37 3.12 -2.36 12.33
N CYS A 38 3.77 -1.42 13.01
CA CYS A 38 4.84 -1.66 13.97
C CYS A 38 4.32 -1.78 15.43
N SER A 39 2.99 -1.70 15.61
CA SER A 39 2.24 -1.72 16.88
C SER A 39 2.95 -0.94 18.00
N ALA A 40 3.23 0.33 17.70
CA ALA A 40 3.98 1.24 18.58
C ALA A 40 3.36 2.64 18.65
N VAL A 41 3.43 3.25 19.83
CA VAL A 41 2.93 4.62 20.10
C VAL A 41 4.04 5.63 19.79
N LEU A 42 3.63 6.82 19.32
CA LEU A 42 4.46 7.93 18.87
C LEU A 42 4.08 9.18 19.70
N ILE A 43 4.48 9.18 20.98
CA ILE A 43 4.16 10.19 22.01
C ILE A 43 4.54 11.66 21.70
N SER A 44 5.28 11.94 20.62
CA SER A 44 5.66 13.28 20.19
C SER A 44 5.95 13.31 18.68
N GLU A 45 5.84 14.49 18.06
CA GLU A 45 6.11 14.68 16.62
C GLU A 45 7.54 14.29 16.24
N SER A 46 8.55 14.53 17.09
CA SER A 46 9.93 14.09 16.82
C SER A 46 10.05 12.56 16.74
N GLN A 47 9.35 11.83 17.62
CA GLN A 47 9.28 10.36 17.58
C GLN A 47 8.53 9.89 16.32
N LYS A 48 7.41 10.54 15.96
CA LYS A 48 6.62 10.21 14.76
C LYS A 48 7.47 10.40 13.48
N LEU A 49 8.16 11.54 13.38
CA LEU A 49 9.06 11.86 12.26
C LEU A 49 10.21 10.86 12.16
N ALA A 50 10.84 10.49 13.27
CA ALA A 50 11.92 9.50 13.26
C ALA A 50 11.42 8.10 12.88
N HIS A 51 10.29 7.66 13.44
CA HIS A 51 9.71 6.35 13.16
C HIS A 51 9.31 6.18 11.68
N TYR A 52 8.54 7.12 11.12
CA TYR A 52 8.08 7.02 9.72
C TYR A 52 9.20 7.17 8.68
N GLN A 53 10.37 7.71 9.04
CA GLN A 53 11.54 7.85 8.16
C GLN A 53 12.58 6.73 8.37
N SER A 54 12.45 5.92 9.42
CA SER A 54 13.38 4.82 9.75
C SER A 54 13.35 3.67 8.73
N ARG A 55 14.51 3.06 8.46
CA ARG A 55 14.67 1.90 7.58
C ARG A 55 13.89 0.67 8.09
N LYS A 56 13.69 0.56 9.41
CA LYS A 56 12.92 -0.52 10.05
C LYS A 56 11.45 -0.50 9.61
N HIS A 57 10.84 0.69 9.54
CA HIS A 57 9.44 0.87 9.14
C HIS A 57 9.17 0.35 7.73
N ALA A 58 10.05 0.63 6.75
CA ALA A 58 9.90 0.12 5.38
C ALA A 58 9.85 -1.42 5.33
N ASN A 59 10.78 -2.08 6.04
CA ASN A 59 10.83 -3.54 6.13
C ASN A 59 9.59 -4.10 6.83
N LYS A 60 9.13 -3.46 7.92
CA LYS A 60 7.91 -3.87 8.65
C LYS A 60 6.66 -3.72 7.78
N VAL A 61 6.53 -2.63 7.03
CA VAL A 61 5.42 -2.40 6.07
C VAL A 61 5.44 -3.48 4.98
N ARG A 62 6.60 -3.81 4.41
CA ARG A 62 6.73 -4.86 3.38
C ARG A 62 6.24 -6.22 3.90
N ARG A 63 6.60 -6.58 5.13
CA ARG A 63 6.15 -7.81 5.81
C ARG A 63 4.65 -7.78 6.10
N TYR A 64 4.14 -6.67 6.64
CA TYR A 64 2.71 -6.48 6.94
C TYR A 64 1.85 -6.57 5.68
N MET A 65 2.29 -5.97 4.56
CA MET A 65 1.59 -6.03 3.26
C MET A 65 1.46 -7.47 2.74
N ALA A 66 2.44 -8.34 3.02
CA ALA A 66 2.39 -9.76 2.67
C ALA A 66 1.46 -10.56 3.59
N ILE A 67 1.37 -10.18 4.87
CA ILE A 67 0.49 -10.80 5.89
C ILE A 67 -0.99 -10.40 5.69
N ASN A 68 -1.25 -9.21 5.13
CA ASN A 68 -2.59 -8.66 4.86
C ASN A 68 -3.47 -9.59 3.98
N GLN A 69 -4.79 -9.40 4.05
CA GLN A 69 -5.82 -10.18 3.33
C GLN A 69 -5.52 -10.35 1.83
N GLY A 70 -5.58 -11.60 1.36
CA GLY A 70 -5.33 -12.02 -0.03
C GLY A 70 -4.96 -13.50 -0.20
N GLU A 71 -5.39 -14.36 0.74
CA GLU A 71 -5.10 -15.80 0.80
C GLU A 71 -5.41 -16.56 -0.50
N ASP A 72 -4.38 -17.08 -1.15
CA ASP A 72 -4.46 -17.89 -2.37
C ASP A 72 -4.98 -19.33 -2.08
N SER A 73 -5.46 -20.04 -3.10
CA SER A 73 -5.95 -21.42 -2.98
C SER A 73 -4.83 -22.47 -2.82
N VAL A 74 -3.60 -22.18 -3.26
CA VAL A 74 -2.43 -23.08 -3.18
C VAL A 74 -1.10 -22.28 -3.05
N PRO A 75 -0.88 -21.59 -1.91
CA PRO A 75 0.32 -20.77 -1.66
C PRO A 75 1.60 -21.58 -1.36
N ALA A 76 1.55 -22.92 -1.41
CA ALA A 76 2.66 -23.83 -1.14
C ALA A 76 3.89 -23.61 -2.07
N LYS A 77 5.06 -24.11 -1.64
CA LYS A 77 6.35 -24.02 -2.36
C LYS A 77 6.29 -24.55 -3.81
N LYS A 78 5.46 -25.57 -4.07
CA LYS A 78 5.22 -26.16 -5.40
C LYS A 78 4.28 -25.27 -6.24
N PHE A 79 4.75 -24.05 -6.53
CA PHE A 79 4.04 -22.99 -7.26
C PHE A 79 3.56 -23.42 -8.67
N LYS A 80 2.54 -22.73 -9.20
CA LYS A 80 1.84 -23.09 -10.45
C LYS A 80 2.18 -22.23 -11.70
N ALA A 81 3.15 -21.32 -11.61
CA ALA A 81 3.57 -20.46 -12.72
C ALA A 81 5.10 -20.24 -12.76
N ALA A 82 5.58 -19.55 -13.80
CA ALA A 82 7.00 -19.24 -14.05
C ALA A 82 7.16 -17.88 -14.76
N PRO A 83 8.32 -17.19 -14.63
CA PRO A 83 8.61 -15.87 -15.24
C PRO A 83 8.88 -15.93 -16.77
N ALA A 84 8.12 -16.76 -17.50
CA ALA A 84 8.20 -16.98 -18.95
C ALA A 84 6.79 -17.15 -19.57
N GLU A 85 5.76 -16.60 -18.92
CA GLU A 85 4.35 -16.68 -19.35
C GLU A 85 4.05 -16.07 -20.73
N ILE A 86 4.93 -15.18 -21.21
CA ILE A 86 4.83 -14.53 -22.53
C ILE A 86 4.87 -15.57 -23.67
N SER A 87 5.52 -16.72 -23.45
CA SER A 87 5.57 -17.83 -24.41
C SER A 87 4.22 -18.54 -24.63
N ASP A 88 3.21 -18.24 -23.81
CA ASP A 88 1.86 -18.83 -23.86
C ASP A 88 0.75 -17.80 -23.47
N GLY A 89 1.03 -16.49 -23.64
CA GLY A 89 0.13 -15.40 -23.29
C GLY A 89 0.55 -14.03 -23.83
N GLU A 90 -0.22 -12.99 -23.48
CA GLU A 90 0.02 -11.61 -23.92
C GLU A 90 1.24 -10.94 -23.26
N ASP A 91 1.80 -9.93 -23.93
CA ASP A 91 2.87 -9.06 -23.41
C ASP A 91 2.27 -7.97 -22.48
N ARG A 92 3.12 -7.19 -21.80
CA ARG A 92 2.81 -6.09 -20.84
C ARG A 92 1.32 -5.71 -20.72
N SER A 93 0.79 -4.98 -21.72
CA SER A 93 -0.59 -4.49 -22.01
C SER A 93 -1.51 -3.98 -20.87
N LYS A 94 -1.49 -4.60 -19.70
CA LYS A 94 -2.30 -4.32 -18.49
C LYS A 94 -1.41 -4.09 -17.26
N CYS A 95 -0.13 -4.45 -17.34
CA CYS A 95 0.90 -4.24 -16.33
C CYS A 95 2.22 -3.78 -16.97
N CYS A 96 3.11 -3.20 -16.16
CA CYS A 96 4.40 -2.66 -16.58
C CYS A 96 5.44 -2.88 -15.46
N PRO A 97 6.17 -4.01 -15.42
CA PRO A 97 7.18 -4.27 -14.39
C PRO A 97 8.41 -3.35 -14.52
N VAL A 98 8.62 -2.74 -15.70
CA VAL A 98 9.68 -1.74 -15.98
C VAL A 98 9.52 -0.49 -15.09
N CYS A 99 8.28 -0.19 -14.68
CA CYS A 99 7.91 0.96 -13.84
C CYS A 99 7.10 0.60 -12.57
N ASN A 100 6.73 -0.68 -12.46
CA ASN A 100 5.91 -1.31 -11.43
C ASN A 100 4.52 -0.65 -11.27
N MET A 101 3.78 -0.61 -12.38
CA MET A 101 2.42 -0.02 -12.50
C MET A 101 1.48 -0.88 -13.36
N THR A 102 0.20 -0.49 -13.44
CA THR A 102 -0.87 -1.16 -14.21
C THR A 102 -1.69 -0.18 -15.07
N PHE A 103 -2.42 -0.71 -16.05
CA PHE A 103 -3.26 0.04 -16.99
C PHE A 103 -4.68 -0.54 -17.12
N SER A 104 -5.67 0.32 -17.36
CA SER A 104 -7.07 -0.05 -17.57
C SER A 104 -7.37 -0.56 -19.00
N SER A 105 -6.47 -0.30 -19.96
CA SER A 105 -6.60 -0.67 -21.38
C SER A 105 -5.24 -0.71 -22.08
N PRO A 106 -5.04 -1.56 -23.10
CA PRO A 106 -3.80 -1.61 -23.88
C PRO A 106 -3.53 -0.29 -24.62
N VAL A 107 -4.56 0.54 -24.88
CA VAL A 107 -4.39 1.87 -25.50
C VAL A 107 -3.58 2.78 -24.57
N VAL A 108 -3.81 2.70 -23.26
CA VAL A 108 -3.05 3.45 -22.23
C VAL A 108 -1.61 2.92 -22.17
N ALA A 109 -1.43 1.60 -22.25
CA ALA A 109 -0.11 0.97 -22.26
C ALA A 109 0.74 1.42 -23.46
N GLU A 110 0.16 1.46 -24.66
CA GLU A 110 0.83 1.94 -25.89
C GLU A 110 1.32 3.38 -25.74
N SER A 111 0.50 4.27 -25.16
CA SER A 111 0.89 5.66 -24.87
C SER A 111 1.98 5.73 -23.78
N HIS A 112 1.91 4.87 -22.76
CA HIS A 112 2.90 4.82 -21.68
C HIS A 112 4.30 4.43 -22.20
N TYR A 113 4.42 3.44 -23.09
CA TYR A 113 5.71 3.00 -23.64
C TYR A 113 6.54 4.10 -24.32
N ILE A 114 5.90 5.17 -24.82
CA ILE A 114 6.55 6.32 -25.47
C ILE A 114 6.61 7.57 -24.58
N GLY A 115 6.16 7.47 -23.33
CA GLY A 115 6.23 8.55 -22.33
C GLY A 115 7.60 8.59 -21.66
N LYS A 116 8.12 9.79 -21.37
CA LYS A 116 9.46 9.99 -20.78
C LYS A 116 9.73 9.16 -19.53
N THR A 117 8.74 8.97 -18.65
CA THR A 117 8.86 8.15 -17.42
C THR A 117 9.27 6.72 -17.75
N HIS A 118 8.66 6.11 -18.78
CA HIS A 118 9.00 4.77 -19.23
C HIS A 118 10.38 4.75 -19.91
N ILE A 119 10.68 5.74 -20.75
CA ILE A 119 11.96 5.87 -21.47
C ILE A 119 13.14 5.96 -20.50
N LYS A 120 13.04 6.76 -19.44
CA LYS A 120 14.08 6.84 -18.38
C LYS A 120 14.30 5.49 -17.70
N ASN A 121 13.21 4.74 -17.47
CA ASN A 121 13.28 3.41 -16.88
C ASN A 121 13.89 2.35 -17.83
N LEU A 122 13.85 2.54 -19.17
CA LEU A 122 14.54 1.61 -20.10
C LEU A 122 16.03 1.55 -19.77
N ARG A 123 16.67 2.73 -19.64
CA ARG A 123 18.07 2.90 -19.28
C ARG A 123 18.38 2.33 -17.88
N LEU A 124 17.46 2.54 -16.92
CA LEU A 124 17.58 2.01 -15.56
C LEU A 124 17.61 0.47 -15.54
N ARG A 125 16.78 -0.19 -16.37
CA ARG A 125 16.72 -1.67 -16.49
C ARG A 125 17.93 -2.22 -17.25
N GLU A 126 18.38 -1.58 -18.33
CA GLU A 126 19.53 -2.01 -19.14
C GLU A 126 20.17 -0.84 -19.93
N GLN A 127 21.50 -0.74 -19.87
CA GLN A 127 22.30 0.27 -20.59
C GLN A 127 23.73 -0.23 -20.88
N ALA A 1 18.88 -6.57 16.07
CA ALA A 1 19.35 -7.52 15.05
C ALA A 1 18.50 -8.81 14.91
N ASP A 2 17.77 -9.22 15.95
CA ASP A 2 16.87 -10.38 15.94
C ASP A 2 15.52 -10.11 15.23
N GLU A 3 15.23 -8.85 14.88
CA GLU A 3 14.00 -8.40 14.18
C GLU A 3 14.27 -7.29 13.15
N PHE A 4 15.51 -7.21 12.65
CA PHE A 4 16.00 -6.24 11.66
C PHE A 4 17.07 -6.88 10.74
N GLY A 5 17.63 -6.12 9.78
CA GLY A 5 18.63 -6.62 8.83
C GLY A 5 19.37 -5.52 8.06
N ASN A 6 20.12 -5.93 7.03
CA ASN A 6 20.92 -5.06 6.17
C ASN A 6 20.12 -3.98 5.42
N GLY A 7 20.82 -2.98 4.90
CA GLY A 7 20.24 -1.88 4.11
C GLY A 7 19.82 -2.30 2.69
N ASP A 8 19.15 -1.37 2.01
CA ASP A 8 18.63 -1.48 0.63
C ASP A 8 18.59 -0.07 -0.02
N ALA A 9 18.14 0.05 -1.27
CA ALA A 9 18.00 1.34 -1.96
C ALA A 9 17.13 2.34 -1.16
N LEU A 10 17.29 3.65 -1.43
CA LEU A 10 16.54 4.71 -0.76
C LEU A 10 15.08 4.76 -1.26
N ASP A 11 14.21 4.04 -0.54
CA ASP A 11 12.78 3.89 -0.78
C ASP A 11 12.04 4.17 0.55
N LEU A 12 12.31 5.37 1.08
CA LEU A 12 11.84 5.88 2.38
C LEU A 12 11.25 7.30 2.23
N PRO A 13 10.31 7.72 3.10
CA PRO A 13 9.80 9.08 3.09
C PRO A 13 10.89 10.06 3.57
N VAL A 14 10.80 11.33 3.16
CA VAL A 14 11.78 12.39 3.51
C VAL A 14 11.05 13.67 3.93
N GLY A 15 11.22 14.05 5.19
CA GLY A 15 10.63 15.24 5.80
C GLY A 15 9.16 15.09 6.22
N LYS A 16 8.67 16.07 7.00
CA LYS A 16 7.29 16.11 7.53
C LYS A 16 6.20 16.05 6.45
N ASP A 17 6.46 16.56 5.24
CA ASP A 17 5.53 16.53 4.11
C ASP A 17 5.27 15.08 3.63
N ALA A 18 6.31 14.27 3.49
CA ALA A 18 6.19 12.87 3.09
C ALA A 18 5.52 12.05 4.20
N VAL A 19 5.88 12.30 5.47
CA VAL A 19 5.25 11.63 6.63
C VAL A 19 3.75 11.97 6.70
N ASN A 20 3.37 13.24 6.45
CA ASN A 20 1.96 13.64 6.39
C ASN A 20 1.22 12.87 5.29
N SER A 21 1.79 12.80 4.09
CA SER A 21 1.20 12.08 2.96
C SER A 21 1.02 10.58 3.28
N LEU A 22 2.04 9.95 3.87
CA LEU A 22 2.03 8.55 4.29
C LEU A 22 0.94 8.25 5.32
N ILE A 23 0.78 9.12 6.34
CA ILE A 23 -0.26 9.00 7.36
C ILE A 23 -1.66 9.23 6.75
N ARG A 24 -1.85 10.25 5.92
CA ARG A 24 -3.14 10.60 5.28
C ARG A 24 -3.62 9.56 4.27
N GLU A 25 -2.71 8.86 3.60
CA GLU A 25 -3.04 7.78 2.65
C GLU A 25 -3.24 6.42 3.33
N ASN A 26 -2.82 6.26 4.59
CA ASN A 26 -2.89 5.00 5.36
C ASN A 26 -3.41 5.21 6.81
N SER A 27 -4.39 6.12 6.98
CA SER A 27 -4.95 6.49 8.30
C SER A 27 -5.56 5.34 9.11
N HIS A 28 -5.79 4.18 8.47
CA HIS A 28 -6.29 2.95 9.10
C HIS A 28 -5.20 2.21 9.91
N ILE A 29 -3.91 2.48 9.64
CA ILE A 29 -2.75 1.84 10.29
C ILE A 29 -1.69 2.81 10.84
N PHE A 30 -1.66 4.08 10.39
CA PHE A 30 -0.74 5.11 10.85
C PHE A 30 -1.52 6.35 11.32
N SER A 31 -0.97 7.10 12.26
CA SER A 31 -1.57 8.32 12.81
C SER A 31 -0.52 9.29 13.37
N ASP A 32 -0.96 10.50 13.70
CA ASP A 32 -0.14 11.57 14.29
C ASP A 32 0.53 11.19 15.63
N THR A 33 0.01 10.18 16.34
CA THR A 33 0.50 9.75 17.66
C THR A 33 0.66 8.23 17.86
N GLN A 34 0.47 7.38 16.84
CA GLN A 34 0.63 5.92 16.96
C GLN A 34 0.77 5.20 15.60
N CYS A 35 1.58 4.14 15.56
CA CYS A 35 1.77 3.25 14.40
C CYS A 35 1.30 1.83 14.76
N LYS A 36 0.27 1.31 14.10
CA LYS A 36 -0.29 -0.04 14.36
C LYS A 36 0.58 -1.18 13.81
N VAL A 37 1.19 -1.01 12.63
CA VAL A 37 2.07 -2.03 12.00
C VAL A 37 3.24 -2.38 12.93
N CYS A 38 3.78 -1.38 13.62
CA CYS A 38 4.88 -1.52 14.58
C CYS A 38 4.40 -1.49 16.05
N SER A 39 3.07 -1.52 16.25
CA SER A 39 2.31 -1.47 17.52
C SER A 39 2.98 -0.63 18.61
N ALA A 40 3.29 0.62 18.28
CA ALA A 40 3.98 1.58 19.15
C ALA A 40 3.37 2.99 19.12
N VAL A 41 3.43 3.67 20.26
CA VAL A 41 2.94 5.05 20.46
C VAL A 41 4.05 6.05 20.10
N LEU A 42 3.65 7.22 19.61
CA LEU A 42 4.50 8.30 19.12
C LEU A 42 4.12 9.60 19.87
N ILE A 43 4.55 9.67 21.14
CA ILE A 43 4.26 10.73 22.12
C ILE A 43 4.60 12.17 21.71
N SER A 44 5.37 12.39 20.64
CA SER A 44 5.76 13.72 20.12
C SER A 44 6.09 13.63 18.62
N GLU A 45 6.01 14.78 17.93
CA GLU A 45 6.29 14.87 16.48
C GLU A 45 7.70 14.37 16.13
N SER A 46 8.72 14.63 16.95
CA SER A 46 10.07 14.12 16.71
C SER A 46 10.12 12.59 16.66
N GLN A 47 9.33 11.91 17.51
CA GLN A 47 9.22 10.45 17.53
C GLN A 47 8.50 9.97 16.27
N LYS A 48 7.40 10.64 15.88
CA LYS A 48 6.64 10.32 14.67
C LYS A 48 7.51 10.45 13.42
N LEU A 49 8.24 11.56 13.30
CA LEU A 49 9.14 11.83 12.17
C LEU A 49 10.28 10.80 12.09
N ALA A 50 10.89 10.43 13.22
CA ALA A 50 11.95 9.42 13.22
C ALA A 50 11.40 8.01 12.93
N HIS A 51 10.26 7.64 13.51
CA HIS A 51 9.65 6.32 13.31
C HIS A 51 9.20 6.09 11.87
N TYR A 52 8.44 7.02 11.28
CA TYR A 52 7.94 6.87 9.90
C TYR A 52 9.06 6.90 8.83
N GLN A 53 10.20 7.54 9.10
CA GLN A 53 11.36 7.57 8.20
C GLN A 53 12.36 6.41 8.44
N SER A 54 12.21 5.66 9.54
CA SER A 54 13.09 4.54 9.89
C SER A 54 13.05 3.37 8.90
N ARG A 55 14.22 2.76 8.63
CA ARG A 55 14.36 1.57 7.80
C ARG A 55 13.61 0.36 8.42
N LYS A 56 13.58 0.26 9.75
CA LYS A 56 12.88 -0.81 10.47
C LYS A 56 11.37 -0.73 10.22
N HIS A 57 10.80 0.48 10.31
CA HIS A 57 9.38 0.73 9.99
C HIS A 57 9.09 0.40 8.52
N ALA A 58 9.91 0.91 7.60
CA ALA A 58 9.75 0.64 6.17
C ALA A 58 9.78 -0.86 5.84
N ASN A 59 10.73 -1.61 6.42
CA ASN A 59 10.83 -3.06 6.24
C ASN A 59 9.58 -3.78 6.76
N LYS A 60 9.10 -3.45 7.98
CA LYS A 60 7.90 -4.03 8.57
C LYS A 60 6.64 -3.72 7.74
N VAL A 61 6.51 -2.49 7.24
CA VAL A 61 5.40 -2.07 6.35
C VAL A 61 5.46 -2.82 5.01
N ARG A 62 6.65 -2.98 4.41
CA ARG A 62 6.85 -3.73 3.16
C ARG A 62 6.35 -5.18 3.28
N ARG A 63 6.65 -5.84 4.41
CA ARG A 63 6.14 -7.19 4.73
C ARG A 63 4.63 -7.16 4.97
N TYR A 64 4.13 -6.25 5.79
CA TYR A 64 2.70 -6.09 6.09
C TYR A 64 1.86 -5.87 4.82
N MET A 65 2.32 -5.00 3.91
CA MET A 65 1.66 -4.71 2.62
C MET A 65 1.48 -5.96 1.75
N ALA A 66 2.43 -6.92 1.81
CA ALA A 66 2.32 -8.20 1.11
C ALA A 66 1.35 -9.16 1.82
N ILE A 67 1.44 -9.24 3.16
CA ILE A 67 0.56 -10.08 4.01
C ILE A 67 -0.92 -9.65 3.87
N ASN A 68 -1.18 -8.34 3.83
CA ASN A 68 -2.51 -7.73 3.67
C ASN A 68 -3.26 -8.18 2.39
N GLN A 69 -2.55 -8.74 1.40
CA GLN A 69 -3.07 -9.25 0.13
C GLN A 69 -2.64 -10.72 -0.14
N GLY A 70 -2.23 -11.43 0.91
CA GLY A 70 -1.74 -12.82 0.88
C GLY A 70 -1.93 -13.54 2.22
N GLU A 71 -3.09 -13.34 2.86
CA GLU A 71 -3.49 -13.89 4.17
C GLU A 71 -3.81 -15.42 4.12
N ASP A 72 -2.99 -16.20 3.43
CA ASP A 72 -3.11 -17.66 3.27
C ASP A 72 -2.77 -18.41 4.59
N SER A 73 -3.14 -19.70 4.68
CA SER A 73 -2.87 -20.57 5.84
C SER A 73 -1.38 -20.62 6.20
N VAL A 74 -1.06 -20.52 7.50
CA VAL A 74 0.31 -20.54 8.02
C VAL A 74 0.89 -21.97 7.97
N PRO A 75 2.10 -22.20 7.42
CA PRO A 75 2.76 -23.51 7.34
C PRO A 75 3.39 -23.93 8.70
N ALA A 76 2.59 -23.88 9.78
CA ALA A 76 3.01 -24.19 11.15
C ALA A 76 3.53 -25.64 11.33
N LYS A 77 4.35 -25.84 12.37
CA LYS A 77 4.95 -27.13 12.76
C LYS A 77 3.92 -28.18 13.20
N LYS A 78 4.37 -29.45 13.30
CA LYS A 78 3.60 -30.63 13.76
C LYS A 78 3.36 -30.59 15.27
N PHE A 79 2.54 -29.64 15.73
CA PHE A 79 2.19 -29.36 17.14
C PHE A 79 1.81 -30.59 18.00
N LYS A 80 1.28 -31.66 17.39
CA LYS A 80 0.91 -32.92 18.07
C LYS A 80 2.11 -33.70 18.62
N ALA A 81 3.30 -33.54 18.02
CA ALA A 81 4.54 -34.20 18.43
C ALA A 81 5.09 -33.68 19.78
N ALA A 82 5.96 -34.49 20.41
CA ALA A 82 6.63 -34.19 21.67
C ALA A 82 8.02 -34.89 21.74
N PRO A 83 9.00 -34.34 22.50
CA PRO A 83 10.34 -34.93 22.62
C PRO A 83 10.31 -36.24 23.42
N ALA A 84 11.17 -37.19 23.02
CA ALA A 84 11.32 -38.50 23.67
C ALA A 84 12.69 -39.17 23.42
N GLU A 85 13.24 -38.97 22.21
CA GLU A 85 14.54 -39.49 21.75
C GLU A 85 15.26 -38.48 20.84
N ILE A 86 16.56 -38.69 20.62
CA ILE A 86 17.42 -37.85 19.77
C ILE A 86 17.00 -37.86 18.29
N SER A 87 16.33 -38.93 17.84
CA SER A 87 15.83 -39.11 16.47
C SER A 87 14.51 -39.91 16.45
N ASP A 88 14.58 -41.17 16.87
CA ASP A 88 13.47 -42.14 16.98
C ASP A 88 13.80 -43.25 18.00
N GLY A 89 15.07 -43.65 18.10
CA GLY A 89 15.56 -44.66 19.04
C GLY A 89 17.09 -44.85 19.03
N GLU A 90 17.86 -43.83 18.61
CA GLU A 90 19.32 -43.86 18.52
C GLU A 90 19.92 -42.44 18.70
N ASP A 91 21.10 -42.35 19.33
CA ASP A 91 21.83 -41.10 19.59
C ASP A 91 22.50 -40.50 18.33
N ARG A 92 21.67 -40.10 17.37
CA ARG A 92 22.06 -39.52 16.06
C ARG A 92 22.49 -38.04 16.15
N SER A 93 23.02 -37.61 17.28
CA SER A 93 23.54 -36.24 17.53
C SER A 93 24.91 -35.97 16.91
N LYS A 94 25.63 -37.02 16.47
CA LYS A 94 26.97 -36.96 15.86
C LYS A 94 27.12 -37.77 14.56
N CYS A 95 26.13 -38.58 14.21
CA CYS A 95 26.10 -39.40 13.00
C CYS A 95 24.68 -39.53 12.42
N CYS A 96 24.60 -39.73 11.10
CA CYS A 96 23.36 -39.88 10.33
C CYS A 96 23.53 -41.03 9.32
N PRO A 97 23.20 -42.29 9.69
CA PRO A 97 23.34 -43.44 8.79
C PRO A 97 22.38 -43.37 7.59
N VAL A 98 21.26 -42.64 7.72
CA VAL A 98 20.27 -42.39 6.64
C VAL A 98 20.94 -41.72 5.42
N CYS A 99 21.93 -40.85 5.65
CA CYS A 99 22.68 -40.13 4.62
C CYS A 99 24.18 -40.44 4.58
N ASN A 100 24.62 -41.32 5.48
CA ASN A 100 25.99 -41.76 5.77
C ASN A 100 27.00 -40.61 5.98
N MET A 101 26.68 -39.73 6.92
CA MET A 101 27.49 -38.55 7.30
C MET A 101 27.64 -38.41 8.84
N THR A 102 28.52 -37.51 9.27
CA THR A 102 28.81 -37.20 10.69
C THR A 102 28.80 -35.69 10.96
N PHE A 103 28.63 -35.31 12.23
CA PHE A 103 28.53 -33.93 12.71
C PHE A 103 29.44 -33.64 13.91
N SER A 104 29.96 -32.41 14.00
CA SER A 104 30.83 -31.95 15.10
C SER A 104 30.07 -31.61 16.40
N SER A 105 28.75 -31.37 16.34
CA SER A 105 27.88 -31.00 17.47
C SER A 105 26.40 -31.28 17.17
N PRO A 106 25.53 -31.43 18.19
CA PRO A 106 24.10 -31.67 18.01
C PRO A 106 23.38 -30.56 17.22
N VAL A 107 23.83 -29.31 17.32
CA VAL A 107 23.26 -28.17 16.56
C VAL A 107 23.42 -28.40 15.05
N VAL A 108 24.55 -28.96 14.62
CA VAL A 108 24.83 -29.30 13.21
C VAL A 108 24.02 -30.52 12.77
N ALA A 109 23.79 -31.49 13.67
CA ALA A 109 22.91 -32.62 13.40
C ALA A 109 21.46 -32.12 13.14
N GLU A 110 20.94 -31.28 14.02
CA GLU A 110 19.63 -30.65 13.88
C GLU A 110 19.51 -29.79 12.62
N SER A 111 20.52 -28.99 12.28
CA SER A 111 20.52 -28.15 11.07
C SER A 111 20.40 -28.98 9.78
N HIS A 112 21.00 -30.18 9.76
CA HIS A 112 20.88 -31.12 8.65
C HIS A 112 19.46 -31.74 8.61
N TYR A 113 18.94 -32.20 9.75
CA TYR A 113 17.60 -32.84 9.83
C TYR A 113 16.43 -31.93 9.44
N ILE A 114 16.50 -30.61 9.67
CA ILE A 114 15.44 -29.67 9.26
C ILE A 114 15.45 -29.35 7.75
N GLY A 115 16.45 -29.84 7.00
CA GLY A 115 16.59 -29.61 5.56
C GLY A 115 16.02 -30.75 4.70
N LYS A 116 15.53 -30.41 3.51
CA LYS A 116 14.92 -31.37 2.55
C LYS A 116 15.87 -32.49 2.11
N THR A 117 17.18 -32.26 2.08
CA THR A 117 18.21 -33.27 1.73
C THR A 117 18.08 -34.54 2.58
N HIS A 118 17.82 -34.40 3.88
CA HIS A 118 17.59 -35.54 4.78
C HIS A 118 16.27 -36.25 4.46
N ILE A 119 15.20 -35.47 4.24
CA ILE A 119 13.86 -35.98 3.91
C ILE A 119 13.84 -36.76 2.59
N LYS A 120 14.60 -36.33 1.58
CA LYS A 120 14.75 -37.09 0.31
C LYS A 120 15.35 -38.48 0.59
N ASN A 121 16.32 -38.57 1.49
CA ASN A 121 16.90 -39.84 1.92
C ASN A 121 15.91 -40.67 2.78
N LEU A 122 15.05 -40.06 3.61
CA LEU A 122 14.01 -40.79 4.36
C LEU A 122 13.15 -41.62 3.39
N ARG A 123 12.67 -41.00 2.31
CA ARG A 123 11.84 -41.63 1.27
C ARG A 123 12.56 -42.79 0.56
N LEU A 124 13.86 -42.66 0.31
CA LEU A 124 14.69 -43.72 -0.29
C LEU A 124 14.86 -44.93 0.65
N ARG A 125 14.97 -44.70 1.97
CA ARG A 125 15.10 -45.74 3.00
C ARG A 125 13.78 -46.44 3.32
N GLU A 126 12.66 -45.69 3.36
CA GLU A 126 11.31 -46.22 3.65
C GLU A 126 10.20 -45.37 3.02
N GLN A 127 9.27 -46.02 2.30
CA GLN A 127 8.12 -45.40 1.65
C GLN A 127 6.94 -46.37 1.49
N ALA A 1 17.99 21.79 -16.44
CA ALA A 1 17.21 21.94 -15.21
C ALA A 1 17.18 20.63 -14.39
N ASP A 2 16.76 20.71 -13.13
CA ASP A 2 16.64 19.58 -12.19
C ASP A 2 15.39 19.70 -11.29
N GLU A 3 15.05 20.92 -10.88
CA GLU A 3 13.85 21.27 -10.10
C GLU A 3 12.53 21.04 -10.86
N PHE A 4 12.60 20.87 -12.18
CA PHE A 4 11.47 20.62 -13.09
C PHE A 4 10.95 19.16 -13.02
N GLY A 5 11.63 18.29 -12.26
CA GLY A 5 11.28 16.86 -12.09
C GLY A 5 11.74 16.28 -10.75
N ASN A 6 11.82 14.95 -10.67
CA ASN A 6 12.23 14.18 -9.49
C ASN A 6 13.05 12.93 -9.88
N GLY A 7 13.74 12.32 -8.91
CA GLY A 7 14.57 11.13 -9.07
C GLY A 7 15.36 10.74 -7.82
N ASP A 8 15.65 11.70 -6.93
CA ASP A 8 16.38 11.50 -5.67
C ASP A 8 15.57 10.73 -4.60
N ALA A 9 14.24 10.68 -4.75
CA ALA A 9 13.32 9.98 -3.84
C ALA A 9 13.54 8.45 -3.75
N LEU A 10 12.95 7.83 -2.73
CA LEU A 10 13.01 6.40 -2.43
C LEU A 10 11.68 5.94 -1.78
N ASP A 11 11.61 4.65 -1.46
CA ASP A 11 10.48 3.96 -0.83
C ASP A 11 10.19 4.36 0.65
N LEU A 12 10.71 5.50 1.10
CA LEU A 12 10.57 6.06 2.44
C LEU A 12 10.39 7.59 2.38
N PRO A 13 9.72 8.22 3.37
CA PRO A 13 9.59 9.67 3.45
C PRO A 13 10.96 10.31 3.76
N VAL A 14 11.12 11.60 3.43
CA VAL A 14 12.38 12.35 3.62
C VAL A 14 12.17 13.80 4.11
N GLY A 15 11.03 14.04 4.77
CA GLY A 15 10.65 15.35 5.33
C GLY A 15 9.26 15.32 5.99
N LYS A 16 8.92 16.37 6.73
CA LYS A 16 7.63 16.49 7.45
C LYS A 16 6.42 16.31 6.54
N ASP A 17 6.46 16.94 5.36
CA ASP A 17 5.40 16.86 4.35
C ASP A 17 5.17 15.42 3.85
N ALA A 18 6.26 14.67 3.61
CA ALA A 18 6.18 13.27 3.19
C ALA A 18 5.63 12.38 4.31
N VAL A 19 6.08 12.56 5.55
CA VAL A 19 5.57 11.79 6.71
C VAL A 19 4.08 12.07 6.92
N ASN A 20 3.64 13.35 6.85
CA ASN A 20 2.24 13.71 6.97
C ASN A 20 1.41 13.07 5.83
N SER A 21 1.88 13.16 4.58
CA SER A 21 1.21 12.55 3.42
C SER A 21 1.05 11.03 3.59
N LEU A 22 2.11 10.35 4.05
CA LEU A 22 2.13 8.92 4.33
C LEU A 22 1.11 8.53 5.40
N ILE A 23 0.97 9.34 6.46
CA ILE A 23 -0.05 9.13 7.52
C ILE A 23 -1.46 9.33 6.94
N ARG A 24 -1.70 10.42 6.19
CA ARG A 24 -2.99 10.73 5.54
C ARG A 24 -3.45 9.61 4.59
N GLU A 25 -2.54 9.11 3.75
CA GLU A 25 -2.81 8.02 2.80
C GLU A 25 -3.00 6.64 3.43
N ASN A 26 -2.63 6.46 4.71
CA ASN A 26 -2.71 5.19 5.45
C ASN A 26 -3.36 5.35 6.84
N SER A 27 -4.36 6.24 6.96
CA SER A 27 -5.08 6.54 8.22
C SER A 27 -5.68 5.34 8.95
N HIS A 28 -5.86 4.20 8.26
CA HIS A 28 -6.35 2.93 8.81
C HIS A 28 -5.31 2.16 9.64
N ILE A 29 -4.01 2.52 9.54
CA ILE A 29 -2.89 1.87 10.24
C ILE A 29 -1.86 2.85 10.85
N PHE A 30 -1.79 4.08 10.36
CA PHE A 30 -0.87 5.13 10.82
C PHE A 30 -1.65 6.35 11.34
N SER A 31 -1.07 7.11 12.25
CA SER A 31 -1.66 8.33 12.83
C SER A 31 -0.56 9.26 13.36
N ASP A 32 -0.94 10.49 13.72
CA ASP A 32 0.00 11.48 14.26
C ASP A 32 0.57 11.12 15.65
N THR A 33 0.02 10.09 16.32
CA THR A 33 0.41 9.66 17.66
C THR A 33 0.62 8.14 17.84
N GLN A 34 0.46 7.32 16.80
CA GLN A 34 0.64 5.85 16.88
C GLN A 34 0.80 5.17 15.51
N CYS A 35 1.61 4.12 15.45
CA CYS A 35 1.78 3.23 14.28
C CYS A 35 1.31 1.81 14.68
N LYS A 36 0.23 1.31 14.06
CA LYS A 36 -0.33 -0.02 14.37
C LYS A 36 0.47 -1.19 13.76
N VAL A 37 1.09 -1.01 12.59
CA VAL A 37 1.94 -2.06 11.96
C VAL A 37 3.12 -2.42 12.86
N CYS A 38 3.70 -1.43 13.53
CA CYS A 38 4.81 -1.56 14.46
C CYS A 38 4.37 -1.57 15.93
N SER A 39 3.04 -1.57 16.17
CA SER A 39 2.32 -1.54 17.46
C SER A 39 3.01 -0.67 18.51
N ALA A 40 3.28 0.57 18.15
CA ALA A 40 4.01 1.55 18.98
C ALA A 40 3.38 2.94 18.97
N VAL A 41 3.49 3.63 20.11
CA VAL A 41 3.00 5.01 20.33
C VAL A 41 4.10 6.01 19.92
N LEU A 42 3.67 7.17 19.43
CA LEU A 42 4.48 8.27 18.91
C LEU A 42 4.13 9.54 19.71
N ILE A 43 4.68 9.62 20.93
CA ILE A 43 4.40 10.66 21.95
C ILE A 43 4.53 12.13 21.50
N SER A 44 5.25 12.42 20.41
CA SER A 44 5.41 13.76 19.83
C SER A 44 5.76 13.69 18.35
N GLU A 45 5.76 14.84 17.68
CA GLU A 45 6.09 14.98 16.26
C GLU A 45 7.50 14.43 15.95
N SER A 46 8.50 14.70 16.80
CA SER A 46 9.87 14.19 16.59
C SER A 46 9.94 12.66 16.56
N GLN A 47 9.22 11.97 17.46
CA GLN A 47 9.13 10.51 17.47
C GLN A 47 8.41 10.02 16.21
N LYS A 48 7.32 10.67 15.79
CA LYS A 48 6.59 10.32 14.56
C LYS A 48 7.48 10.45 13.33
N LEU A 49 8.20 11.57 13.21
CA LEU A 49 9.14 11.84 12.12
C LEU A 49 10.26 10.81 12.05
N ALA A 50 10.86 10.44 13.19
CA ALA A 50 11.91 9.43 13.22
C ALA A 50 11.39 8.02 12.90
N HIS A 51 10.23 7.64 13.45
CA HIS A 51 9.63 6.33 13.23
C HIS A 51 9.25 6.10 11.75
N TYR A 52 8.51 7.03 11.14
CA TYR A 52 8.09 6.89 9.74
C TYR A 52 9.24 6.95 8.72
N GLN A 53 10.35 7.62 9.03
CA GLN A 53 11.55 7.67 8.17
C GLN A 53 12.52 6.49 8.40
N SER A 54 12.33 5.70 9.47
CA SER A 54 13.19 4.55 9.80
C SER A 54 13.09 3.39 8.80
N ARG A 55 14.24 2.75 8.51
CA ARG A 55 14.34 1.55 7.67
C ARG A 55 13.60 0.35 8.29
N LYS A 56 13.58 0.25 9.63
CA LYS A 56 12.88 -0.80 10.38
C LYS A 56 11.37 -0.75 10.12
N HIS A 57 10.79 0.45 10.18
CA HIS A 57 9.36 0.68 9.89
C HIS A 57 9.04 0.31 8.44
N ALA A 58 9.83 0.80 7.49
CA ALA A 58 9.63 0.50 6.06
C ALA A 58 9.69 -1.01 5.77
N ASN A 59 10.65 -1.74 6.33
CA ASN A 59 10.75 -3.19 6.17
C ASN A 59 9.54 -3.92 6.77
N LYS A 60 9.10 -3.53 7.97
CA LYS A 60 7.91 -4.12 8.62
C LYS A 60 6.65 -3.87 7.80
N VAL A 61 6.46 -2.66 7.27
CA VAL A 61 5.34 -2.30 6.37
C VAL A 61 5.40 -3.13 5.08
N ARG A 62 6.60 -3.31 4.48
CA ARG A 62 6.79 -4.16 3.29
C ARG A 62 6.36 -5.61 3.56
N ARG A 63 6.72 -6.16 4.73
CA ARG A 63 6.32 -7.51 5.18
C ARG A 63 4.80 -7.60 5.38
N TYR A 64 4.21 -6.62 6.07
CA TYR A 64 2.77 -6.53 6.30
C TYR A 64 1.97 -6.43 4.99
N MET A 65 2.42 -5.60 4.04
CA MET A 65 1.79 -5.44 2.72
C MET A 65 1.79 -6.77 1.93
N ALA A 66 2.83 -7.59 2.05
CA ALA A 66 2.90 -8.92 1.42
C ALA A 66 1.91 -9.95 2.00
N ILE A 67 1.15 -9.58 3.05
CA ILE A 67 0.16 -10.42 3.76
C ILE A 67 -1.26 -9.79 3.62
N ASN A 68 -1.42 -8.72 2.84
CA ASN A 68 -2.71 -8.02 2.60
C ASN A 68 -3.81 -8.82 1.85
N GLN A 69 -3.57 -10.10 1.52
CA GLN A 69 -4.52 -10.99 0.82
C GLN A 69 -5.88 -11.12 1.55
N GLY A 70 -6.95 -11.34 0.79
CA GLY A 70 -8.32 -11.48 1.30
C GLY A 70 -9.24 -12.25 0.34
N GLU A 71 -10.56 -12.03 0.48
CA GLU A 71 -11.62 -12.65 -0.32
C GLU A 71 -11.46 -12.41 -1.84
N ASP A 72 -12.02 -13.33 -2.62
CA ASP A 72 -12.03 -13.37 -4.09
C ASP A 72 -12.98 -12.32 -4.74
N SER A 73 -12.88 -11.06 -4.30
CA SER A 73 -13.67 -9.92 -4.78
C SER A 73 -12.86 -8.62 -4.67
N VAL A 74 -13.04 -7.70 -5.63
CA VAL A 74 -12.33 -6.40 -5.70
C VAL A 74 -13.18 -5.34 -6.43
N PRO A 75 -13.26 -4.09 -5.94
CA PRO A 75 -14.05 -3.02 -6.57
C PRO A 75 -13.40 -2.38 -7.81
N ALA A 76 -12.29 -2.92 -8.32
CA ALA A 76 -11.51 -2.45 -9.48
C ALA A 76 -12.20 -2.63 -10.87
N LYS A 77 -13.51 -2.38 -10.96
CA LYS A 77 -14.34 -2.49 -12.18
C LYS A 77 -15.29 -1.27 -12.32
N LYS A 78 -15.74 -1.00 -13.56
CA LYS A 78 -16.64 0.11 -13.91
C LYS A 78 -17.54 -0.25 -15.11
N PHE A 79 -18.66 0.44 -15.25
CA PHE A 79 -19.66 0.26 -16.30
C PHE A 79 -20.27 1.61 -16.74
N LYS A 80 -20.96 1.63 -17.90
CA LYS A 80 -21.58 2.83 -18.50
C LYS A 80 -22.65 3.47 -17.60
N ALA A 81 -22.62 4.81 -17.51
CA ALA A 81 -23.55 5.63 -16.75
C ALA A 81 -23.68 7.05 -17.35
N ALA A 82 -24.70 7.81 -16.94
CA ALA A 82 -24.95 9.18 -17.40
C ALA A 82 -25.68 10.03 -16.32
N PRO A 83 -25.46 11.36 -16.27
CA PRO A 83 -26.12 12.25 -15.31
C PRO A 83 -27.59 12.54 -15.66
N ALA A 84 -28.31 13.17 -14.73
CA ALA A 84 -29.70 13.59 -14.88
C ALA A 84 -30.00 14.88 -14.08
N GLU A 85 -31.03 15.63 -14.50
CA GLU A 85 -31.43 16.92 -13.89
C GLU A 85 -32.97 17.12 -13.85
N ILE A 86 -33.75 16.10 -14.21
CA ILE A 86 -35.24 16.14 -14.25
C ILE A 86 -35.85 15.89 -12.85
N SER A 87 -35.19 16.37 -11.79
CA SER A 87 -35.58 16.23 -10.38
C SER A 87 -36.97 16.80 -10.05
N ASP A 88 -37.49 17.72 -10.89
CA ASP A 88 -38.82 18.32 -10.77
C ASP A 88 -39.96 17.28 -10.97
N GLY A 89 -39.70 16.21 -11.74
CA GLY A 89 -40.64 15.12 -12.00
C GLY A 89 -41.87 15.44 -12.88
N GLU A 90 -41.95 16.65 -13.44
CA GLU A 90 -43.08 17.11 -14.27
C GLU A 90 -42.65 17.98 -15.48
N ASP A 91 -41.38 17.86 -15.91
CA ASP A 91 -40.83 18.60 -17.06
C ASP A 91 -41.54 18.21 -18.37
N ARG A 92 -42.28 19.15 -18.96
CA ARG A 92 -43.07 18.96 -20.20
C ARG A 92 -42.26 18.44 -21.39
N SER A 93 -40.97 18.77 -21.48
CA SER A 93 -40.07 18.29 -22.56
C SER A 93 -39.64 16.83 -22.39
N LYS A 94 -39.98 16.18 -21.26
CA LYS A 94 -39.62 14.79 -20.91
C LYS A 94 -40.80 13.93 -20.47
N CYS A 95 -41.94 14.52 -20.08
CA CYS A 95 -43.13 13.77 -19.65
C CYS A 95 -44.47 14.48 -19.93
N CYS A 96 -45.55 13.69 -19.83
CA CYS A 96 -46.94 14.10 -20.05
C CYS A 96 -47.84 13.43 -18.99
N PRO A 97 -48.10 14.06 -17.84
CA PRO A 97 -48.95 13.49 -16.79
C PRO A 97 -50.42 13.38 -17.21
N VAL A 98 -50.87 14.13 -18.24
CA VAL A 98 -52.23 14.08 -18.80
C VAL A 98 -52.52 12.71 -19.46
N CYS A 99 -51.48 11.98 -19.84
CA CYS A 99 -51.53 10.65 -20.48
C CYS A 99 -50.66 9.59 -19.77
N ASN A 100 -49.85 10.04 -18.80
CA ASN A 100 -48.88 9.29 -18.00
C ASN A 100 -47.82 8.56 -18.85
N MET A 101 -47.12 9.33 -19.69
CA MET A 101 -46.05 8.87 -20.60
C MET A 101 -44.81 9.79 -20.57
N THR A 102 -43.72 9.36 -21.22
CA THR A 102 -42.42 10.07 -21.29
C THR A 102 -41.91 10.26 -22.72
N PHE A 103 -41.00 11.22 -22.89
CA PHE A 103 -40.39 11.63 -24.16
C PHE A 103 -38.86 11.73 -24.07
N SER A 104 -38.15 11.43 -25.17
CA SER A 104 -36.69 11.53 -25.25
C SER A 104 -36.17 12.97 -25.45
N SER A 105 -36.90 13.82 -26.18
CA SER A 105 -36.52 15.21 -26.50
C SER A 105 -37.73 16.17 -26.57
N PRO A 106 -37.52 17.50 -26.42
CA PRO A 106 -38.59 18.51 -26.47
C PRO A 106 -39.51 18.42 -27.69
N VAL A 107 -38.97 18.16 -28.89
CA VAL A 107 -39.73 18.05 -30.14
C VAL A 107 -40.75 16.90 -30.09
N VAL A 108 -40.38 15.78 -29.46
CA VAL A 108 -41.26 14.60 -29.28
C VAL A 108 -42.48 14.97 -28.42
N ALA A 109 -42.29 15.80 -27.38
CA ALA A 109 -43.39 16.29 -26.55
C ALA A 109 -44.38 17.11 -27.37
N GLU A 110 -43.88 18.06 -28.19
CA GLU A 110 -44.74 18.88 -29.07
C GLU A 110 -45.50 18.01 -30.08
N SER A 111 -44.83 17.03 -30.70
CA SER A 111 -45.46 16.08 -31.64
C SER A 111 -46.58 15.26 -30.99
N HIS A 112 -46.42 14.88 -29.72
CA HIS A 112 -47.45 14.16 -28.97
C HIS A 112 -48.65 15.09 -28.67
N TYR A 113 -48.40 16.31 -28.17
CA TYR A 113 -49.46 17.27 -27.83
C TYR A 113 -50.39 17.64 -28.99
N ILE A 114 -49.90 17.68 -30.23
CA ILE A 114 -50.72 17.96 -31.43
C ILE A 114 -51.43 16.71 -31.99
N GLY A 115 -51.17 15.52 -31.43
CA GLY A 115 -51.77 14.25 -31.86
C GLY A 115 -53.11 13.96 -31.19
N LYS A 116 -53.98 13.22 -31.88
CA LYS A 116 -55.34 12.87 -31.41
C LYS A 116 -55.34 12.09 -30.08
N THR A 117 -54.31 11.29 -29.80
CA THR A 117 -54.17 10.53 -28.55
C THR A 117 -54.14 11.47 -27.33
N HIS A 118 -53.43 12.60 -27.44
CA HIS A 118 -53.37 13.61 -26.38
C HIS A 118 -54.71 14.35 -26.27
N ILE A 119 -55.30 14.75 -27.40
CA ILE A 119 -56.59 15.46 -27.46
C ILE A 119 -57.73 14.62 -26.85
N LYS A 120 -57.75 13.31 -27.07
CA LYS A 120 -58.71 12.38 -26.44
C LYS A 120 -58.57 12.44 -24.92
N ASN A 121 -57.34 12.42 -24.41
CA ASN A 121 -57.05 12.54 -22.98
C ASN A 121 -57.47 13.90 -22.41
N LEU A 122 -57.38 15.02 -23.16
CA LEU A 122 -57.85 16.34 -22.68
C LEU A 122 -59.33 16.28 -22.25
N ARG A 123 -60.16 15.63 -23.08
CA ARG A 123 -61.60 15.45 -22.84
C ARG A 123 -61.87 14.49 -21.68
N LEU A 124 -61.15 13.36 -21.62
CA LEU A 124 -61.27 12.37 -20.53
C LEU A 124 -60.86 12.96 -19.16
N ARG A 125 -59.84 13.82 -19.13
CA ARG A 125 -59.31 14.50 -17.93
C ARG A 125 -60.07 15.80 -17.59
N GLU A 126 -60.96 16.24 -18.48
CA GLU A 126 -61.76 17.48 -18.38
C GLU A 126 -60.86 18.72 -18.15
N GLN A 127 -59.74 18.78 -18.88
CA GLN A 127 -58.71 19.82 -18.78
C GLN A 127 -58.09 20.12 -20.15
N ALA A 1 3.39 -12.24 -0.89
CA ALA A 1 4.74 -12.67 -0.50
C ALA A 1 4.92 -12.75 1.03
N ASP A 2 3.84 -13.07 1.75
CA ASP A 2 3.75 -13.18 3.22
C ASP A 2 4.86 -14.01 3.91
N GLU A 3 5.49 -14.93 3.19
CA GLU A 3 6.59 -15.77 3.69
C GLU A 3 7.93 -15.01 3.90
N PHE A 4 8.08 -13.81 3.33
CA PHE A 4 9.33 -13.01 3.41
C PHE A 4 9.14 -11.48 3.37
N GLY A 5 8.11 -10.96 2.67
CA GLY A 5 7.86 -9.53 2.55
C GLY A 5 8.81 -8.81 1.59
N ASN A 6 9.08 -9.41 0.41
CA ASN A 6 9.98 -8.87 -0.60
C ASN A 6 9.67 -7.40 -0.98
N GLY A 7 10.69 -6.55 -0.93
CA GLY A 7 10.60 -5.11 -1.23
C GLY A 7 11.90 -4.36 -0.92
N ASP A 8 13.03 -4.83 -1.45
CA ASP A 8 14.37 -4.27 -1.23
C ASP A 8 14.55 -2.80 -1.68
N ALA A 9 13.70 -2.31 -2.59
CA ALA A 9 13.74 -0.95 -3.11
C ALA A 9 13.63 0.15 -2.03
N LEU A 10 14.57 1.09 -2.02
CA LEU A 10 14.63 2.22 -1.10
C LEU A 10 13.63 3.31 -1.54
N ASP A 11 12.48 3.33 -0.87
CA ASP A 11 11.36 4.26 -1.11
C ASP A 11 10.92 4.97 0.20
N LEU A 12 11.87 5.14 1.13
CA LEU A 12 11.68 5.80 2.42
C LEU A 12 11.19 7.26 2.27
N PRO A 13 10.28 7.76 3.14
CA PRO A 13 9.84 9.14 3.10
C PRO A 13 10.96 10.08 3.57
N VAL A 14 10.91 11.35 3.15
CA VAL A 14 11.90 12.38 3.50
C VAL A 14 11.20 13.69 3.86
N GLY A 15 11.34 14.13 5.11
CA GLY A 15 10.78 15.38 5.63
C GLY A 15 9.32 15.29 6.11
N LYS A 16 8.87 16.38 6.73
CA LYS A 16 7.52 16.56 7.31
C LYS A 16 6.39 16.33 6.30
N ASP A 17 6.53 16.85 5.08
CA ASP A 17 5.53 16.70 4.02
C ASP A 17 5.29 15.24 3.62
N ALA A 18 6.37 14.48 3.37
CA ALA A 18 6.28 13.06 3.01
C ALA A 18 5.64 12.23 4.13
N VAL A 19 6.06 12.45 5.39
CA VAL A 19 5.50 11.74 6.54
C VAL A 19 4.01 12.06 6.71
N ASN A 20 3.58 13.32 6.58
CA ASN A 20 2.16 13.67 6.66
C ASN A 20 1.37 12.97 5.55
N SER A 21 1.81 13.01 4.29
CA SER A 21 1.13 12.32 3.17
C SER A 21 1.01 10.81 3.42
N LEU A 22 2.09 10.18 3.91
CA LEU A 22 2.12 8.76 4.25
C LEU A 22 1.08 8.41 5.33
N ILE A 23 0.94 9.24 6.38
CA ILE A 23 -0.06 9.08 7.43
C ILE A 23 -1.49 9.27 6.87
N ARG A 24 -1.74 10.35 6.10
CA ARG A 24 -3.05 10.66 5.50
C ARG A 24 -3.55 9.54 4.57
N GLU A 25 -2.68 9.00 3.73
CA GLU A 25 -3.00 7.93 2.78
C GLU A 25 -3.14 6.53 3.43
N ASN A 26 -2.68 6.36 4.67
CA ASN A 26 -2.70 5.08 5.41
C ASN A 26 -3.26 5.22 6.84
N SER A 27 -4.30 6.04 7.01
CA SER A 27 -4.97 6.30 8.30
C SER A 27 -5.48 5.06 9.05
N HIS A 28 -5.62 3.92 8.35
CA HIS A 28 -6.02 2.63 8.90
C HIS A 28 -4.91 1.90 9.68
N ILE A 29 -3.64 2.31 9.51
CA ILE A 29 -2.46 1.71 10.17
C ILE A 29 -1.47 2.73 10.77
N PHE A 30 -1.46 3.98 10.32
CA PHE A 30 -0.60 5.06 10.82
C PHE A 30 -1.46 6.22 11.30
N SER A 31 -0.95 7.00 12.27
CA SER A 31 -1.64 8.17 12.83
C SER A 31 -0.65 9.19 13.40
N ASP A 32 -1.16 10.36 13.79
CA ASP A 32 -0.39 11.45 14.38
C ASP A 32 0.32 11.08 15.69
N THR A 33 -0.14 10.04 16.40
CA THR A 33 0.40 9.61 17.71
C THR A 33 0.63 8.10 17.88
N GLN A 34 0.46 7.27 16.85
CA GLN A 34 0.65 5.81 16.96
C GLN A 34 0.83 5.12 15.59
N CYS A 35 1.67 4.08 15.54
CA CYS A 35 1.88 3.21 14.38
C CYS A 35 1.45 1.78 14.75
N LYS A 36 0.40 1.26 14.10
CA LYS A 36 -0.15 -0.08 14.37
C LYS A 36 0.68 -1.22 13.77
N VAL A 37 1.29 -1.02 12.60
CA VAL A 37 2.19 -2.03 11.96
C VAL A 37 3.36 -2.39 12.87
N CYS A 38 3.91 -1.40 13.58
CA CYS A 38 5.02 -1.55 14.53
C CYS A 38 4.53 -1.59 15.99
N SER A 39 3.21 -1.58 16.21
CA SER A 39 2.49 -1.57 17.49
C SER A 39 3.18 -0.71 18.57
N ALA A 40 3.41 0.56 18.23
CA ALA A 40 4.13 1.53 19.05
C ALA A 40 3.45 2.92 19.08
N VAL A 41 3.53 3.59 20.23
CA VAL A 41 3.00 4.94 20.46
C VAL A 41 4.08 5.98 20.12
N LEU A 42 3.65 7.14 19.64
CA LEU A 42 4.47 8.26 19.16
C LEU A 42 3.98 9.56 19.84
N ILE A 43 4.26 9.70 21.14
CA ILE A 43 3.78 10.82 21.99
C ILE A 43 4.34 12.22 21.65
N SER A 44 5.15 12.35 20.60
CA SER A 44 5.73 13.60 20.13
C SER A 44 5.91 13.57 18.61
N GLU A 45 5.80 14.72 17.94
CA GLU A 45 6.02 14.83 16.50
C GLU A 45 7.45 14.39 16.10
N SER A 46 8.47 14.65 16.93
CA SER A 46 9.83 14.20 16.66
C SER A 46 9.93 12.67 16.64
N GLN A 47 9.22 11.99 17.55
CA GLN A 47 9.15 10.51 17.55
C GLN A 47 8.45 10.01 16.29
N LYS A 48 7.32 10.64 15.91
CA LYS A 48 6.57 10.27 14.68
C LYS A 48 7.44 10.44 13.44
N LEU A 49 8.12 11.58 13.31
CA LEU A 49 9.02 11.89 12.19
C LEU A 49 10.18 10.91 12.09
N ALA A 50 10.82 10.55 13.21
CA ALA A 50 11.91 9.57 13.20
C ALA A 50 11.42 8.15 12.91
N HIS A 51 10.28 7.73 13.50
CA HIS A 51 9.71 6.41 13.30
C HIS A 51 9.28 6.16 11.86
N TYR A 52 8.48 7.06 11.26
CA TYR A 52 7.99 6.90 9.88
C TYR A 52 9.10 6.96 8.81
N GLN A 53 10.22 7.65 9.07
CA GLN A 53 11.37 7.71 8.14
C GLN A 53 12.37 6.54 8.33
N SER A 54 12.28 5.79 9.43
CA SER A 54 13.17 4.65 9.72
C SER A 54 13.03 3.49 8.73
N ARG A 55 14.17 2.88 8.36
CA ARG A 55 14.22 1.68 7.50
C ARG A 55 13.56 0.47 8.19
N LYS A 56 13.63 0.39 9.53
CA LYS A 56 13.00 -0.67 10.33
C LYS A 56 11.47 -0.64 10.20
N HIS A 57 10.89 0.56 10.22
CA HIS A 57 9.46 0.78 9.98
C HIS A 57 9.09 0.35 8.55
N ALA A 58 9.84 0.81 7.54
CA ALA A 58 9.62 0.45 6.15
C ALA A 58 9.68 -1.06 5.91
N ASN A 59 10.62 -1.78 6.53
CA ASN A 59 10.73 -3.24 6.44
C ASN A 59 9.45 -3.93 6.95
N LYS A 60 8.92 -3.49 8.10
CA LYS A 60 7.66 -4.00 8.65
C LYS A 60 6.48 -3.66 7.74
N VAL A 61 6.41 -2.44 7.18
CA VAL A 61 5.37 -2.04 6.23
C VAL A 61 5.41 -2.90 4.97
N ARG A 62 6.60 -3.22 4.43
CA ARG A 62 6.75 -4.13 3.28
C ARG A 62 6.21 -5.53 3.60
N ARG A 63 6.49 -6.06 4.80
CA ARG A 63 5.95 -7.36 5.25
C ARG A 63 4.43 -7.31 5.40
N TYR A 64 3.89 -6.23 5.98
CA TYR A 64 2.45 -6.02 6.13
C TYR A 64 1.75 -5.90 4.77
N MET A 65 2.30 -5.14 3.82
CA MET A 65 1.75 -4.97 2.46
C MET A 65 1.66 -6.32 1.72
N ALA A 66 2.59 -7.26 1.99
CA ALA A 66 2.58 -8.61 1.44
C ALA A 66 1.50 -9.54 2.06
N ILE A 67 0.75 -9.05 3.06
CA ILE A 67 -0.32 -9.74 3.80
C ILE A 67 -1.67 -9.00 3.64
N ASN A 68 -1.62 -7.66 3.46
CA ASN A 68 -2.76 -6.76 3.26
C ASN A 68 -3.72 -7.22 2.14
N GLN A 69 -5.01 -6.92 2.30
CA GLN A 69 -6.10 -7.28 1.37
C GLN A 69 -6.82 -6.05 0.76
N GLY A 70 -6.28 -4.84 0.96
CA GLY A 70 -6.81 -3.57 0.45
C GLY A 70 -6.59 -3.36 -1.06
N GLU A 71 -7.01 -4.32 -1.89
CA GLU A 71 -6.87 -4.31 -3.36
C GLU A 71 -7.52 -3.10 -4.06
N ASP A 72 -8.46 -2.41 -3.40
CA ASP A 72 -9.11 -1.20 -3.91
C ASP A 72 -8.20 0.06 -3.90
N SER A 73 -6.97 -0.05 -3.35
CA SER A 73 -6.01 1.05 -3.18
C SER A 73 -4.64 0.80 -3.88
N VAL A 74 -4.59 -0.09 -4.87
CA VAL A 74 -3.34 -0.42 -5.60
C VAL A 74 -2.91 0.69 -6.58
N PRO A 75 -1.61 0.81 -6.93
CA PRO A 75 -1.08 1.82 -7.87
C PRO A 75 -1.65 1.83 -9.31
N ALA A 76 -2.45 0.84 -9.71
CA ALA A 76 -3.06 0.69 -11.04
C ALA A 76 -4.17 1.72 -11.38
N LYS A 77 -3.93 3.00 -11.09
CA LYS A 77 -4.83 4.16 -11.29
C LYS A 77 -4.17 5.33 -12.04
N LYS A 78 -2.93 5.14 -12.52
CA LYS A 78 -2.11 6.11 -13.26
C LYS A 78 -1.35 5.39 -14.38
N PHE A 79 -1.44 5.92 -15.60
CA PHE A 79 -0.87 5.32 -16.82
C PHE A 79 -0.10 6.29 -17.74
N LYS A 80 0.14 7.53 -17.28
CA LYS A 80 0.88 8.60 -18.00
C LYS A 80 1.68 9.46 -17.02
N ALA A 81 2.83 9.95 -17.46
CA ALA A 81 3.77 10.79 -16.70
C ALA A 81 4.67 11.63 -17.64
N ALA A 82 5.51 12.50 -17.06
CA ALA A 82 6.43 13.38 -17.79
C ALA A 82 7.49 12.66 -18.68
N PRO A 83 8.21 11.60 -18.24
CA PRO A 83 9.22 10.93 -19.07
C PRO A 83 8.59 10.03 -20.16
N ALA A 84 9.44 9.54 -21.07
CA ALA A 84 9.07 8.67 -22.19
C ALA A 84 10.13 7.56 -22.41
N GLU A 85 9.80 6.57 -23.25
CA GLU A 85 10.67 5.43 -23.56
C GLU A 85 12.00 5.82 -24.23
N ILE A 86 13.02 4.98 -24.04
CA ILE A 86 14.38 5.10 -24.61
C ILE A 86 14.79 3.70 -25.12
N SER A 87 14.90 3.57 -26.44
CA SER A 87 15.23 2.30 -27.13
C SER A 87 16.67 1.79 -26.94
N ASP A 88 17.58 2.61 -26.43
CA ASP A 88 19.00 2.29 -26.22
C ASP A 88 19.53 2.86 -24.88
N GLY A 89 18.86 2.49 -23.78
CA GLY A 89 19.20 2.92 -22.42
C GLY A 89 18.57 2.05 -21.33
N GLU A 90 18.76 2.42 -20.06
CA GLU A 90 18.25 1.71 -18.87
C GLU A 90 16.73 1.47 -18.90
N ASP A 91 15.97 2.29 -19.63
CA ASP A 91 14.53 2.15 -19.84
C ASP A 91 14.13 0.78 -20.44
N ARG A 92 15.03 0.14 -21.21
CA ARG A 92 14.80 -1.22 -21.78
C ARG A 92 14.78 -2.32 -20.70
N SER A 93 15.41 -2.10 -19.54
CA SER A 93 15.49 -3.02 -18.40
C SER A 93 14.17 -3.16 -17.60
N LYS A 94 13.04 -3.21 -18.31
CA LYS A 94 11.67 -3.33 -17.78
C LYS A 94 10.80 -4.36 -18.51
N CYS A 95 11.22 -4.81 -19.70
CA CYS A 95 10.53 -5.82 -20.50
C CYS A 95 11.52 -6.71 -21.28
N CYS A 96 11.17 -7.99 -21.44
CA CYS A 96 11.93 -9.03 -22.11
C CYS A 96 11.03 -9.76 -23.12
N PRO A 97 10.97 -9.33 -24.40
CA PRO A 97 10.14 -9.97 -25.42
C PRO A 97 10.60 -11.40 -25.76
N VAL A 98 11.88 -11.73 -25.53
CA VAL A 98 12.45 -13.08 -25.72
C VAL A 98 11.73 -14.13 -24.86
N CYS A 99 11.25 -13.72 -23.68
CA CYS A 99 10.53 -14.52 -22.71
C CYS A 99 9.06 -14.08 -22.48
N ASN A 100 8.65 -13.01 -23.16
CA ASN A 100 7.35 -12.34 -23.13
C ASN A 100 6.87 -12.02 -21.69
N MET A 101 7.72 -11.26 -20.98
CA MET A 101 7.52 -10.88 -19.56
C MET A 101 8.14 -9.50 -19.23
N THR A 102 7.81 -8.97 -18.05
CA THR A 102 8.25 -7.64 -17.56
C THR A 102 8.92 -7.72 -16.18
N PHE A 103 9.56 -6.61 -15.76
CA PHE A 103 10.28 -6.49 -14.48
C PHE A 103 9.89 -5.21 -13.72
N SER A 104 9.90 -5.29 -12.38
CA SER A 104 9.59 -4.17 -11.48
C SER A 104 10.76 -3.18 -11.29
N SER A 105 12.00 -3.59 -11.60
CA SER A 105 13.22 -2.80 -11.46
C SER A 105 14.35 -3.34 -12.36
N PRO A 106 15.24 -2.49 -12.92
CA PRO A 106 16.40 -2.92 -13.70
C PRO A 106 17.27 -3.99 -13.03
N VAL A 107 17.34 -4.01 -11.69
CA VAL A 107 18.08 -5.01 -10.91
C VAL A 107 17.54 -6.43 -11.14
N VAL A 108 16.22 -6.57 -11.30
CA VAL A 108 15.56 -7.85 -11.61
C VAL A 108 15.83 -8.23 -13.07
N ALA A 109 15.78 -7.25 -13.98
CA ALA A 109 16.05 -7.47 -15.41
C ALA A 109 17.46 -8.01 -15.66
N GLU A 110 18.51 -7.36 -15.12
CA GLU A 110 19.89 -7.85 -15.28
C GLU A 110 20.09 -9.24 -14.67
N SER A 111 19.51 -9.48 -13.49
CA SER A 111 19.55 -10.79 -12.80
C SER A 111 18.92 -11.90 -13.65
N HIS A 112 17.82 -11.60 -14.36
CA HIS A 112 17.17 -12.53 -15.27
C HIS A 112 18.05 -12.82 -16.49
N TYR A 113 18.57 -11.78 -17.16
CA TYR A 113 19.42 -11.92 -18.36
C TYR A 113 20.70 -12.74 -18.11
N ILE A 114 21.36 -12.59 -16.95
CA ILE A 114 22.58 -13.38 -16.61
C ILE A 114 22.26 -14.79 -16.08
N GLY A 115 20.99 -15.10 -15.81
CA GLY A 115 20.54 -16.38 -15.28
C GLY A 115 20.06 -17.38 -16.34
N LYS A 116 19.99 -18.66 -15.95
CA LYS A 116 19.57 -19.78 -16.81
C LYS A 116 18.15 -19.61 -17.39
N THR A 117 17.26 -18.93 -16.67
CA THR A 117 15.87 -18.66 -17.09
C THR A 117 15.78 -18.00 -18.47
N HIS A 118 16.61 -17.00 -18.74
CA HIS A 118 16.69 -16.35 -20.05
C HIS A 118 17.31 -17.27 -21.10
N ILE A 119 18.42 -17.94 -20.75
CA ILE A 119 19.17 -18.87 -21.63
C ILE A 119 18.29 -20.05 -22.09
N LYS A 120 17.37 -20.53 -21.25
CA LYS A 120 16.39 -21.56 -21.61
C LYS A 120 15.55 -21.13 -22.83
N ASN A 121 15.19 -19.85 -22.90
CA ASN A 121 14.48 -19.27 -24.05
C ASN A 121 15.44 -19.01 -25.23
N LEU A 122 16.70 -18.62 -25.00
CA LEU A 122 17.68 -18.46 -26.11
C LEU A 122 17.77 -19.76 -26.92
N ARG A 123 17.88 -20.90 -26.22
CA ARG A 123 17.91 -22.26 -26.79
C ARG A 123 16.65 -22.57 -27.61
N LEU A 124 15.48 -22.17 -27.13
CA LEU A 124 14.19 -22.36 -27.80
C LEU A 124 14.04 -21.46 -29.05
N ARG A 125 14.53 -20.23 -28.99
CA ARG A 125 14.49 -19.22 -30.08
C ARG A 125 15.47 -19.53 -31.23
N GLU A 126 16.60 -20.16 -30.93
CA GLU A 126 17.67 -20.50 -31.89
C GLU A 126 17.81 -22.02 -32.14
N GLN A 127 16.79 -22.80 -31.77
CA GLN A 127 16.69 -24.26 -31.90
C GLN A 127 17.26 -24.82 -33.21
N ALA A 1 -7.11 8.45 -4.18
CA ALA A 1 -8.11 9.41 -4.64
C ALA A 1 -8.93 10.12 -3.54
N ASP A 2 -9.09 9.51 -2.36
CA ASP A 2 -9.84 10.13 -1.24
C ASP A 2 -9.00 11.22 -0.54
N GLU A 3 -9.65 12.19 0.11
CA GLU A 3 -8.95 13.25 0.86
C GLU A 3 -8.03 12.70 1.96
N PHE A 4 -8.44 11.64 2.69
CA PHE A 4 -7.64 11.04 3.77
C PHE A 4 -7.95 9.56 4.08
N GLY A 5 -8.91 8.93 3.40
CA GLY A 5 -9.38 7.56 3.68
C GLY A 5 -8.69 6.40 2.96
N ASN A 6 -7.86 6.62 1.92
CA ASN A 6 -7.21 5.53 1.18
C ASN A 6 -5.81 5.86 0.59
N GLY A 7 -5.13 4.80 0.17
CA GLY A 7 -3.79 4.74 -0.43
C GLY A 7 -3.31 3.29 -0.55
N ASP A 8 -2.11 3.04 -1.06
CA ASP A 8 -1.58 1.67 -1.26
C ASP A 8 -0.05 1.53 -1.27
N ALA A 9 0.67 2.42 -1.98
CA ALA A 9 2.13 2.37 -2.15
C ALA A 9 2.95 2.70 -0.87
N LEU A 10 4.27 2.50 -0.98
CA LEU A 10 5.28 2.80 0.04
C LEU A 10 6.42 3.60 -0.59
N ASP A 11 6.60 4.83 -0.10
CA ASP A 11 7.62 5.79 -0.52
C ASP A 11 8.17 6.46 0.76
N LEU A 12 8.98 5.69 1.49
CA LEU A 12 9.54 6.05 2.80
C LEU A 12 10.09 7.51 2.84
N PRO A 13 9.53 8.39 3.71
CA PRO A 13 9.86 9.81 3.84
C PRO A 13 11.33 10.24 3.93
N VAL A 14 11.53 11.56 3.78
CA VAL A 14 12.80 12.29 3.92
C VAL A 14 12.60 13.70 4.53
N GLY A 15 11.46 13.89 5.19
CA GLY A 15 11.01 15.13 5.86
C GLY A 15 9.54 15.08 6.27
N LYS A 16 9.09 16.04 7.08
CA LYS A 16 7.70 16.12 7.60
C LYS A 16 6.63 16.13 6.50
N ASP A 17 6.89 16.79 5.37
CA ASP A 17 5.94 16.85 4.23
C ASP A 17 5.61 15.43 3.71
N ALA A 18 6.64 14.59 3.52
CA ALA A 18 6.44 13.20 3.11
C ALA A 18 5.81 12.34 4.23
N VAL A 19 6.17 12.56 5.50
CA VAL A 19 5.56 11.83 6.64
C VAL A 19 4.05 12.11 6.69
N ASN A 20 3.62 13.36 6.49
CA ASN A 20 2.21 13.74 6.43
C ASN A 20 1.48 12.96 5.31
N SER A 21 2.06 12.90 4.10
CA SER A 21 1.50 12.14 2.98
C SER A 21 1.45 10.63 3.27
N LEU A 22 2.48 10.09 3.93
CA LEU A 22 2.53 8.67 4.33
C LEU A 22 1.38 8.32 5.30
N ILE A 23 1.14 9.18 6.31
CA ILE A 23 0.05 9.02 7.27
C ILE A 23 -1.30 9.14 6.54
N ARG A 24 -1.47 10.10 5.62
CA ARG A 24 -2.70 10.26 4.82
C ARG A 24 -3.04 9.00 4.01
N GLU A 25 -2.05 8.44 3.32
CA GLU A 25 -2.21 7.26 2.45
C GLU A 25 -2.38 5.94 3.23
N ASN A 26 -2.09 5.95 4.52
CA ASN A 26 -2.15 4.76 5.40
C ASN A 26 -2.91 5.04 6.72
N SER A 27 -3.88 5.96 6.71
CA SER A 27 -4.67 6.38 7.87
C SER A 27 -5.36 5.25 8.66
N HIS A 28 -5.55 4.10 8.01
CA HIS A 28 -6.11 2.86 8.57
C HIS A 28 -5.13 2.08 9.46
N ILE A 29 -3.83 2.43 9.45
CA ILE A 29 -2.75 1.78 10.23
C ILE A 29 -1.74 2.74 10.87
N PHE A 30 -1.62 3.99 10.38
CA PHE A 30 -0.74 5.04 10.90
C PHE A 30 -1.57 6.25 11.36
N SER A 31 -1.04 7.01 12.31
CA SER A 31 -1.67 8.23 12.85
C SER A 31 -0.65 9.20 13.44
N ASP A 32 -1.11 10.40 13.80
CA ASP A 32 -0.30 11.45 14.42
C ASP A 32 0.34 11.05 15.77
N THR A 33 -0.17 9.99 16.42
CA THR A 33 0.29 9.53 17.76
C THR A 33 0.53 8.02 17.90
N GLN A 34 0.36 7.19 16.86
CA GLN A 34 0.58 5.73 16.96
C GLN A 34 0.74 5.05 15.58
N CYS A 35 1.60 4.02 15.52
CA CYS A 35 1.79 3.15 14.35
C CYS A 35 1.40 1.71 14.74
N LYS A 36 0.35 1.16 14.13
CA LYS A 36 -0.15 -0.20 14.42
C LYS A 36 0.66 -1.33 13.75
N VAL A 37 1.30 -1.08 12.61
CA VAL A 37 2.17 -2.09 11.95
C VAL A 37 3.36 -2.46 12.83
N CYS A 38 3.94 -1.46 13.49
CA CYS A 38 5.09 -1.59 14.38
C CYS A 38 4.68 -1.63 15.86
N SER A 39 3.36 -1.68 16.14
CA SER A 39 2.69 -1.66 17.45
C SER A 39 3.38 -0.76 18.48
N ALA A 40 3.51 0.53 18.12
CA ALA A 40 4.21 1.53 18.93
C ALA A 40 3.47 2.89 19.00
N VAL A 41 3.58 3.54 20.15
CA VAL A 41 3.01 4.88 20.42
C VAL A 41 4.05 5.95 20.08
N LEU A 42 3.58 7.11 19.63
CA LEU A 42 4.36 8.24 19.14
C LEU A 42 3.96 9.51 19.90
N ILE A 43 4.38 9.58 21.18
CA ILE A 43 4.06 10.63 22.16
C ILE A 43 4.38 12.09 21.75
N SER A 44 5.19 12.31 20.70
CA SER A 44 5.56 13.63 20.19
C SER A 44 5.87 13.57 18.69
N GLU A 45 5.79 14.72 18.00
CA GLU A 45 6.10 14.83 16.57
C GLU A 45 7.51 14.35 16.23
N SER A 46 8.52 14.61 17.08
CA SER A 46 9.89 14.11 16.85
C SER A 46 9.95 12.59 16.76
N GLN A 47 9.16 11.89 17.60
CA GLN A 47 9.06 10.43 17.59
C GLN A 47 8.34 9.97 16.33
N LYS A 48 7.22 10.64 15.96
CA LYS A 48 6.44 10.32 14.75
C LYS A 48 7.30 10.48 13.49
N LEU A 49 8.03 11.58 13.38
CA LEU A 49 8.93 11.86 12.26
C LEU A 49 10.01 10.79 12.15
N ALA A 50 10.76 10.53 13.22
CA ALA A 50 11.81 9.51 13.20
C ALA A 50 11.27 8.10 12.91
N HIS A 51 10.12 7.73 13.47
CA HIS A 51 9.53 6.41 13.25
C HIS A 51 9.08 6.20 11.80
N TYR A 52 8.29 7.13 11.24
CA TYR A 52 7.80 7.01 9.86
C TYR A 52 8.89 7.17 8.80
N GLN A 53 9.92 7.96 9.07
CA GLN A 53 11.06 8.16 8.15
C GLN A 53 12.01 6.94 8.11
N SER A 54 12.10 6.17 9.21
CA SER A 54 13.00 5.00 9.33
C SER A 54 12.79 3.90 8.28
N ARG A 55 13.91 3.35 7.78
CA ARG A 55 13.94 2.21 6.86
C ARG A 55 13.43 0.91 7.53
N LYS A 56 13.56 0.80 8.86
CA LYS A 56 13.07 -0.36 9.65
C LYS A 56 11.53 -0.39 9.68
N HIS A 57 10.89 0.78 9.81
CA HIS A 57 9.44 0.94 9.70
C HIS A 57 9.00 0.52 8.30
N ALA A 58 9.66 1.04 7.26
CA ALA A 58 9.37 0.68 5.87
C ALA A 58 9.50 -0.83 5.60
N ASN A 59 10.49 -1.51 6.19
CA ASN A 59 10.65 -2.96 6.07
C ASN A 59 9.44 -3.71 6.68
N LYS A 60 9.02 -3.32 7.89
CA LYS A 60 7.84 -3.89 8.55
C LYS A 60 6.56 -3.62 7.75
N VAL A 61 6.41 -2.42 7.19
CA VAL A 61 5.26 -2.06 6.33
C VAL A 61 5.24 -2.90 5.05
N ARG A 62 6.38 -3.09 4.36
CA ARG A 62 6.46 -3.92 3.16
C ARG A 62 6.06 -5.37 3.44
N ARG A 63 6.50 -5.93 4.57
CA ARG A 63 6.13 -7.29 5.03
C ARG A 63 4.63 -7.36 5.37
N TYR A 64 4.12 -6.38 6.12
CA TYR A 64 2.70 -6.28 6.49
C TYR A 64 1.77 -6.16 5.28
N MET A 65 2.12 -5.34 4.28
CA MET A 65 1.34 -5.18 3.04
C MET A 65 1.14 -6.50 2.29
N ALA A 66 2.11 -7.43 2.37
CA ALA A 66 2.04 -8.77 1.78
C ALA A 66 1.22 -9.79 2.62
N ILE A 67 0.69 -9.37 3.78
CA ILE A 67 -0.07 -10.21 4.74
C ILE A 67 -1.49 -9.62 5.01
N ASN A 68 -1.65 -8.30 4.91
CA ASN A 68 -2.91 -7.57 5.13
C ASN A 68 -4.08 -8.06 4.24
N GLN A 69 -5.31 -7.78 4.67
CA GLN A 69 -6.56 -8.16 4.00
C GLN A 69 -6.64 -7.68 2.54
N GLY A 70 -7.18 -8.54 1.66
CA GLY A 70 -7.39 -8.27 0.23
C GLY A 70 -7.57 -9.55 -0.60
N GLU A 71 -6.84 -10.61 -0.25
CA GLU A 71 -6.85 -11.93 -0.92
C GLU A 71 -6.87 -13.10 0.10
N ASP A 72 -7.39 -12.84 1.31
CA ASP A 72 -7.46 -13.81 2.43
C ASP A 72 -8.80 -13.70 3.19
N SER A 73 -9.90 -13.62 2.44
CA SER A 73 -11.29 -13.49 2.92
C SER A 73 -12.28 -14.33 2.11
N VAL A 74 -13.52 -14.46 2.59
CA VAL A 74 -14.61 -15.27 1.97
C VAL A 74 -15.96 -14.54 2.02
N PRO A 75 -16.88 -14.81 1.06
CA PRO A 75 -18.21 -14.18 1.01
C PRO A 75 -19.24 -14.77 2.01
N ALA A 76 -18.86 -15.78 2.80
CA ALA A 76 -19.71 -16.44 3.78
C ALA A 76 -20.32 -15.50 4.86
N LYS A 77 -21.47 -15.91 5.43
CA LYS A 77 -22.24 -15.17 6.45
C LYS A 77 -22.66 -16.05 7.64
N LYS A 78 -21.88 -17.11 7.91
CA LYS A 78 -22.10 -18.08 9.01
C LYS A 78 -21.99 -17.45 10.40
N PHE A 79 -21.05 -16.52 10.56
CA PHE A 79 -20.75 -15.81 11.82
C PHE A 79 -21.82 -14.78 12.22
N LYS A 80 -21.71 -14.25 13.45
CA LYS A 80 -22.61 -13.24 14.03
C LYS A 80 -22.65 -11.91 13.25
N ALA A 81 -23.65 -11.08 13.53
CA ALA A 81 -23.88 -9.77 12.92
C ALA A 81 -24.36 -8.72 13.95
N ALA A 82 -24.56 -7.47 13.49
CA ALA A 82 -25.00 -6.33 14.30
C ALA A 82 -25.98 -5.41 13.52
N PRO A 83 -26.76 -4.53 14.19
CA PRO A 83 -27.71 -3.62 13.55
C PRO A 83 -27.14 -2.73 12.44
N ALA A 84 -28.04 -2.23 11.57
CA ALA A 84 -27.76 -1.34 10.45
C ALA A 84 -28.84 -0.24 10.32
N GLU A 85 -29.42 0.15 11.47
CA GLU A 85 -30.51 1.11 11.64
C GLU A 85 -30.15 2.18 12.69
N ILE A 86 -30.95 3.26 12.78
CA ILE A 86 -30.76 4.35 13.73
C ILE A 86 -30.67 3.82 15.17
N SER A 87 -29.54 4.06 15.84
CA SER A 87 -29.24 3.60 17.21
C SER A 87 -28.52 4.68 18.05
N ASP A 88 -28.55 5.93 17.59
CA ASP A 88 -27.86 7.09 18.18
C ASP A 88 -28.71 8.38 18.25
N GLY A 89 -30.05 8.26 18.14
CA GLY A 89 -30.98 9.38 18.20
C GLY A 89 -32.42 8.99 18.56
N GLU A 90 -33.20 9.97 18.99
CA GLU A 90 -34.60 9.81 19.44
C GLU A 90 -35.65 9.99 18.33
N ASP A 91 -35.24 10.35 17.11
CA ASP A 91 -36.10 10.60 15.93
C ASP A 91 -37.07 9.46 15.56
N ARG A 92 -36.81 8.24 16.05
CA ARG A 92 -37.61 7.01 15.82
C ARG A 92 -37.86 6.22 17.12
N SER A 93 -38.03 6.94 18.25
CA SER A 93 -38.25 6.34 19.58
C SER A 93 -39.67 6.47 20.14
N LYS A 94 -40.46 7.43 19.61
CA LYS A 94 -41.84 7.72 20.05
C LYS A 94 -42.84 7.96 18.92
N CYS A 95 -42.38 8.02 17.66
CA CYS A 95 -43.21 8.24 16.48
C CYS A 95 -42.62 7.58 15.22
N CYS A 96 -43.47 7.27 14.25
CA CYS A 96 -43.13 6.67 12.96
C CYS A 96 -43.98 7.32 11.84
N PRO A 97 -43.51 8.42 11.20
CA PRO A 97 -44.22 9.09 10.12
C PRO A 97 -44.50 8.19 8.90
N VAL A 98 -43.69 7.15 8.67
CA VAL A 98 -43.87 6.16 7.58
C VAL A 98 -45.20 5.41 7.69
N CYS A 99 -45.75 5.30 8.90
CA CYS A 99 -47.02 4.64 9.22
C CYS A 99 -48.04 5.57 9.91
N ASN A 100 -47.59 6.75 10.31
CA ASN A 100 -48.28 7.81 11.05
C ASN A 100 -48.87 7.31 12.39
N MET A 101 -48.00 6.74 13.23
CA MET A 101 -48.31 6.19 14.56
C MET A 101 -47.27 6.60 15.61
N THR A 102 -47.59 6.39 16.89
CA THR A 102 -46.75 6.74 18.06
C THR A 102 -46.52 5.56 19.01
N PHE A 103 -45.45 5.64 19.81
CA PHE A 103 -44.99 4.62 20.77
C PHE A 103 -44.68 5.24 22.14
N SER A 104 -44.90 4.47 23.21
CA SER A 104 -44.61 4.90 24.59
C SER A 104 -43.11 4.97 24.91
N SER A 105 -42.31 4.01 24.42
CA SER A 105 -40.86 3.88 24.68
C SER A 105 -40.05 3.41 23.46
N PRO A 106 -38.72 3.67 23.40
CA PRO A 106 -37.86 3.28 22.27
C PRO A 106 -37.90 1.80 21.91
N VAL A 107 -38.00 0.88 22.89
CA VAL A 107 -38.04 -0.57 22.59
C VAL A 107 -39.34 -0.95 21.85
N VAL A 108 -40.45 -0.27 22.14
CA VAL A 108 -41.74 -0.46 21.44
C VAL A 108 -41.60 0.04 19.99
N ALA A 109 -40.92 1.17 19.79
CA ALA A 109 -40.62 1.70 18.46
C ALA A 109 -39.74 0.72 17.66
N GLU A 110 -38.67 0.20 18.26
CA GLU A 110 -37.79 -0.80 17.63
C GLU A 110 -38.55 -2.06 17.25
N SER A 111 -39.43 -2.55 18.13
CA SER A 111 -40.28 -3.73 17.90
C SER A 111 -41.22 -3.51 16.70
N HIS A 112 -41.73 -2.28 16.51
CA HIS A 112 -42.57 -1.94 15.36
C HIS A 112 -41.74 -1.89 14.06
N TYR A 113 -40.60 -1.17 14.05
CA TYR A 113 -39.73 -1.03 12.87
C TYR A 113 -39.25 -2.37 12.29
N ILE A 114 -38.97 -3.37 13.14
CA ILE A 114 -38.54 -4.72 12.69
C ILE A 114 -39.72 -5.66 12.35
N GLY A 115 -40.96 -5.25 12.63
CA GLY A 115 -42.17 -6.04 12.39
C GLY A 115 -42.76 -5.87 10.99
N LYS A 116 -43.58 -6.85 10.56
CA LYS A 116 -44.22 -6.88 9.23
C LYS A 116 -45.13 -5.68 8.98
N THR A 117 -45.78 -5.14 10.00
CA THR A 117 -46.67 -3.95 9.89
C THR A 117 -45.94 -2.75 9.29
N HIS A 118 -44.70 -2.51 9.70
CA HIS A 118 -43.86 -1.43 9.15
C HIS A 118 -43.47 -1.71 7.70
N ILE A 119 -43.04 -2.94 7.41
CA ILE A 119 -42.63 -3.40 6.06
C ILE A 119 -43.79 -3.28 5.06
N LYS A 120 -45.01 -3.68 5.44
CA LYS A 120 -46.22 -3.54 4.61
C LYS A 120 -46.50 -2.07 4.30
N ASN A 121 -46.34 -1.18 5.29
CA ASN A 121 -46.51 0.26 5.10
C ASN A 121 -45.48 0.86 4.11
N LEU A 122 -44.26 0.33 4.01
CA LEU A 122 -43.27 0.81 3.02
C LEU A 122 -43.85 0.73 1.60
N ARG A 123 -44.53 -0.38 1.28
CA ARG A 123 -45.21 -0.62 -0.01
C ARG A 123 -46.38 0.35 -0.20
N LEU A 124 -47.17 0.60 0.85
CA LEU A 124 -48.29 1.55 0.81
C LEU A 124 -47.82 2.99 0.57
N ARG A 125 -46.68 3.42 1.15
CA ARG A 125 -46.09 4.75 0.92
C ARG A 125 -45.55 4.87 -0.51
N GLU A 126 -44.93 3.82 -1.03
CA GLU A 126 -44.40 3.77 -2.41
C GLU A 126 -45.52 3.80 -3.47
N GLN A 127 -46.63 3.10 -3.22
CA GLN A 127 -47.81 3.00 -4.08
C GLN A 127 -49.09 2.88 -3.24
N ALA A 1 28.83 25.08 -8.18
CA ALA A 1 30.12 24.39 -7.99
C ALA A 1 30.12 23.36 -6.83
N ASP A 2 29.13 23.43 -5.92
CA ASP A 2 28.98 22.49 -4.79
C ASP A 2 28.42 21.11 -5.23
N GLU A 3 27.83 21.03 -6.42
CA GLU A 3 27.26 19.84 -7.04
C GLU A 3 27.35 19.89 -8.58
N PHE A 4 27.16 18.75 -9.24
CA PHE A 4 27.22 18.62 -10.71
C PHE A 4 26.21 17.60 -11.28
N GLY A 5 26.03 16.46 -10.59
CA GLY A 5 25.11 15.37 -10.97
C GLY A 5 24.92 14.34 -9.85
N ASN A 6 25.06 14.79 -8.60
CA ASN A 6 25.03 14.01 -7.37
C ASN A 6 23.64 13.40 -7.08
N GLY A 7 23.61 12.23 -6.45
CA GLY A 7 22.38 11.52 -6.05
C GLY A 7 22.61 10.06 -5.64
N ASP A 8 21.58 9.44 -5.06
CA ASP A 8 21.59 8.04 -4.59
C ASP A 8 20.15 7.47 -4.50
N ALA A 9 20.02 6.14 -4.61
CA ALA A 9 18.73 5.44 -4.54
C ALA A 9 18.27 5.22 -3.09
N LEU A 10 16.95 5.31 -2.84
CA LEU A 10 16.31 5.12 -1.55
C LEU A 10 14.83 4.71 -1.75
N ASP A 11 14.31 3.91 -0.83
CA ASP A 11 12.93 3.38 -0.82
C ASP A 11 12.16 3.74 0.47
N LEU A 12 12.60 4.79 1.17
CA LEU A 12 12.07 5.32 2.43
C LEU A 12 11.54 6.77 2.22
N PRO A 13 10.55 7.23 3.01
CA PRO A 13 10.05 8.60 2.94
C PRO A 13 11.10 9.59 3.48
N VAL A 14 11.04 10.85 3.04
CA VAL A 14 11.99 11.92 3.44
C VAL A 14 11.26 13.24 3.70
N GLY A 15 11.36 13.73 4.93
CA GLY A 15 10.78 15.00 5.38
C GLY A 15 9.36 14.91 5.96
N LYS A 16 8.97 15.95 6.69
CA LYS A 16 7.65 16.10 7.34
C LYS A 16 6.48 16.00 6.36
N ASP A 17 6.64 16.51 5.14
CA ASP A 17 5.62 16.44 4.08
C ASP A 17 5.33 14.99 3.66
N ALA A 18 6.38 14.20 3.41
CA ALA A 18 6.24 12.79 3.04
C ALA A 18 5.56 11.98 4.15
N VAL A 19 5.97 12.19 5.41
CA VAL A 19 5.36 11.53 6.58
C VAL A 19 3.88 11.90 6.71
N ASN A 20 3.51 13.17 6.54
CA ASN A 20 2.12 13.62 6.60
C ASN A 20 1.24 12.95 5.53
N SER A 21 1.75 12.79 4.29
CA SER A 21 1.05 12.08 3.22
C SER A 21 0.94 10.58 3.50
N LEU A 22 2.03 9.96 3.98
CA LEU A 22 2.08 8.54 4.33
C LEU A 22 1.05 8.16 5.40
N ILE A 23 0.90 8.98 6.45
CA ILE A 23 -0.09 8.78 7.52
C ILE A 23 -1.52 8.87 6.94
N ARG A 24 -1.80 9.87 6.08
CA ARG A 24 -3.11 10.06 5.45
C ARG A 24 -3.50 8.94 4.48
N GLU A 25 -2.56 8.47 3.66
CA GLU A 25 -2.78 7.37 2.71
C GLU A 25 -2.93 5.99 3.38
N ASN A 26 -2.58 5.87 4.67
CA ASN A 26 -2.60 4.62 5.44
C ASN A 26 -3.22 4.80 6.85
N SER A 27 -4.27 5.62 6.96
CA SER A 27 -4.98 5.91 8.22
C SER A 27 -5.43 4.66 9.00
N HIS A 28 -5.66 3.54 8.32
CA HIS A 28 -6.03 2.25 8.89
C HIS A 28 -4.93 1.61 9.76
N ILE A 29 -3.67 2.03 9.60
CA ILE A 29 -2.50 1.53 10.36
C ILE A 29 -1.59 2.61 10.96
N PHE A 30 -1.66 3.86 10.50
CA PHE A 30 -0.85 4.97 10.99
C PHE A 30 -1.75 6.14 11.44
N SER A 31 -1.26 6.92 12.40
CA SER A 31 -1.93 8.11 12.90
C SER A 31 -0.93 9.13 13.45
N ASP A 32 -1.39 10.36 13.69
CA ASP A 32 -0.59 11.48 14.19
C ASP A 32 0.20 11.18 15.51
N THR A 33 -0.19 10.14 16.26
CA THR A 33 0.46 9.76 17.53
C THR A 33 0.66 8.24 17.74
N GLN A 34 0.47 7.39 16.73
CA GLN A 34 0.63 5.93 16.89
C GLN A 34 0.76 5.15 15.56
N CYS A 35 1.61 4.11 15.56
CA CYS A 35 1.81 3.18 14.43
C CYS A 35 1.42 1.75 14.84
N LYS A 36 0.40 1.15 14.18
CA LYS A 36 -0.06 -0.23 14.47
C LYS A 36 0.85 -1.33 13.93
N VAL A 37 1.40 -1.17 12.72
CA VAL A 37 2.32 -2.16 12.09
C VAL A 37 3.53 -2.45 12.98
N CYS A 38 4.07 -1.42 13.64
CA CYS A 38 5.19 -1.51 14.56
C CYS A 38 4.73 -1.52 16.03
N SER A 39 3.41 -1.53 16.27
CA SER A 39 2.69 -1.49 17.55
C SER A 39 3.37 -0.59 18.61
N ALA A 40 3.52 0.69 18.25
CA ALA A 40 4.19 1.70 19.07
C ALA A 40 3.45 3.04 19.10
N VAL A 41 3.57 3.75 20.23
CA VAL A 41 2.99 5.09 20.45
C VAL A 41 4.06 6.14 20.15
N LEU A 42 3.62 7.28 19.60
CA LEU A 42 4.43 8.40 19.11
C LEU A 42 3.99 9.68 19.84
N ILE A 43 4.41 9.79 21.11
CA ILE A 43 4.08 10.86 22.07
C ILE A 43 4.60 12.27 21.73
N SER A 44 5.27 12.44 20.60
CA SER A 44 5.86 13.70 20.14
C SER A 44 6.01 13.71 18.62
N GLU A 45 5.91 14.88 17.98
CA GLU A 45 6.09 14.99 16.52
C GLU A 45 7.50 14.57 16.08
N SER A 46 8.57 14.91 16.83
CA SER A 46 9.93 14.46 16.49
C SER A 46 10.05 12.93 16.53
N GLN A 47 9.40 12.28 17.49
CA GLN A 47 9.33 10.82 17.58
C GLN A 47 8.54 10.24 16.41
N LYS A 48 7.40 10.85 16.03
CA LYS A 48 6.59 10.42 14.89
C LYS A 48 7.39 10.51 13.58
N LEU A 49 8.07 11.65 13.34
CA LEU A 49 8.89 11.87 12.15
C LEU A 49 10.04 10.86 12.07
N ALA A 50 10.73 10.59 13.17
CA ALA A 50 11.82 9.60 13.20
C ALA A 50 11.30 8.17 12.97
N HIS A 51 10.18 7.79 13.60
CA HIS A 51 9.59 6.46 13.44
C HIS A 51 9.13 6.20 11.99
N TYR A 52 8.33 7.11 11.41
CA TYR A 52 7.83 6.95 10.03
C TYR A 52 8.92 6.96 8.95
N GLN A 53 10.12 7.48 9.25
CA GLN A 53 11.28 7.49 8.33
C GLN A 53 12.30 6.37 8.63
N SER A 54 12.14 5.63 9.74
CA SER A 54 13.04 4.54 10.14
C SER A 54 13.10 3.38 9.13
N ARG A 55 14.31 2.81 8.95
CA ARG A 55 14.57 1.63 8.11
C ARG A 55 13.78 0.40 8.60
N LYS A 56 13.64 0.24 9.91
CA LYS A 56 12.86 -0.86 10.53
C LYS A 56 11.37 -0.71 10.22
N HIS A 57 10.83 0.50 10.36
CA HIS A 57 9.43 0.81 10.02
C HIS A 57 9.16 0.53 8.55
N ALA A 58 10.01 1.02 7.64
CA ALA A 58 9.87 0.78 6.20
C ALA A 58 9.85 -0.72 5.85
N ASN A 59 10.74 -1.53 6.45
CA ASN A 59 10.76 -2.98 6.23
C ASN A 59 9.48 -3.66 6.73
N LYS A 60 9.02 -3.34 7.95
CA LYS A 60 7.77 -3.91 8.50
C LYS A 60 6.56 -3.51 7.65
N VAL A 61 6.46 -2.25 7.23
CA VAL A 61 5.36 -1.75 6.40
C VAL A 61 5.34 -2.38 5.01
N ARG A 62 6.48 -2.49 4.31
CA ARG A 62 6.53 -3.14 2.99
C ARG A 62 6.10 -4.61 3.07
N ARG A 63 6.46 -5.31 4.13
CA ARG A 63 6.00 -6.70 4.40
C ARG A 63 4.50 -6.74 4.70
N TYR A 64 3.99 -5.81 5.51
CA TYR A 64 2.57 -5.71 5.87
C TYR A 64 1.67 -5.38 4.67
N MET A 65 2.09 -4.48 3.78
CA MET A 65 1.36 -4.12 2.55
C MET A 65 1.13 -5.34 1.63
N ALA A 66 2.02 -6.33 1.71
CA ALA A 66 1.94 -7.60 0.99
C ALA A 66 1.13 -8.68 1.75
N ILE A 67 0.43 -8.31 2.83
CA ILE A 67 -0.39 -9.19 3.71
C ILE A 67 -1.80 -8.61 3.96
N ASN A 68 -1.93 -7.32 4.29
CA ASN A 68 -3.22 -6.67 4.61
C ASN A 68 -3.27 -5.16 4.26
N GLN A 69 -4.50 -4.61 4.23
CA GLN A 69 -4.83 -3.21 3.94
C GLN A 69 -6.18 -2.79 4.57
N GLY A 70 -6.57 -1.52 4.45
CA GLY A 70 -7.84 -0.98 4.98
C GLY A 70 -8.23 0.37 4.38
N GLU A 71 -9.28 0.99 4.93
CA GLU A 71 -9.81 2.29 4.47
C GLU A 71 -10.64 3.04 5.53
N ASP A 72 -11.48 2.33 6.29
CA ASP A 72 -12.39 2.89 7.31
C ASP A 72 -11.68 3.35 8.61
N SER A 73 -10.93 4.46 8.53
CA SER A 73 -10.18 5.07 9.64
C SER A 73 -9.96 6.58 9.44
N VAL A 74 -9.27 7.24 10.38
CA VAL A 74 -8.97 8.69 10.39
C VAL A 74 -7.47 8.95 10.66
N PRO A 75 -6.78 9.79 9.86
CA PRO A 75 -5.34 10.09 10.03
C PRO A 75 -5.00 10.79 11.36
N ALA A 76 -5.90 11.69 11.79
CA ALA A 76 -5.79 12.49 13.02
C ALA A 76 -6.08 11.67 14.30
N LYS A 77 -6.00 12.34 15.46
CA LYS A 77 -6.30 11.81 16.79
C LYS A 77 -7.27 12.74 17.54
N LYS A 78 -7.89 12.26 18.61
CA LYS A 78 -8.87 13.02 19.42
C LYS A 78 -8.73 12.74 20.93
N PHE A 79 -7.50 12.62 21.41
CA PHE A 79 -7.16 12.37 22.82
C PHE A 79 -7.77 13.43 23.78
N LYS A 80 -7.89 13.10 25.08
CA LYS A 80 -8.46 13.97 26.12
C LYS A 80 -7.66 13.92 27.43
N ALA A 81 -7.67 15.04 28.16
CA ALA A 81 -7.02 15.24 29.47
C ALA A 81 -7.71 16.36 30.27
N ALA A 82 -7.24 16.60 31.50
CA ALA A 82 -7.75 17.64 32.40
C ALA A 82 -6.64 18.44 33.15
N PRO A 83 -5.64 17.82 33.83
CA PRO A 83 -4.59 18.57 34.52
C PRO A 83 -3.57 19.18 33.52
N ALA A 84 -2.91 20.25 33.94
CA ALA A 84 -1.89 20.97 33.17
C ALA A 84 -0.93 21.76 34.08
N GLU A 85 0.20 22.23 33.54
CA GLU A 85 1.21 23.03 34.25
C GLU A 85 0.84 24.52 34.37
N ILE A 86 -0.35 24.91 33.88
CA ILE A 86 -0.91 26.27 33.91
C ILE A 86 -2.34 26.19 34.48
N SER A 87 -2.64 27.08 35.44
CA SER A 87 -3.94 27.15 36.15
C SER A 87 -4.58 28.54 36.13
N ASP A 88 -4.09 29.44 35.29
CA ASP A 88 -4.55 30.84 35.13
C ASP A 88 -4.84 31.19 33.64
N GLY A 89 -4.86 30.19 32.76
CA GLY A 89 -5.11 30.33 31.32
C GLY A 89 -4.92 29.02 30.54
N GLU A 90 -5.04 29.11 29.21
CA GLU A 90 -4.91 28.00 28.24
C GLU A 90 -4.19 28.51 26.97
N ASP A 91 -3.19 29.38 27.17
CA ASP A 91 -2.42 30.14 26.19
C ASP A 91 -2.06 29.44 24.86
N ARG A 92 -1.55 28.20 24.90
CA ARG A 92 -1.21 27.39 23.71
C ARG A 92 -1.87 26.01 23.84
N SER A 93 -2.85 25.73 22.97
CA SER A 93 -3.63 24.48 23.02
C SER A 93 -4.38 24.08 21.74
N LYS A 94 -4.50 24.97 20.74
CA LYS A 94 -5.33 24.74 19.53
C LYS A 94 -4.64 25.04 18.19
N CYS A 95 -3.61 25.88 18.18
CA CYS A 95 -2.86 26.24 16.97
C CYS A 95 -1.39 26.59 17.25
N CYS A 96 -0.59 26.72 16.19
CA CYS A 96 0.81 27.13 16.22
C CYS A 96 1.12 27.97 14.97
N PRO A 97 1.14 29.31 15.03
CA PRO A 97 1.40 30.16 13.86
C PRO A 97 2.86 30.11 13.38
N VAL A 98 3.82 29.77 14.27
CA VAL A 98 5.25 29.63 13.94
C VAL A 98 5.46 28.53 12.89
N CYS A 99 4.69 27.44 12.99
CA CYS A 99 4.72 26.29 12.10
C CYS A 99 3.50 26.20 11.14
N ASN A 100 2.54 27.10 11.34
CA ASN A 100 1.26 27.27 10.64
C ASN A 100 0.40 25.99 10.63
N MET A 101 0.01 25.52 11.83
CA MET A 101 -0.81 24.32 12.05
C MET A 101 -1.88 24.50 13.13
N THR A 102 -2.81 23.53 13.20
CA THR A 102 -3.92 23.43 14.17
C THR A 102 -3.99 22.03 14.78
N PHE A 103 -4.54 21.93 16.00
CA PHE A 103 -4.63 20.69 16.79
C PHE A 103 -6.04 20.45 17.34
N SER A 104 -6.44 19.17 17.46
CA SER A 104 -7.74 18.75 17.98
C SER A 104 -7.88 18.74 19.50
N SER A 105 -6.76 18.81 20.25
CA SER A 105 -6.74 18.82 21.72
C SER A 105 -5.46 19.47 22.29
N PRO A 106 -5.45 19.87 23.57
CA PRO A 106 -4.25 20.44 24.20
C PRO A 106 -3.10 19.41 24.28
N VAL A 107 -3.39 18.11 24.35
CA VAL A 107 -2.36 17.05 24.36
C VAL A 107 -1.76 16.90 22.96
N VAL A 108 -2.57 17.01 21.90
CA VAL A 108 -2.09 16.98 20.51
C VAL A 108 -1.20 18.21 20.26
N ALA A 109 -1.60 19.38 20.76
CA ALA A 109 -0.81 20.61 20.69
C ALA A 109 0.53 20.45 21.42
N GLU A 110 0.51 20.00 22.68
CA GLU A 110 1.72 19.78 23.48
C GLU A 110 2.67 18.77 22.82
N SER A 111 2.15 17.72 22.18
CA SER A 111 2.96 16.71 21.46
C SER A 111 3.79 17.36 20.34
N HIS A 112 3.25 18.37 19.66
CA HIS A 112 4.00 19.15 18.67
C HIS A 112 4.99 20.12 19.34
N TYR A 113 4.52 20.92 20.32
CA TYR A 113 5.34 21.94 21.00
C TYR A 113 6.57 21.39 21.74
N ILE A 114 6.46 20.25 22.44
CA ILE A 114 7.58 19.63 23.18
C ILE A 114 8.57 18.89 22.27
N GLY A 115 8.19 18.59 21.02
CA GLY A 115 9.04 17.89 20.06
C GLY A 115 10.11 18.79 19.43
N LYS A 116 11.20 18.16 18.97
CA LYS A 116 12.32 18.86 18.31
C LYS A 116 11.89 19.61 17.04
N THR A 117 10.83 19.15 16.37
CA THR A 117 10.25 19.75 15.16
C THR A 117 9.86 21.22 15.36
N HIS A 118 9.23 21.56 16.49
CA HIS A 118 8.89 22.94 16.82
C HIS A 118 10.16 23.77 17.11
N ILE A 119 11.12 23.19 17.84
CA ILE A 119 12.40 23.83 18.18
C ILE A 119 13.22 24.16 16.92
N LYS A 120 13.25 23.26 15.92
CA LYS A 120 13.90 23.50 14.62
C LYS A 120 13.26 24.68 13.88
N ASN A 121 11.93 24.84 13.99
CA ASN A 121 11.23 25.99 13.41
C ASN A 121 11.58 27.31 14.12
N LEU A 122 11.96 27.30 15.41
CA LEU A 122 12.44 28.53 16.09
C LEU A 122 13.68 29.07 15.37
N ARG A 123 14.69 28.20 15.16
CA ARG A 123 15.93 28.52 14.43
C ARG A 123 15.66 29.01 13.00
N LEU A 124 14.65 28.44 12.32
CA LEU A 124 14.25 28.84 10.97
C LEU A 124 13.75 30.31 10.93
N ARG A 125 12.95 30.73 11.92
CA ARG A 125 12.42 32.10 12.04
C ARG A 125 13.45 33.12 12.58
N GLU A 126 14.42 32.67 13.36
CA GLU A 126 15.53 33.46 13.94
C GLU A 126 16.61 33.83 12.90
N GLN A 127 16.20 34.39 11.76
CA GLN A 127 17.06 34.79 10.63
C GLN A 127 16.66 36.17 10.08
N ALA A 1 -0.31 -26.67 -5.75
CA ALA A 1 0.70 -26.63 -4.69
C ALA A 1 2.07 -26.04 -5.11
N ASP A 2 2.34 -25.98 -6.41
CA ASP A 2 3.54 -25.39 -7.01
C ASP A 2 3.54 -23.85 -7.06
N GLU A 3 2.42 -23.20 -6.74
CA GLU A 3 2.26 -21.73 -6.73
C GLU A 3 3.25 -21.04 -5.78
N PHE A 4 3.90 -19.98 -6.26
CA PHE A 4 4.87 -19.14 -5.53
C PHE A 4 4.94 -17.72 -6.13
N GLY A 5 5.59 -16.78 -5.44
CA GLY A 5 5.76 -15.40 -5.88
C GLY A 5 6.73 -14.58 -5.01
N ASN A 6 7.09 -13.39 -5.47
CA ASN A 6 8.00 -12.47 -4.79
C ASN A 6 7.65 -10.98 -5.06
N GLY A 7 8.18 -10.09 -4.22
CA GLY A 7 7.99 -8.64 -4.31
C GLY A 7 8.50 -7.90 -3.06
N ASP A 8 8.40 -6.57 -3.06
CA ASP A 8 8.82 -5.69 -1.97
C ASP A 8 8.02 -4.38 -1.92
N ALA A 9 8.13 -3.65 -0.81
CA ALA A 9 7.46 -2.38 -0.57
C ALA A 9 8.31 -1.46 0.34
N LEU A 10 8.45 -0.19 -0.05
CA LEU A 10 9.18 0.86 0.67
C LEU A 10 8.58 2.21 0.27
N ASP A 11 8.14 2.99 1.27
CA ASP A 11 7.49 4.30 1.09
C ASP A 11 8.04 5.35 2.07
N LEU A 12 9.30 5.18 2.52
CA LEU A 12 9.98 6.07 3.46
C LEU A 12 9.99 7.54 2.99
N PRO A 13 9.45 8.49 3.79
CA PRO A 13 9.41 9.91 3.47
C PRO A 13 10.80 10.59 3.67
N VAL A 14 10.88 11.89 3.38
CA VAL A 14 12.13 12.69 3.49
C VAL A 14 11.92 14.09 4.11
N GLY A 15 10.82 14.25 4.86
CA GLY A 15 10.45 15.49 5.54
C GLY A 15 9.02 15.44 6.12
N LYS A 16 8.66 16.40 6.98
CA LYS A 16 7.35 16.47 7.63
C LYS A 16 6.16 16.48 6.64
N ASP A 17 6.27 17.19 5.53
CA ASP A 17 5.23 17.23 4.50
C ASP A 17 4.93 15.83 3.95
N ALA A 18 5.97 15.05 3.67
CA ALA A 18 5.85 13.67 3.20
C ALA A 18 5.33 12.74 4.32
N VAL A 19 5.78 12.90 5.58
CA VAL A 19 5.28 12.11 6.71
C VAL A 19 3.79 12.35 6.94
N ASN A 20 3.34 13.60 6.93
CA ASN A 20 1.92 13.95 7.08
C ASN A 20 1.09 13.37 5.91
N SER A 21 1.60 13.42 4.68
CA SER A 21 0.93 12.84 3.51
C SER A 21 0.84 11.31 3.61
N LEU A 22 1.92 10.64 4.02
CA LEU A 22 2.00 9.19 4.24
C LEU A 22 0.99 8.74 5.31
N ILE A 23 0.88 9.49 6.41
CA ILE A 23 -0.10 9.26 7.48
C ILE A 23 -1.53 9.41 6.93
N ARG A 24 -1.83 10.50 6.20
CA ARG A 24 -3.16 10.74 5.61
C ARG A 24 -3.61 9.64 4.64
N GLU A 25 -2.72 9.23 3.74
CA GLU A 25 -2.98 8.18 2.74
C GLU A 25 -3.13 6.77 3.33
N ASN A 26 -2.69 6.56 4.57
CA ASN A 26 -2.74 5.28 5.30
C ASN A 26 -3.36 5.44 6.70
N SER A 27 -4.30 6.38 6.86
CA SER A 27 -4.95 6.75 8.12
C SER A 27 -5.62 5.60 8.92
N HIS A 28 -5.82 4.45 8.28
CA HIS A 28 -6.36 3.21 8.87
C HIS A 28 -5.30 2.38 9.64
N ILE A 29 -4.00 2.66 9.42
CA ILE A 29 -2.86 1.94 10.03
C ILE A 29 -1.74 2.85 10.57
N PHE A 30 -1.63 4.10 10.10
CA PHE A 30 -0.66 5.10 10.53
C PHE A 30 -1.43 6.33 11.07
N SER A 31 -0.86 7.03 12.06
CA SER A 31 -1.46 8.23 12.66
C SER A 31 -0.40 9.19 13.22
N ASP A 32 -0.83 10.40 13.56
CA ASP A 32 0.00 11.47 14.13
C ASP A 32 0.64 11.11 15.49
N THR A 33 0.11 10.11 16.21
CA THR A 33 0.56 9.69 17.55
C THR A 33 0.78 8.18 17.73
N GLN A 34 0.59 7.35 16.70
CA GLN A 34 0.79 5.89 16.78
C GLN A 34 0.93 5.23 15.38
N CYS A 35 1.73 4.17 15.29
CA CYS A 35 1.86 3.32 14.11
C CYS A 35 1.38 1.91 14.48
N LYS A 36 0.28 1.44 13.88
CA LYS A 36 -0.32 0.13 14.19
C LYS A 36 0.43 -1.05 13.56
N VAL A 37 1.00 -0.88 12.36
CA VAL A 37 1.80 -1.94 11.70
C VAL A 37 3.01 -2.34 12.55
N CYS A 38 3.65 -1.36 13.19
CA CYS A 38 4.77 -1.54 14.10
C CYS A 38 4.34 -1.63 15.59
N SER A 39 3.02 -1.50 15.86
CA SER A 39 2.37 -1.47 17.18
C SER A 39 3.17 -0.66 18.22
N ALA A 40 3.44 0.59 17.86
CA ALA A 40 4.25 1.53 18.65
C ALA A 40 3.62 2.93 18.73
N VAL A 41 3.76 3.58 19.89
CA VAL A 41 3.26 4.94 20.15
C VAL A 41 4.32 5.98 19.74
N LEU A 42 3.86 7.12 19.26
CA LEU A 42 4.64 8.26 18.76
C LEU A 42 4.32 9.49 19.61
N ILE A 43 4.85 9.49 20.84
CA ILE A 43 4.62 10.48 21.92
C ILE A 43 4.84 11.97 21.56
N SER A 44 5.53 12.27 20.46
CA SER A 44 5.80 13.63 19.97
C SER A 44 6.05 13.61 18.46
N GLU A 45 5.94 14.76 17.80
CA GLU A 45 6.21 14.89 16.36
C GLU A 45 7.63 14.45 15.99
N SER A 46 8.64 14.75 16.82
CA SER A 46 10.02 14.29 16.58
C SER A 46 10.11 12.75 16.51
N GLN A 47 9.43 12.04 17.42
CA GLN A 47 9.35 10.59 17.43
C GLN A 47 8.61 10.08 16.18
N LYS A 48 7.51 10.74 15.78
CA LYS A 48 6.74 10.39 14.57
C LYS A 48 7.61 10.54 13.31
N LEU A 49 8.32 11.67 13.18
CA LEU A 49 9.21 11.96 12.04
C LEU A 49 10.35 10.94 11.95
N ALA A 50 10.95 10.56 13.08
CA ALA A 50 12.01 9.56 13.11
C ALA A 50 11.50 8.15 12.81
N HIS A 51 10.36 7.74 13.39
CA HIS A 51 9.78 6.41 13.18
C HIS A 51 9.40 6.15 11.72
N TYR A 52 8.64 7.06 11.09
CA TYR A 52 8.20 6.86 9.70
C TYR A 52 9.35 6.88 8.68
N GLN A 53 10.49 7.50 9.00
CA GLN A 53 11.69 7.52 8.15
C GLN A 53 12.69 6.38 8.45
N SER A 54 12.54 5.66 9.57
CA SER A 54 13.42 4.55 9.97
C SER A 54 13.27 3.31 9.08
N ARG A 55 14.39 2.61 8.84
CA ARG A 55 14.43 1.34 8.08
C ARG A 55 13.57 0.24 8.73
N LYS A 56 13.39 0.30 10.06
CA LYS A 56 12.54 -0.64 10.82
C LYS A 56 11.08 -0.59 10.36
N HIS A 57 10.58 0.62 10.04
CA HIS A 57 9.23 0.82 9.51
C HIS A 57 9.08 0.19 8.12
N ALA A 58 10.06 0.37 7.21
CA ALA A 58 10.04 -0.27 5.90
C ALA A 58 10.00 -1.80 5.99
N ASN A 59 10.78 -2.41 6.90
CA ASN A 59 10.78 -3.86 7.12
C ASN A 59 9.38 -4.37 7.57
N LYS A 60 8.77 -3.68 8.55
CA LYS A 60 7.41 -3.99 9.03
C LYS A 60 6.36 -3.80 7.92
N VAL A 61 6.46 -2.73 7.14
CA VAL A 61 5.58 -2.47 5.99
C VAL A 61 5.72 -3.58 4.94
N ARG A 62 6.94 -4.04 4.61
CA ARG A 62 7.13 -5.14 3.64
C ARG A 62 6.42 -6.42 4.10
N ARG A 63 6.51 -6.78 5.38
CA ARG A 63 5.80 -7.93 5.99
C ARG A 63 4.28 -7.76 5.85
N TYR A 64 3.72 -6.63 6.27
CA TYR A 64 2.28 -6.34 6.17
C TYR A 64 1.78 -6.32 4.71
N MET A 65 2.55 -5.75 3.78
CA MET A 65 2.22 -5.74 2.35
C MET A 65 2.24 -7.15 1.75
N ALA A 66 3.23 -7.98 2.13
CA ALA A 66 3.37 -9.37 1.69
C ALA A 66 2.15 -10.25 2.00
N ILE A 67 1.34 -9.90 3.02
CA ILE A 67 0.09 -10.59 3.36
C ILE A 67 -0.86 -10.57 2.14
N ASN A 68 -0.90 -9.46 1.40
CA ASN A 68 -1.65 -9.33 0.15
C ASN A 68 -0.79 -9.75 -1.06
N GLN A 69 0.38 -9.12 -1.27
CA GLN A 69 1.31 -9.43 -2.36
C GLN A 69 2.76 -9.04 -1.98
N GLY A 70 3.70 -9.96 -2.16
CA GLY A 70 5.12 -9.79 -1.84
C GLY A 70 5.89 -11.11 -1.85
N GLU A 71 6.94 -11.21 -1.02
CA GLU A 71 7.80 -12.39 -0.85
C GLU A 71 7.68 -12.95 0.57
N ASP A 72 7.46 -14.26 0.69
CA ASP A 72 7.36 -14.98 1.97
C ASP A 72 7.72 -16.46 1.82
N SER A 73 8.14 -17.09 2.91
CA SER A 73 8.54 -18.52 2.97
C SER A 73 7.37 -19.53 2.92
N VAL A 74 6.11 -19.06 2.94
CA VAL A 74 4.91 -19.89 2.96
C VAL A 74 3.84 -19.37 1.97
N PRO A 75 3.75 -19.92 0.75
CA PRO A 75 2.73 -19.52 -0.23
C PRO A 75 1.31 -19.97 0.14
N ALA A 76 1.18 -20.89 1.12
CA ALA A 76 -0.10 -21.39 1.64
C ALA A 76 -0.87 -20.34 2.49
N LYS A 77 -0.31 -19.14 2.71
CA LYS A 77 -0.87 -17.99 3.47
C LYS A 77 -2.31 -17.55 3.16
N LYS A 78 -2.93 -18.07 2.09
CA LYS A 78 -4.30 -17.78 1.62
C LYS A 78 -5.38 -17.83 2.70
N PHE A 79 -5.22 -18.66 3.74
CA PHE A 79 -6.12 -18.75 4.89
C PHE A 79 -6.19 -17.47 5.75
N LYS A 80 -5.25 -16.53 5.57
CA LYS A 80 -5.12 -15.24 6.29
C LYS A 80 -5.04 -14.04 5.31
N ALA A 81 -5.65 -14.19 4.14
CA ALA A 81 -5.70 -13.19 3.06
C ALA A 81 -7.14 -13.05 2.49
N ALA A 82 -7.34 -12.15 1.53
CA ALA A 82 -8.62 -11.86 0.89
C ALA A 82 -8.47 -11.54 -0.62
N PRO A 83 -9.57 -11.64 -1.43
CA PRO A 83 -9.55 -11.35 -2.87
C PRO A 83 -9.02 -9.95 -3.25
N ALA A 84 -8.62 -9.80 -4.52
CA ALA A 84 -8.11 -8.57 -5.12
C ALA A 84 -8.53 -8.44 -6.61
N GLU A 85 -8.23 -7.31 -7.23
CA GLU A 85 -8.55 -7.00 -8.63
C GLU A 85 -7.37 -6.34 -9.37
N ILE A 86 -7.41 -6.33 -10.71
CA ILE A 86 -6.39 -5.74 -11.58
C ILE A 86 -6.26 -4.23 -11.33
N SER A 87 -5.03 -3.74 -11.17
CA SER A 87 -4.72 -2.32 -10.87
C SER A 87 -5.27 -1.29 -11.88
N ASP A 88 -5.37 -1.67 -13.17
CA ASP A 88 -5.84 -0.79 -14.26
C ASP A 88 -6.96 -1.40 -15.14
N GLY A 89 -7.49 -2.59 -14.76
CA GLY A 89 -8.57 -3.27 -15.47
C GLY A 89 -8.29 -3.59 -16.95
N GLU A 90 -7.04 -3.88 -17.31
CA GLU A 90 -6.59 -4.13 -18.70
C GLU A 90 -5.66 -5.37 -18.82
N ASP A 91 -5.87 -6.39 -17.97
CA ASP A 91 -5.10 -7.64 -18.01
C ASP A 91 -5.34 -8.41 -19.32
N ARG A 92 -4.24 -8.87 -19.96
CA ARG A 92 -4.24 -9.61 -21.23
C ARG A 92 -3.90 -11.10 -21.09
N SER A 93 -3.48 -11.54 -19.91
CA SER A 93 -3.16 -12.94 -19.55
C SER A 93 -4.44 -13.77 -19.34
N LYS A 94 -5.28 -13.82 -20.39
CA LYS A 94 -6.60 -14.49 -20.41
C LYS A 94 -6.89 -15.31 -21.67
N CYS A 95 -6.16 -15.06 -22.76
CA CYS A 95 -6.32 -15.71 -24.06
C CYS A 95 -4.97 -15.93 -24.77
N CYS A 96 -4.95 -16.87 -25.72
CA CYS A 96 -3.78 -17.23 -26.52
C CYS A 96 -4.19 -17.54 -27.97
N PRO A 97 -4.25 -16.53 -28.87
CA PRO A 97 -4.60 -16.72 -30.28
C PRO A 97 -3.67 -17.68 -31.04
N VAL A 98 -2.39 -17.80 -30.62
CA VAL A 98 -1.39 -18.71 -31.22
C VAL A 98 -1.85 -20.17 -31.16
N CYS A 99 -2.58 -20.53 -30.09
CA CYS A 99 -3.12 -21.88 -29.86
C CYS A 99 -4.66 -21.93 -29.93
N ASN A 100 -5.29 -20.76 -30.02
CA ASN A 100 -6.73 -20.49 -30.03
C ASN A 100 -7.45 -21.05 -28.78
N MET A 101 -6.98 -20.63 -27.61
CA MET A 101 -7.49 -21.04 -26.28
C MET A 101 -7.62 -19.85 -25.31
N THR A 102 -8.31 -20.08 -24.18
CA THR A 102 -8.52 -19.11 -23.09
C THR A 102 -8.22 -19.74 -21.73
N PHE A 103 -8.02 -18.90 -20.70
CA PHE A 103 -7.64 -19.33 -19.34
C PHE A 103 -8.51 -18.70 -18.25
N SER A 104 -8.75 -19.44 -17.17
CA SER A 104 -9.56 -19.03 -16.01
C SER A 104 -8.79 -18.15 -15.00
N SER A 105 -7.46 -18.05 -15.12
CA SER A 105 -6.57 -17.29 -14.23
C SER A 105 -5.28 -16.86 -14.96
N PRO A 106 -4.72 -15.67 -14.63
CA PRO A 106 -3.46 -15.22 -15.23
C PRO A 106 -2.27 -16.13 -14.86
N VAL A 107 -2.36 -16.88 -13.75
CA VAL A 107 -1.32 -17.87 -13.35
C VAL A 107 -1.25 -19.01 -14.36
N VAL A 108 -2.40 -19.45 -14.89
CA VAL A 108 -2.48 -20.49 -15.93
C VAL A 108 -1.97 -19.93 -17.26
N ALA A 109 -2.35 -18.69 -17.61
CA ALA A 109 -1.90 -18.01 -18.83
C ALA A 109 -0.37 -17.86 -18.89
N GLU A 110 0.27 -17.30 -17.85
CA GLU A 110 1.74 -17.13 -17.82
C GLU A 110 2.48 -18.48 -17.89
N SER A 111 1.96 -19.49 -17.20
CA SER A 111 2.51 -20.86 -17.22
C SER A 111 2.39 -21.49 -18.61
N HIS A 112 1.26 -21.27 -19.31
CA HIS A 112 1.06 -21.77 -20.67
C HIS A 112 2.07 -21.19 -21.66
N TYR A 113 2.29 -19.87 -21.66
CA TYR A 113 3.23 -19.18 -22.58
C TYR A 113 4.69 -19.68 -22.53
N ILE A 114 5.08 -20.44 -21.49
CA ILE A 114 6.42 -21.02 -21.32
C ILE A 114 6.42 -22.56 -21.32
N GLY A 115 5.26 -23.20 -21.52
CA GLY A 115 5.09 -24.66 -21.57
C GLY A 115 5.24 -25.22 -22.98
N LYS A 116 5.56 -26.52 -23.08
CA LYS A 116 5.78 -27.20 -24.38
C LYS A 116 4.55 -27.18 -25.31
N THR A 117 3.33 -27.16 -24.75
CA THR A 117 2.08 -27.07 -25.53
C THR A 117 2.06 -25.82 -26.43
N HIS A 118 2.54 -24.69 -25.90
CA HIS A 118 2.68 -23.43 -26.64
C HIS A 118 3.78 -23.54 -27.70
N ILE A 119 4.94 -24.12 -27.33
CA ILE A 119 6.09 -24.33 -28.22
C ILE A 119 5.73 -25.21 -29.43
N LYS A 120 4.94 -26.27 -29.24
CA LYS A 120 4.43 -27.11 -30.35
C LYS A 120 3.60 -26.28 -31.35
N ASN A 121 2.87 -25.28 -30.86
CA ASN A 121 2.12 -24.35 -31.71
C ASN A 121 3.04 -23.32 -32.39
N LEU A 122 4.19 -22.95 -31.79
CA LEU A 122 5.21 -22.11 -32.46
C LEU A 122 5.80 -22.86 -33.66
N ARG A 123 6.12 -24.16 -33.47
CA ARG A 123 6.66 -25.05 -34.52
C ARG A 123 5.74 -25.15 -35.74
N LEU A 124 4.42 -25.02 -35.59
CA LEU A 124 3.48 -24.99 -36.73
C LEU A 124 3.79 -23.83 -37.71
N ARG A 125 4.39 -22.73 -37.23
CA ARG A 125 4.79 -21.55 -38.02
C ARG A 125 6.25 -21.64 -38.45
N GLU A 126 7.14 -22.08 -37.57
CA GLU A 126 8.59 -22.22 -37.83
C GLU A 126 8.95 -23.40 -38.77
N GLN A 127 8.07 -24.40 -38.89
CA GLN A 127 8.25 -25.61 -39.70
C GLN A 127 7.00 -25.90 -40.53
N ALA A 1 29.27 26.84 7.81
CA ALA A 1 28.96 25.42 7.66
C ALA A 1 28.94 24.96 6.18
N ASP A 2 29.12 23.64 5.97
CA ASP A 2 29.15 23.01 4.64
C ASP A 2 28.36 21.68 4.57
N GLU A 3 27.64 21.32 5.63
CA GLU A 3 26.82 20.08 5.72
C GLU A 3 25.48 20.14 4.96
N PHE A 4 25.09 21.31 4.44
CA PHE A 4 23.85 21.54 3.70
C PHE A 4 23.88 20.94 2.27
N GLY A 5 22.70 20.63 1.72
CA GLY A 5 22.52 20.10 0.37
C GLY A 5 21.04 20.04 -0.04
N ASN A 6 20.80 19.92 -1.35
CA ASN A 6 19.46 19.85 -1.98
C ASN A 6 19.53 19.18 -3.37
N GLY A 7 18.38 18.97 -4.02
CA GLY A 7 18.28 18.36 -5.36
C GLY A 7 18.47 16.84 -5.35
N ASP A 8 17.94 16.16 -4.33
CA ASP A 8 18.04 14.71 -4.10
C ASP A 8 16.70 14.08 -3.66
N ALA A 9 16.65 12.74 -3.63
CA ALA A 9 15.48 11.94 -3.25
C ALA A 9 15.88 10.65 -2.49
N LEU A 10 14.88 9.93 -1.97
CA LEU A 10 15.03 8.69 -1.20
C LEU A 10 13.76 7.82 -1.37
N ASP A 11 13.94 6.51 -1.31
CA ASP A 11 12.87 5.48 -1.40
C ASP A 11 12.02 5.35 -0.11
N LEU A 12 12.21 6.28 0.83
CA LEU A 12 11.55 6.44 2.14
C LEU A 12 11.25 7.94 2.35
N PRO A 13 10.28 8.32 3.21
CA PRO A 13 10.02 9.73 3.48
C PRO A 13 11.26 10.42 4.08
N VAL A 14 11.46 11.70 3.76
CA VAL A 14 12.64 12.48 4.19
C VAL A 14 12.31 13.96 4.49
N GLY A 15 11.06 14.20 4.89
CA GLY A 15 10.54 15.53 5.24
C GLY A 15 9.17 15.49 5.92
N LYS A 16 8.74 16.64 6.48
CA LYS A 16 7.47 16.78 7.21
C LYS A 16 6.26 16.45 6.33
N ASP A 17 6.27 16.94 5.09
CA ASP A 17 5.21 16.74 4.10
C ASP A 17 5.08 15.27 3.67
N ALA A 18 6.21 14.57 3.48
CA ALA A 18 6.21 13.16 3.10
C ALA A 18 5.60 12.29 4.21
N VAL A 19 5.95 12.52 5.48
CA VAL A 19 5.37 11.77 6.60
C VAL A 19 3.88 12.09 6.77
N ASN A 20 3.48 13.36 6.66
CA ASN A 20 2.08 13.77 6.72
C ASN A 20 1.24 13.08 5.61
N SER A 21 1.75 13.08 4.37
CA SER A 21 1.09 12.42 3.23
C SER A 21 1.03 10.90 3.41
N LEU A 22 2.09 10.27 3.92
CA LEU A 22 2.14 8.83 4.20
C LEU A 22 1.10 8.42 5.26
N ILE A 23 0.92 9.22 6.30
CA ILE A 23 -0.13 9.02 7.33
C ILE A 23 -1.52 9.20 6.70
N ARG A 24 -1.71 10.24 5.88
CA ARG A 24 -2.98 10.53 5.17
C ARG A 24 -3.40 9.38 4.23
N GLU A 25 -2.46 8.79 3.50
CA GLU A 25 -2.69 7.66 2.58
C GLU A 25 -2.95 6.32 3.32
N ASN A 26 -2.58 6.22 4.60
CA ASN A 26 -2.66 4.99 5.40
C ASN A 26 -3.27 5.21 6.81
N SER A 27 -4.24 6.12 6.93
CA SER A 27 -4.88 6.48 8.21
C SER A 27 -5.53 5.32 8.99
N HIS A 28 -5.71 4.17 8.36
CA HIS A 28 -6.23 2.93 8.97
C HIS A 28 -5.17 2.17 9.80
N ILE A 29 -3.87 2.44 9.57
CA ILE A 29 -2.73 1.79 10.25
C ILE A 29 -1.66 2.76 10.81
N PHE A 30 -1.61 4.00 10.32
CA PHE A 30 -0.71 5.05 10.79
C PHE A 30 -1.53 6.25 11.29
N SER A 31 -0.98 7.01 12.24
CA SER A 31 -1.62 8.21 12.79
C SER A 31 -0.60 9.19 13.37
N ASP A 32 -1.07 10.39 13.73
CA ASP A 32 -0.26 11.46 14.33
C ASP A 32 0.40 11.08 15.67
N THR A 33 -0.11 10.04 16.35
CA THR A 33 0.37 9.60 17.69
C THR A 33 0.58 8.09 17.86
N GLN A 34 0.39 7.25 16.84
CA GLN A 34 0.59 5.79 16.94
C GLN A 34 0.74 5.09 15.58
N CYS A 35 1.55 4.04 15.53
CA CYS A 35 1.74 3.16 14.36
C CYS A 35 1.29 1.73 14.72
N LYS A 36 0.24 1.21 14.07
CA LYS A 36 -0.29 -0.14 14.32
C LYS A 36 0.60 -1.26 13.78
N VAL A 37 1.23 -1.07 12.61
CA VAL A 37 2.13 -2.07 11.98
C VAL A 37 3.28 -2.45 12.92
N CYS A 38 3.84 -1.46 13.62
CA CYS A 38 4.92 -1.62 14.58
C CYS A 38 4.40 -1.63 16.04
N SER A 39 3.07 -1.59 16.23
CA SER A 39 2.31 -1.55 17.49
C SER A 39 3.01 -0.70 18.57
N ALA A 40 3.29 0.56 18.22
CA ALA A 40 4.02 1.52 19.05
C ALA A 40 3.40 2.92 19.05
N VAL A 41 3.48 3.59 20.20
CA VAL A 41 2.98 4.97 20.40
C VAL A 41 4.07 5.98 20.02
N LEU A 42 3.65 7.13 19.52
CA LEU A 42 4.46 8.23 19.01
C LEU A 42 4.13 9.51 19.79
N ILE A 43 4.66 9.57 21.02
CA ILE A 43 4.42 10.62 22.04
C ILE A 43 4.68 12.08 21.62
N SER A 44 5.40 12.32 20.52
CA SER A 44 5.71 13.66 19.98
C SER A 44 5.97 13.59 18.48
N GLU A 45 5.87 14.72 17.77
CA GLU A 45 6.12 14.82 16.33
C GLU A 45 7.55 14.39 15.96
N SER A 46 8.56 14.68 16.78
CA SER A 46 9.94 14.22 16.53
C SER A 46 10.03 12.69 16.54
N GLN A 47 9.34 12.02 17.47
CA GLN A 47 9.25 10.56 17.52
C GLN A 47 8.47 10.02 16.31
N LYS A 48 7.35 10.66 15.93
CA LYS A 48 6.55 10.27 14.76
C LYS A 48 7.38 10.34 13.47
N LEU A 49 8.10 11.44 13.28
CA LEU A 49 8.99 11.66 12.13
C LEU A 49 10.09 10.60 12.08
N ALA A 50 10.82 10.39 13.19
CA ALA A 50 11.87 9.38 13.26
C ALA A 50 11.35 7.96 13.00
N HIS A 51 10.18 7.61 13.53
CA HIS A 51 9.58 6.30 13.33
C HIS A 51 9.15 6.07 11.87
N TYR A 52 8.40 6.98 11.27
CA TYR A 52 7.93 6.83 9.88
C TYR A 52 9.06 6.89 8.84
N GLN A 53 10.16 7.59 9.14
CA GLN A 53 11.34 7.67 8.25
C GLN A 53 12.34 6.52 8.48
N SER A 54 12.16 5.70 9.53
CA SER A 54 13.04 4.57 9.86
C SER A 54 13.03 3.44 8.81
N ARG A 55 14.21 2.89 8.53
CA ARG A 55 14.41 1.73 7.63
C ARG A 55 13.73 0.47 8.18
N LYS A 56 13.65 0.33 9.52
CA LYS A 56 12.96 -0.79 10.19
C LYS A 56 11.45 -0.74 9.95
N HIS A 57 10.85 0.45 10.08
CA HIS A 57 9.41 0.68 9.82
C HIS A 57 9.09 0.33 8.36
N ALA A 58 9.86 0.84 7.40
CA ALA A 58 9.66 0.52 5.98
C ALA A 58 9.73 -0.99 5.69
N ASN A 59 10.72 -1.69 6.27
CA ASN A 59 10.86 -3.14 6.11
C ASN A 59 9.68 -3.92 6.72
N LYS A 60 9.15 -3.51 7.88
CA LYS A 60 7.98 -4.15 8.50
C LYS A 60 6.71 -3.88 7.69
N VAL A 61 6.52 -2.65 7.20
CA VAL A 61 5.39 -2.27 6.34
C VAL A 61 5.37 -3.09 5.05
N ARG A 62 6.52 -3.34 4.40
CA ARG A 62 6.60 -4.18 3.19
C ARG A 62 6.04 -5.60 3.43
N ARG A 63 6.37 -6.21 4.58
CA ARG A 63 5.84 -7.51 5.01
C ARG A 63 4.34 -7.42 5.34
N TYR A 64 3.93 -6.41 6.10
CA TYR A 64 2.52 -6.18 6.45
C TYR A 64 1.64 -6.03 5.20
N MET A 65 2.09 -5.25 4.21
CA MET A 65 1.41 -5.05 2.92
C MET A 65 1.26 -6.37 2.14
N ALA A 66 2.30 -7.21 2.13
CA ALA A 66 2.27 -8.53 1.48
C ALA A 66 1.27 -9.49 2.19
N ILE A 67 1.22 -9.47 3.52
CA ILE A 67 0.27 -10.26 4.33
C ILE A 67 -1.18 -9.79 4.08
N ASN A 68 -1.39 -8.47 4.00
CA ASN A 68 -2.68 -7.81 3.76
C ASN A 68 -3.12 -7.82 2.27
N GLN A 69 -2.38 -8.48 1.37
CA GLN A 69 -2.65 -8.57 -0.07
C GLN A 69 -3.87 -9.46 -0.39
N GLY A 70 -5.08 -8.94 -0.18
CA GLY A 70 -6.37 -9.61 -0.42
C GLY A 70 -7.55 -8.64 -0.45
N GLU A 71 -8.74 -9.14 -0.79
CA GLU A 71 -9.98 -8.35 -0.92
C GLU A 71 -11.26 -9.09 -0.47
N ASP A 72 -11.12 -10.20 0.26
CA ASP A 72 -12.23 -11.04 0.75
C ASP A 72 -11.96 -11.68 2.12
N SER A 73 -13.03 -12.07 2.81
CA SER A 73 -13.03 -12.70 4.15
C SER A 73 -14.09 -13.80 4.31
N VAL A 74 -14.68 -14.25 3.19
CA VAL A 74 -15.74 -15.28 3.10
C VAL A 74 -15.55 -16.16 1.84
N PRO A 75 -16.06 -17.41 1.81
CA PRO A 75 -15.92 -18.30 0.65
C PRO A 75 -16.71 -17.85 -0.59
N ALA A 76 -17.75 -17.03 -0.42
CA ALA A 76 -18.58 -16.49 -1.51
C ALA A 76 -17.90 -15.29 -2.23
N LYS A 77 -18.32 -15.01 -3.47
CA LYS A 77 -17.79 -13.91 -4.31
C LYS A 77 -18.87 -12.96 -4.88
N LYS A 78 -20.16 -13.33 -4.81
CA LYS A 78 -21.32 -12.56 -5.28
C LYS A 78 -22.58 -12.95 -4.50
N PHE A 79 -23.55 -12.04 -4.41
CA PHE A 79 -24.81 -12.21 -3.64
C PHE A 79 -26.06 -11.79 -4.43
N LYS A 80 -26.05 -11.95 -5.77
CA LYS A 80 -27.16 -11.62 -6.68
C LYS A 80 -28.47 -12.36 -6.33
N ALA A 81 -29.61 -11.76 -6.70
CA ALA A 81 -30.95 -12.28 -6.44
C ALA A 81 -31.97 -12.01 -7.58
N ALA A 82 -31.50 -11.87 -8.82
CA ALA A 82 -32.34 -11.60 -10.00
C ALA A 82 -33.43 -12.68 -10.22
N PRO A 83 -34.65 -12.30 -10.68
CA PRO A 83 -35.75 -13.23 -10.91
C PRO A 83 -35.56 -14.12 -12.16
N ALA A 84 -36.26 -15.26 -12.17
CA ALA A 84 -36.24 -16.26 -13.26
C ALA A 84 -37.60 -16.99 -13.44
N GLU A 85 -38.69 -16.46 -12.89
CA GLU A 85 -40.05 -17.05 -12.96
C GLU A 85 -40.65 -17.02 -14.38
N ILE A 86 -41.58 -17.95 -14.64
CA ILE A 86 -42.31 -18.05 -15.92
C ILE A 86 -43.26 -16.85 -16.10
N SER A 87 -43.34 -16.30 -17.30
CA SER A 87 -44.21 -15.16 -17.65
C SER A 87 -45.71 -15.47 -17.50
N ASP A 88 -46.48 -14.46 -17.07
CA ASP A 88 -47.95 -14.50 -16.99
C ASP A 88 -48.64 -14.64 -18.36
N GLY A 89 -47.85 -14.57 -19.44
CA GLY A 89 -48.27 -14.75 -20.84
C GLY A 89 -47.76 -16.08 -21.44
N GLU A 90 -47.15 -16.95 -20.64
CA GLU A 90 -46.61 -18.25 -21.07
C GLU A 90 -47.05 -19.43 -20.19
N ASP A 91 -47.34 -19.23 -18.89
CA ASP A 91 -47.81 -20.28 -17.99
C ASP A 91 -49.26 -20.76 -18.28
N ARG A 92 -50.04 -19.93 -18.98
CA ARG A 92 -51.46 -20.14 -19.34
C ARG A 92 -51.76 -21.36 -20.25
N SER A 93 -50.73 -22.09 -20.66
CA SER A 93 -50.80 -23.32 -21.47
C SER A 93 -49.91 -24.45 -20.90
N LYS A 94 -49.50 -24.32 -19.64
CA LYS A 94 -48.64 -25.28 -18.91
C LYS A 94 -49.31 -25.89 -17.68
N CYS A 95 -50.36 -25.24 -17.17
CA CYS A 95 -51.11 -25.65 -15.99
C CYS A 95 -52.64 -25.49 -16.15
N CYS A 96 -53.39 -26.11 -15.24
CA CYS A 96 -54.86 -26.12 -15.20
C CYS A 96 -55.34 -26.13 -13.74
N PRO A 97 -55.56 -24.96 -13.09
CA PRO A 97 -56.02 -24.90 -11.71
C PRO A 97 -57.47 -25.41 -11.52
N VAL A 98 -58.27 -25.42 -12.60
CA VAL A 98 -59.65 -25.96 -12.64
C VAL A 98 -59.69 -27.45 -12.27
N CYS A 99 -58.60 -28.18 -12.56
CA CYS A 99 -58.42 -29.62 -12.31
C CYS A 99 -57.18 -29.96 -11.45
N ASN A 100 -56.35 -28.95 -11.16
CA ASN A 100 -55.09 -28.97 -10.43
C ASN A 100 -54.06 -29.93 -11.06
N MET A 101 -53.75 -29.70 -12.34
CA MET A 101 -52.80 -30.50 -13.15
C MET A 101 -51.89 -29.61 -14.03
N THR A 102 -50.89 -30.24 -14.66
CA THR A 102 -49.90 -29.61 -15.56
C THR A 102 -49.73 -30.39 -16.87
N PHE A 103 -49.14 -29.76 -17.89
CA PHE A 103 -48.94 -30.32 -19.23
C PHE A 103 -47.50 -30.17 -19.75
N SER A 104 -47.05 -31.16 -20.54
CA SER A 104 -45.71 -31.18 -21.16
C SER A 104 -45.56 -30.30 -22.42
N SER A 105 -46.68 -29.88 -23.03
CA SER A 105 -46.72 -29.06 -24.25
C SER A 105 -48.03 -28.26 -24.34
N PRO A 106 -48.03 -27.02 -24.89
CA PRO A 106 -49.24 -26.22 -25.09
C PRO A 106 -50.37 -26.95 -25.83
N VAL A 107 -50.04 -27.83 -26.79
CA VAL A 107 -51.05 -28.59 -27.55
C VAL A 107 -51.83 -29.54 -26.64
N VAL A 108 -51.17 -30.15 -25.66
CA VAL A 108 -51.82 -31.03 -24.66
C VAL A 108 -52.78 -30.22 -23.80
N ALA A 109 -52.40 -28.98 -23.43
CA ALA A 109 -53.27 -28.07 -22.68
C ALA A 109 -54.53 -27.73 -23.49
N GLU A 110 -54.37 -27.34 -24.77
CA GLU A 110 -55.52 -27.03 -25.66
C GLU A 110 -56.47 -28.23 -25.80
N SER A 111 -55.95 -29.45 -25.97
CA SER A 111 -56.76 -30.67 -26.04
C SER A 111 -57.48 -30.96 -24.72
N HIS A 112 -56.82 -30.74 -23.58
CA HIS A 112 -57.44 -30.94 -22.26
C HIS A 112 -58.62 -29.98 -22.04
N TYR A 113 -58.46 -28.68 -22.32
CA TYR A 113 -59.49 -27.65 -22.13
C TYR A 113 -60.81 -27.90 -22.89
N ILE A 114 -60.84 -28.82 -23.87
CA ILE A 114 -62.04 -29.20 -24.64
C ILE A 114 -62.48 -30.67 -24.42
N GLY A 115 -61.79 -31.41 -23.55
CA GLY A 115 -62.11 -32.80 -23.21
C GLY A 115 -63.09 -32.92 -22.05
N LYS A 116 -63.86 -34.02 -22.00
CA LYS A 116 -64.89 -34.24 -20.96
C LYS A 116 -64.36 -34.21 -19.52
N THR A 117 -63.10 -34.59 -19.29
CA THR A 117 -62.45 -34.52 -17.96
C THR A 117 -62.45 -33.09 -17.42
N HIS A 118 -62.11 -32.11 -18.28
CA HIS A 118 -62.15 -30.69 -17.95
C HIS A 118 -63.58 -30.18 -17.80
N ILE A 119 -64.48 -30.57 -18.71
CA ILE A 119 -65.91 -30.18 -18.72
C ILE A 119 -66.62 -30.62 -17.43
N LYS A 120 -66.30 -31.80 -16.88
CA LYS A 120 -66.82 -32.27 -15.59
C LYS A 120 -66.46 -31.26 -14.48
N ASN A 121 -65.22 -30.77 -14.49
CA ASN A 121 -64.76 -29.76 -13.54
C ASN A 121 -65.38 -28.37 -13.80
N LEU A 122 -65.69 -27.98 -15.05
CA LEU A 122 -66.40 -26.71 -15.33
C LEU A 122 -67.71 -26.64 -14.53
N ARG A 123 -68.45 -27.76 -14.48
CA ARG A 123 -69.70 -27.92 -13.73
C ARG A 123 -69.45 -27.82 -12.21
N LEU A 124 -68.40 -28.48 -11.69
CA LEU A 124 -68.02 -28.43 -10.28
C LEU A 124 -67.59 -27.01 -9.83
N ARG A 125 -66.93 -26.25 -10.71
CA ARG A 125 -66.53 -24.84 -10.51
C ARG A 125 -67.68 -23.85 -10.78
N GLU A 126 -68.80 -24.33 -11.32
CA GLU A 126 -70.00 -23.56 -11.71
C GLU A 126 -69.68 -22.40 -12.67
N GLN A 127 -68.67 -22.58 -13.53
CA GLN A 127 -68.13 -21.59 -14.48
C GLN A 127 -67.82 -22.24 -15.84
N ALA A 1 -2.27 -24.27 -13.53
CA ALA A 1 -1.60 -23.13 -14.19
C ALA A 1 -1.32 -21.98 -13.20
N ASP A 2 -0.48 -21.03 -13.60
CA ASP A 2 -0.09 -19.85 -12.82
C ASP A 2 0.27 -18.65 -13.73
N GLU A 3 0.22 -17.44 -13.18
CA GLU A 3 0.53 -16.16 -13.83
C GLU A 3 1.20 -15.12 -12.89
N PHE A 4 1.53 -15.51 -11.66
CA PHE A 4 2.17 -14.63 -10.66
C PHE A 4 3.66 -14.37 -10.96
N GLY A 5 4.21 -13.30 -10.37
CA GLY A 5 5.61 -12.87 -10.49
C GLY A 5 5.98 -11.79 -9.49
N ASN A 6 7.27 -11.43 -9.43
CA ASN A 6 7.80 -10.42 -8.50
C ASN A 6 7.19 -9.01 -8.72
N GLY A 7 7.02 -8.28 -7.62
CA GLY A 7 6.49 -6.91 -7.57
C GLY A 7 6.90 -6.16 -6.29
N ASP A 8 7.93 -6.63 -5.57
CA ASP A 8 8.44 -6.03 -4.33
C ASP A 8 9.05 -4.63 -4.56
N ALA A 9 8.66 -3.65 -3.73
CA ALA A 9 9.11 -2.26 -3.79
C ALA A 9 9.00 -1.54 -2.42
N LEU A 10 9.64 -0.38 -2.31
CA LEU A 10 9.65 0.49 -1.14
C LEU A 10 9.94 1.94 -1.56
N ASP A 11 9.22 2.90 -0.96
CA ASP A 11 9.32 4.34 -1.22
C ASP A 11 9.11 5.15 0.09
N LEU A 12 9.87 4.81 1.13
CA LEU A 12 9.81 5.39 2.47
C LEU A 12 9.99 6.94 2.51
N PRO A 13 9.36 7.65 3.48
CA PRO A 13 9.50 9.10 3.65
C PRO A 13 10.96 9.61 3.82
N VAL A 14 11.17 10.89 3.50
CA VAL A 14 12.46 11.60 3.62
C VAL A 14 12.30 13.06 4.09
N GLY A 15 11.16 13.34 4.74
CA GLY A 15 10.78 14.65 5.29
C GLY A 15 9.34 14.66 5.82
N LYS A 16 8.98 15.69 6.60
CA LYS A 16 7.64 15.83 7.22
C LYS A 16 6.49 15.79 6.21
N ASP A 17 6.67 16.37 5.02
CA ASP A 17 5.64 16.36 3.96
C ASP A 17 5.26 14.92 3.55
N ALA A 18 6.26 14.06 3.36
CA ALA A 18 6.04 12.64 3.03
C ALA A 18 5.46 11.87 4.22
N VAL A 19 5.92 12.12 5.46
CA VAL A 19 5.38 11.46 6.66
C VAL A 19 3.90 11.82 6.86
N ASN A 20 3.54 13.10 6.74
CA ASN A 20 2.16 13.57 6.85
C ASN A 20 1.27 12.94 5.76
N SER A 21 1.74 12.88 4.51
CA SER A 21 0.98 12.22 3.42
C SER A 21 0.87 10.71 3.63
N LEU A 22 1.91 10.03 4.11
CA LEU A 22 1.87 8.60 4.41
C LEU A 22 0.80 8.29 5.47
N ILE A 23 0.72 9.11 6.53
CA ILE A 23 -0.29 9.03 7.58
C ILE A 23 -1.69 9.28 6.99
N ARG A 24 -1.86 10.37 6.22
CA ARG A 24 -3.11 10.78 5.57
C ARG A 24 -3.69 9.71 4.63
N GLU A 25 -2.85 9.09 3.80
CA GLU A 25 -3.24 8.03 2.85
C GLU A 25 -3.49 6.67 3.52
N ASN A 26 -3.06 6.46 4.77
CA ASN A 26 -3.17 5.20 5.51
C ASN A 26 -3.67 5.39 6.95
N SER A 27 -4.67 6.26 7.14
CA SER A 27 -5.27 6.60 8.45
C SER A 27 -5.79 5.39 9.26
N HIS A 28 -6.02 4.25 8.61
CA HIS A 28 -6.46 2.99 9.23
C HIS A 28 -5.35 2.25 9.99
N ILE A 29 -4.07 2.54 9.71
CA ILE A 29 -2.89 1.90 10.34
C ILE A 29 -1.83 2.87 10.88
N PHE A 30 -1.84 4.14 10.47
CA PHE A 30 -0.91 5.18 10.90
C PHE A 30 -1.68 6.44 11.36
N SER A 31 -1.12 7.17 12.32
CA SER A 31 -1.65 8.43 12.83
C SER A 31 -0.52 9.34 13.32
N ASP A 32 -0.85 10.60 13.62
CA ASP A 32 0.11 11.57 14.16
C ASP A 32 0.63 11.19 15.56
N THR A 33 0.04 10.18 16.21
CA THR A 33 0.38 9.74 17.57
C THR A 33 0.58 8.22 17.75
N GLN A 34 0.41 7.39 16.72
CA GLN A 34 0.60 5.93 16.82
C GLN A 34 0.79 5.22 15.46
N CYS A 35 1.61 4.16 15.44
CA CYS A 35 1.80 3.28 14.29
C CYS A 35 1.33 1.86 14.67
N LYS A 36 0.27 1.34 14.03
CA LYS A 36 -0.26 -0.01 14.33
C LYS A 36 0.59 -1.14 13.78
N VAL A 37 1.20 -0.97 12.60
CA VAL A 37 2.08 -1.99 11.96
C VAL A 37 3.25 -2.36 12.86
N CYS A 38 3.80 -1.37 13.58
CA CYS A 38 4.90 -1.52 14.53
C CYS A 38 4.41 -1.49 16.00
N SER A 39 3.09 -1.49 16.21
CA SER A 39 2.35 -1.42 17.47
C SER A 39 3.03 -0.55 18.55
N ALA A 40 3.30 0.71 18.19
CA ALA A 40 4.02 1.68 19.03
C ALA A 40 3.38 3.07 19.01
N VAL A 41 3.42 3.76 20.16
CA VAL A 41 2.91 5.12 20.36
C VAL A 41 4.01 6.14 20.01
N LEU A 42 3.59 7.30 19.51
CA LEU A 42 4.41 8.41 19.02
C LEU A 42 3.99 9.71 19.74
N ILE A 43 4.41 9.84 21.00
CA ILE A 43 4.05 10.93 21.93
C ILE A 43 4.33 12.37 21.47
N SER A 44 5.13 12.58 20.41
CA SER A 44 5.44 13.89 19.82
C SER A 44 5.86 13.75 18.35
N GLU A 45 5.74 14.84 17.58
CA GLU A 45 6.08 14.88 16.15
C GLU A 45 7.54 14.47 15.87
N SER A 46 8.51 14.81 16.73
CA SER A 46 9.91 14.38 16.55
C SER A 46 10.05 12.85 16.59
N GLN A 47 9.34 12.16 17.50
CA GLN A 47 9.31 10.69 17.53
C GLN A 47 8.57 10.14 16.31
N LYS A 48 7.46 10.77 15.89
CA LYS A 48 6.71 10.37 14.68
C LYS A 48 7.60 10.44 13.45
N LEU A 49 8.32 11.54 13.26
CA LEU A 49 9.24 11.76 12.14
C LEU A 49 10.37 10.71 12.13
N ALA A 50 10.95 10.39 13.28
CA ALA A 50 12.00 9.37 13.36
C ALA A 50 11.45 7.95 13.09
N HIS A 51 10.29 7.61 13.64
CA HIS A 51 9.67 6.30 13.45
C HIS A 51 9.26 6.06 11.99
N TYR A 52 8.53 6.98 11.36
CA TYR A 52 8.07 6.83 9.97
C TYR A 52 9.22 6.82 8.93
N GLN A 53 10.41 7.33 9.28
CA GLN A 53 11.60 7.31 8.41
C GLN A 53 12.57 6.15 8.74
N SER A 54 12.38 5.46 9.87
CA SER A 54 13.22 4.33 10.29
C SER A 54 13.20 3.19 9.27
N ARG A 55 14.38 2.61 8.99
CA ARG A 55 14.52 1.48 8.06
C ARG A 55 13.80 0.23 8.57
N LYS A 56 13.70 0.05 9.90
CA LYS A 56 12.96 -1.06 10.53
C LYS A 56 11.46 -0.93 10.27
N HIS A 57 10.91 0.27 10.44
CA HIS A 57 9.51 0.58 10.13
C HIS A 57 9.24 0.39 8.64
N ALA A 58 10.09 0.94 7.77
CA ALA A 58 9.96 0.86 6.33
C ALA A 58 9.92 -0.59 5.83
N ASN A 59 10.86 -1.44 6.29
CA ASN A 59 10.88 -2.86 5.93
C ASN A 59 9.63 -3.59 6.46
N LYS A 60 9.24 -3.36 7.72
CA LYS A 60 8.05 -3.98 8.32
C LYS A 60 6.78 -3.62 7.54
N VAL A 61 6.61 -2.35 7.14
CA VAL A 61 5.46 -1.90 6.32
C VAL A 61 5.49 -2.58 4.95
N ARG A 62 6.64 -2.66 4.28
CA ARG A 62 6.79 -3.36 2.98
C ARG A 62 6.41 -4.84 3.11
N ARG A 63 6.85 -5.52 4.17
CA ARG A 63 6.50 -6.93 4.46
C ARG A 63 5.01 -7.10 4.78
N TYR A 64 4.45 -6.21 5.59
CA TYR A 64 3.04 -6.19 5.98
C TYR A 64 2.12 -5.95 4.77
N MET A 65 2.44 -5.00 3.89
CA MET A 65 1.68 -4.73 2.66
C MET A 65 1.63 -5.97 1.74
N ALA A 66 2.74 -6.70 1.61
CA ALA A 66 2.80 -7.95 0.85
C ALA A 66 1.92 -9.07 1.47
N ILE A 67 1.84 -9.14 2.81
CA ILE A 67 1.00 -10.11 3.54
C ILE A 67 -0.50 -9.72 3.45
N ASN A 68 -0.80 -8.42 3.52
CA ASN A 68 -2.16 -7.86 3.48
C ASN A 68 -2.90 -8.13 2.14
N GLN A 69 -2.18 -8.26 1.03
CA GLN A 69 -2.75 -8.56 -0.30
C GLN A 69 -3.44 -9.94 -0.29
N GLY A 70 -4.70 -10.00 -0.74
CA GLY A 70 -5.49 -11.24 -0.78
C GLY A 70 -6.98 -11.01 -1.09
N GLU A 71 -7.79 -12.05 -0.82
CA GLU A 71 -9.25 -12.06 -1.02
C GLU A 71 -10.00 -11.19 -0.01
N ASP A 72 -9.99 -9.87 -0.22
CA ASP A 72 -10.64 -8.85 0.62
C ASP A 72 -12.17 -9.05 0.80
N SER A 73 -12.83 -9.66 -0.19
CA SER A 73 -14.27 -9.97 -0.22
C SER A 73 -14.53 -11.31 -0.91
N VAL A 74 -15.74 -11.86 -0.77
CA VAL A 74 -16.17 -13.16 -1.34
C VAL A 74 -17.57 -13.07 -1.96
N PRO A 75 -17.91 -13.91 -2.97
CA PRO A 75 -19.22 -13.93 -3.63
C PRO A 75 -20.34 -14.60 -2.79
N ALA A 76 -20.00 -15.21 -1.66
CA ALA A 76 -20.94 -15.90 -0.75
C ALA A 76 -21.99 -14.95 -0.11
N LYS A 77 -23.01 -15.53 0.52
CA LYS A 77 -24.11 -14.79 1.20
C LYS A 77 -23.64 -13.89 2.36
N LYS A 78 -22.58 -14.31 3.07
CA LYS A 78 -21.97 -13.56 4.20
C LYS A 78 -21.28 -12.25 3.76
N PHE A 79 -20.92 -11.41 4.74
CA PHE A 79 -20.25 -10.12 4.51
C PHE A 79 -19.18 -9.81 5.58
N LYS A 80 -18.45 -8.71 5.40
CA LYS A 80 -17.38 -8.20 6.28
C LYS A 80 -17.83 -7.99 7.74
N ALA A 81 -16.86 -8.08 8.66
CA ALA A 81 -17.06 -7.85 10.09
C ALA A 81 -17.32 -6.35 10.42
N ALA A 82 -17.64 -6.06 11.69
CA ALA A 82 -17.90 -4.71 12.21
C ALA A 82 -17.32 -4.53 13.64
N PRO A 83 -16.95 -3.30 14.04
CA PRO A 83 -16.38 -3.02 15.37
C PRO A 83 -17.42 -3.12 16.50
N ALA A 84 -16.93 -3.23 17.74
CA ALA A 84 -17.71 -3.34 18.98
C ALA A 84 -17.16 -2.46 20.13
N GLU A 85 -16.29 -1.49 19.83
CA GLU A 85 -15.65 -0.57 20.79
C GLU A 85 -16.59 0.52 21.34
N ILE A 86 -17.84 0.56 20.89
CA ILE A 86 -18.90 1.50 21.28
C ILE A 86 -20.17 0.70 21.59
N SER A 87 -20.78 0.93 22.76
CA SER A 87 -22.00 0.23 23.21
C SER A 87 -23.22 0.43 22.28
N ASP A 88 -23.37 1.63 21.72
CA ASP A 88 -24.45 1.97 20.77
C ASP A 88 -24.27 1.27 19.40
N GLY A 89 -23.03 1.24 18.89
CA GLY A 89 -22.64 0.58 17.64
C GLY A 89 -22.99 1.32 16.33
N GLU A 90 -23.72 2.44 16.37
CA GLU A 90 -24.16 3.20 15.17
C GLU A 90 -23.92 4.73 15.29
N ASP A 91 -23.26 5.18 16.36
CA ASP A 91 -22.96 6.58 16.73
C ASP A 91 -22.29 7.45 15.64
N ARG A 92 -21.66 6.82 14.63
CA ARG A 92 -21.04 7.41 13.45
C ARG A 92 -21.20 6.43 12.29
N SER A 93 -21.08 6.95 11.07
CA SER A 93 -21.26 6.26 9.77
C SER A 93 -22.70 5.88 9.44
N LYS A 94 -23.65 6.08 10.38
CA LYS A 94 -25.10 5.82 10.24
C LYS A 94 -25.98 6.95 10.80
N CYS A 95 -25.44 7.76 11.71
CA CYS A 95 -26.11 8.93 12.28
C CYS A 95 -25.12 10.05 12.65
N CYS A 96 -25.67 11.21 13.02
CA CYS A 96 -24.94 12.40 13.42
C CYS A 96 -25.71 13.15 14.53
N PRO A 97 -25.43 12.91 15.83
CA PRO A 97 -26.12 13.59 16.92
C PRO A 97 -25.83 15.09 16.99
N VAL A 98 -24.70 15.56 16.43
CA VAL A 98 -24.32 17.00 16.37
C VAL A 98 -25.34 17.79 15.53
N CYS A 99 -25.95 17.15 14.53
CA CYS A 99 -26.95 17.73 13.63
C CYS A 99 -28.35 17.11 13.80
N ASN A 100 -28.43 16.02 14.56
CA ASN A 100 -29.60 15.18 14.84
C ASN A 100 -30.24 14.61 13.56
N MET A 101 -29.44 13.86 12.79
CA MET A 101 -29.81 13.22 11.52
C MET A 101 -29.30 11.78 11.39
N THR A 102 -29.80 11.05 10.38
CA THR A 102 -29.44 9.65 10.04
C THR A 102 -29.14 9.51 8.55
N PHE A 103 -28.36 8.47 8.18
CA PHE A 103 -27.90 8.21 6.81
C PHE A 103 -28.13 6.75 6.39
N SER A 104 -28.40 6.53 5.10
CA SER A 104 -28.63 5.20 4.51
C SER A 104 -27.36 4.38 4.25
N SER A 105 -26.18 5.02 4.24
CA SER A 105 -24.88 4.39 3.98
C SER A 105 -23.70 5.22 4.51
N PRO A 106 -22.58 4.60 4.95
CA PRO A 106 -21.36 5.31 5.37
C PRO A 106 -20.87 6.34 4.33
N VAL A 107 -21.10 6.10 3.04
CA VAL A 107 -20.73 7.01 1.94
C VAL A 107 -21.49 8.35 2.05
N VAL A 108 -22.76 8.30 2.45
CA VAL A 108 -23.59 9.49 2.68
C VAL A 108 -23.16 10.18 3.98
N ALA A 109 -22.86 9.40 5.02
CA ALA A 109 -22.40 9.92 6.31
C ALA A 109 -21.08 10.71 6.18
N GLU A 110 -20.05 10.14 5.53
CA GLU A 110 -18.77 10.84 5.33
C GLU A 110 -18.94 12.10 4.47
N SER A 111 -19.76 12.01 3.42
CA SER A 111 -20.08 13.16 2.54
C SER A 111 -20.74 14.29 3.33
N HIS A 112 -21.60 13.96 4.30
CA HIS A 112 -22.22 14.95 5.19
C HIS A 112 -21.17 15.56 6.14
N TYR A 113 -20.36 14.75 6.82
CA TYR A 113 -19.33 15.23 7.77
C TYR A 113 -18.35 16.25 7.15
N ILE A 114 -17.98 16.10 5.87
CA ILE A 114 -17.07 17.04 5.17
C ILE A 114 -17.79 18.24 4.53
N GLY A 115 -19.13 18.28 4.55
CA GLY A 115 -19.94 19.36 3.98
C GLY A 115 -20.24 20.49 4.96
N LYS A 116 -20.59 21.67 4.43
CA LYS A 116 -20.90 22.87 5.24
C LYS A 116 -22.09 22.70 6.18
N THR A 117 -23.04 21.81 5.87
CA THR A 117 -24.19 21.50 6.74
C THR A 117 -23.73 21.02 8.12
N HIS A 118 -22.69 20.19 8.17
CA HIS A 118 -22.09 19.71 9.41
C HIS A 118 -21.34 20.85 10.12
N ILE A 119 -20.53 21.61 9.38
CA ILE A 119 -19.73 22.75 9.90
C ILE A 119 -20.62 23.85 10.51
N LYS A 120 -21.79 24.14 9.92
CA LYS A 120 -22.78 25.09 10.48
C LYS A 120 -23.22 24.64 11.88
N ASN A 121 -23.41 23.33 12.07
CA ASN A 121 -23.75 22.73 13.37
C ASN A 121 -22.53 22.69 14.33
N LEU A 122 -21.28 22.56 13.83
CA LEU A 122 -20.09 22.65 14.70
C LEU A 122 -20.06 24.04 15.37
N ARG A 123 -20.25 25.11 14.58
CA ARG A 123 -20.31 26.50 15.05
C ARG A 123 -21.44 26.71 16.06
N LEU A 124 -22.60 26.10 15.82
CA LEU A 124 -23.79 26.13 16.70
C LEU A 124 -23.56 25.46 18.07
N ARG A 125 -22.47 24.69 18.25
CA ARG A 125 -22.07 24.04 19.52
C ARG A 125 -20.83 24.71 20.12
N GLU A 126 -19.93 25.21 19.29
CA GLU A 126 -18.73 25.97 19.68
C GLU A 126 -19.10 27.33 20.31
N GLN A 127 -20.14 27.99 19.78
CA GLN A 127 -20.61 29.32 20.18
C GLN A 127 -22.13 29.38 20.35
N ALA A 1 10.15 8.19 -17.70
CA ALA A 1 11.12 8.60 -16.67
C ALA A 1 12.57 8.73 -17.20
N ASP A 2 12.76 8.71 -18.53
CA ASP A 2 14.06 8.81 -19.23
C ASP A 2 14.67 10.23 -19.21
N GLU A 3 14.63 10.91 -18.06
CA GLU A 3 15.15 12.27 -17.84
C GLU A 3 15.62 12.49 -16.39
N PHE A 4 14.83 12.06 -15.40
CA PHE A 4 15.14 12.19 -13.97
C PHE A 4 14.40 11.13 -13.13
N GLY A 5 14.96 10.79 -11.96
CA GLY A 5 14.39 9.84 -10.99
C GLY A 5 15.28 9.64 -9.76
N ASN A 6 14.76 8.92 -8.77
CA ASN A 6 15.45 8.63 -7.49
C ASN A 6 15.23 7.18 -6.96
N GLY A 7 14.71 6.28 -7.79
CA GLY A 7 14.44 4.88 -7.44
C GLY A 7 13.13 4.65 -6.66
N ASP A 8 12.76 3.37 -6.48
CA ASP A 8 11.53 2.92 -5.80
C ASP A 8 11.70 1.65 -4.96
N ALA A 9 12.95 1.18 -4.75
CA ALA A 9 13.30 -0.03 -4.01
C ALA A 9 13.20 0.09 -2.46
N LEU A 10 12.63 1.18 -1.93
CA LEU A 10 12.50 1.45 -0.49
C LEU A 10 11.16 2.15 -0.17
N ASP A 11 10.33 1.50 0.63
CA ASP A 11 9.02 1.99 1.08
C ASP A 11 9.13 2.97 2.29
N LEU A 12 9.82 4.10 2.09
CA LEU A 12 10.00 5.14 3.14
C LEU A 12 9.80 6.58 2.62
N PRO A 13 9.19 7.47 3.43
CA PRO A 13 9.00 8.89 3.13
C PRO A 13 10.30 9.70 3.38
N VAL A 14 10.29 10.97 2.96
CA VAL A 14 11.40 11.93 3.15
C VAL A 14 10.83 13.30 3.53
N GLY A 15 11.06 13.73 4.77
CA GLY A 15 10.59 15.01 5.31
C GLY A 15 9.14 15.01 5.83
N LYS A 16 8.74 16.10 6.52
CA LYS A 16 7.41 16.23 7.13
C LYS A 16 6.26 16.06 6.15
N ASP A 17 6.37 16.64 4.96
CA ASP A 17 5.34 16.58 3.90
C ASP A 17 5.02 15.14 3.49
N ALA A 18 6.04 14.32 3.25
CA ALA A 18 5.87 12.92 2.90
C ALA A 18 5.32 12.09 4.07
N VAL A 19 5.81 12.31 5.30
CA VAL A 19 5.31 11.61 6.49
C VAL A 19 3.83 11.94 6.75
N ASN A 20 3.44 13.22 6.68
CA ASN A 20 2.05 13.64 6.83
C ASN A 20 1.14 13.02 5.73
N SER A 21 1.62 12.97 4.49
CA SER A 21 0.90 12.34 3.37
C SER A 21 0.75 10.82 3.59
N LEU A 22 1.81 10.14 4.02
CA LEU A 22 1.81 8.71 4.33
C LEU A 22 0.82 8.36 5.45
N ILE A 23 0.77 9.20 6.49
CA ILE A 23 -0.19 9.08 7.60
C ILE A 23 -1.63 9.23 7.07
N ARG A 24 -1.90 10.29 6.28
CA ARG A 24 -3.24 10.55 5.71
C ARG A 24 -3.73 9.45 4.78
N GLU A 25 -2.86 8.92 3.93
CA GLU A 25 -3.19 7.84 2.97
C GLU A 25 -3.40 6.47 3.65
N ASN A 26 -2.99 6.32 4.92
CA ASN A 26 -3.08 5.07 5.70
C ASN A 26 -3.63 5.32 7.11
N SER A 27 -4.62 6.23 7.24
CA SER A 27 -5.24 6.63 8.51
C SER A 27 -5.78 5.48 9.38
N HIS A 28 -6.03 4.31 8.79
CA HIS A 28 -6.48 3.09 9.47
C HIS A 28 -5.38 2.38 10.27
N ILE A 29 -4.10 2.66 9.99
CA ILE A 29 -2.92 2.03 10.63
C ILE A 29 -1.83 3.02 11.09
N PHE A 30 -1.80 4.25 10.57
CA PHE A 30 -0.83 5.29 10.92
C PHE A 30 -1.58 6.56 11.37
N SER A 31 -1.04 7.26 12.36
CA SER A 31 -1.58 8.52 12.88
C SER A 31 -0.45 9.42 13.38
N ASP A 32 -0.78 10.68 13.72
CA ASP A 32 0.17 11.64 14.29
C ASP A 32 0.70 11.22 15.68
N THR A 33 0.12 10.19 16.31
CA THR A 33 0.46 9.72 17.67
C THR A 33 0.67 8.21 17.81
N GLN A 34 0.47 7.39 16.77
CA GLN A 34 0.66 5.93 16.85
C GLN A 34 0.85 5.24 15.49
N CYS A 35 1.67 4.19 15.44
CA CYS A 35 1.86 3.31 14.29
C CYS A 35 1.42 1.88 14.69
N LYS A 36 0.35 1.36 14.08
CA LYS A 36 -0.19 0.01 14.39
C LYS A 36 0.62 -1.12 13.77
N VAL A 37 1.22 -0.92 12.58
CA VAL A 37 2.07 -1.92 11.90
C VAL A 37 3.28 -2.31 12.77
N CYS A 38 3.75 -1.37 13.60
CA CYS A 38 4.88 -1.53 14.52
C CYS A 38 4.44 -1.49 15.99
N SER A 39 3.12 -1.51 16.25
CA SER A 39 2.42 -1.45 17.54
C SER A 39 3.13 -0.55 18.58
N ALA A 40 3.37 0.69 18.19
CA ALA A 40 4.11 1.68 18.99
C ALA A 40 3.48 3.08 18.98
N VAL A 41 3.58 3.77 20.12
CA VAL A 41 3.09 5.14 20.32
C VAL A 41 4.18 6.14 19.91
N LEU A 42 3.74 7.29 19.40
CA LEU A 42 4.55 8.39 18.86
C LEU A 42 4.24 9.67 19.66
N ILE A 43 4.82 9.75 20.87
CA ILE A 43 4.61 10.81 21.89
C ILE A 43 4.80 12.28 21.43
N SER A 44 5.47 12.52 20.30
CA SER A 44 5.71 13.85 19.72
C SER A 44 5.98 13.75 18.22
N GLU A 45 5.85 14.86 17.49
CA GLU A 45 6.14 14.91 16.05
C GLU A 45 7.59 14.47 15.74
N SER A 46 8.57 14.79 16.57
CA SER A 46 9.96 14.33 16.38
C SER A 46 10.05 12.80 16.39
N GLN A 47 9.35 12.14 17.33
CA GLN A 47 9.27 10.69 17.42
C GLN A 47 8.52 10.11 16.20
N LYS A 48 7.43 10.75 15.77
CA LYS A 48 6.66 10.33 14.57
C LYS A 48 7.54 10.39 13.32
N LEU A 49 8.24 11.51 13.12
CA LEU A 49 9.14 11.74 11.98
C LEU A 49 10.28 10.72 11.95
N ALA A 50 10.89 10.41 13.09
CA ALA A 50 11.95 9.41 13.15
C ALA A 50 11.42 7.98 12.93
N HIS A 51 10.28 7.62 13.53
CA HIS A 51 9.69 6.28 13.37
C HIS A 51 9.27 6.03 11.91
N TYR A 52 8.50 6.94 11.29
CA TYR A 52 8.04 6.78 9.90
C TYR A 52 9.18 6.79 8.87
N GLN A 53 10.38 7.29 9.20
CA GLN A 53 11.56 7.32 8.32
C GLN A 53 12.62 6.25 8.69
N SER A 54 12.41 5.48 9.76
CA SER A 54 13.35 4.43 10.22
C SER A 54 13.37 3.18 9.33
N ARG A 55 14.55 2.59 9.13
CA ARG A 55 14.73 1.31 8.41
C ARG A 55 14.03 0.14 9.12
N LYS A 56 13.90 0.21 10.45
CA LYS A 56 13.19 -0.79 11.29
C LYS A 56 11.68 -0.77 11.01
N HIS A 57 11.12 0.41 10.77
CA HIS A 57 9.72 0.60 10.36
C HIS A 57 9.52 0.08 8.92
N ALA A 58 10.49 0.34 8.02
CA ALA A 58 10.42 -0.12 6.63
C ALA A 58 10.27 -1.65 6.50
N ASN A 59 11.08 -2.43 7.23
CA ASN A 59 10.99 -3.91 7.18
C ASN A 59 9.62 -4.43 7.69
N LYS A 60 8.98 -3.75 8.64
CA LYS A 60 7.62 -4.07 9.10
C LYS A 60 6.57 -3.64 8.06
N VAL A 61 6.74 -2.48 7.42
CA VAL A 61 5.89 -2.03 6.30
C VAL A 61 5.99 -3.00 5.12
N ARG A 62 7.18 -3.58 4.85
CA ARG A 62 7.35 -4.60 3.79
C ARG A 62 6.42 -5.80 3.99
N ARG A 63 6.18 -6.22 5.24
CA ARG A 63 5.23 -7.31 5.57
C ARG A 63 3.81 -6.93 5.14
N TYR A 64 3.37 -5.73 5.54
CA TYR A 64 2.06 -5.16 5.18
C TYR A 64 1.91 -5.00 3.66
N MET A 65 2.94 -4.51 2.96
CA MET A 65 2.96 -4.36 1.51
C MET A 65 2.89 -5.72 0.80
N ALA A 66 3.69 -6.71 1.20
CA ALA A 66 3.75 -8.05 0.59
C ALA A 66 2.38 -8.77 0.53
N ILE A 67 1.46 -8.47 1.45
CA ILE A 67 0.10 -9.02 1.50
C ILE A 67 -0.76 -8.54 0.31
N ASN A 68 -0.40 -7.43 -0.35
CA ASN A 68 -1.10 -6.87 -1.51
C ASN A 68 -0.20 -6.67 -2.77
N GLN A 69 1.13 -6.83 -2.63
CA GLN A 69 2.12 -6.70 -3.71
C GLN A 69 1.91 -7.78 -4.80
N GLY A 70 2.20 -7.44 -6.06
CA GLY A 70 2.06 -8.34 -7.21
C GLY A 70 2.55 -7.76 -8.55
N GLU A 71 2.22 -8.44 -9.65
CA GLU A 71 2.57 -8.09 -11.03
C GLU A 71 1.46 -8.48 -12.02
N ASP A 72 1.60 -8.09 -13.29
CA ASP A 72 0.64 -8.35 -14.37
C ASP A 72 1.32 -8.59 -15.75
N SER A 73 0.58 -9.12 -16.72
CA SER A 73 1.05 -9.42 -18.08
C SER A 73 -0.08 -9.30 -19.12
N VAL A 74 0.23 -9.50 -20.41
CA VAL A 74 -0.71 -9.40 -21.54
C VAL A 74 -0.37 -10.42 -22.66
N PRO A 75 -1.34 -11.18 -23.20
CA PRO A 75 -1.13 -12.18 -24.27
C PRO A 75 -0.98 -11.53 -25.67
N ALA A 76 -0.07 -10.56 -25.79
CA ALA A 76 0.23 -9.80 -27.02
C ALA A 76 0.98 -10.63 -28.09
N LYS A 77 0.34 -11.68 -28.60
CA LYS A 77 0.86 -12.64 -29.61
C LYS A 77 -0.01 -12.66 -30.87
N LYS A 78 0.54 -13.23 -31.95
CA LYS A 78 -0.10 -13.39 -33.27
C LYS A 78 0.11 -14.82 -33.79
N PHE A 79 -0.85 -15.33 -34.58
CA PHE A 79 -0.88 -16.72 -35.07
C PHE A 79 -1.26 -16.86 -36.57
N LYS A 80 -1.23 -15.76 -37.34
CA LYS A 80 -1.55 -15.72 -38.78
C LYS A 80 -0.71 -14.69 -39.56
N ALA A 81 -0.81 -14.73 -40.89
CA ALA A 81 -0.10 -13.83 -41.81
C ALA A 81 -0.92 -13.56 -43.09
N ALA A 82 -0.46 -12.60 -43.91
CA ALA A 82 -1.11 -12.21 -45.18
C ALA A 82 -1.10 -13.34 -46.24
N PRO A 83 -2.09 -13.37 -47.16
CA PRO A 83 -2.18 -14.38 -48.22
C PRO A 83 -1.11 -14.19 -49.32
N ALA A 84 -0.96 -15.22 -50.17
CA ALA A 84 0.00 -15.27 -51.28
C ALA A 84 -0.58 -15.99 -52.52
N GLU A 85 -1.89 -15.84 -52.75
CA GLU A 85 -2.66 -16.48 -53.85
C GLU A 85 -2.20 -16.13 -55.28
N ILE A 86 -1.42 -15.05 -55.43
CA ILE A 86 -0.85 -14.56 -56.71
C ILE A 86 0.37 -15.42 -57.10
N SER A 87 0.14 -16.72 -57.27
CA SER A 87 1.14 -17.74 -57.62
C SER A 87 0.63 -18.79 -58.63
N ASP A 88 -0.69 -18.88 -58.84
CA ASP A 88 -1.32 -19.81 -59.79
C ASP A 88 -1.06 -19.46 -61.28
N GLY A 89 -0.69 -18.20 -61.57
CA GLY A 89 -0.41 -17.69 -62.92
C GLY A 89 0.12 -16.25 -62.94
N GLU A 90 0.34 -15.73 -64.15
CA GLU A 90 0.84 -14.37 -64.41
C GLU A 90 -0.13 -13.26 -63.95
N ASP A 91 0.40 -12.08 -63.62
CA ASP A 91 -0.33 -10.88 -63.21
C ASP A 91 0.29 -9.60 -63.80
N ARG A 92 -0.54 -8.56 -64.02
CA ARG A 92 -0.17 -7.26 -64.61
C ARG A 92 -0.87 -6.06 -63.94
N SER A 93 -1.15 -6.18 -62.64
CA SER A 93 -1.87 -5.20 -61.80
C SER A 93 -1.26 -3.79 -61.61
N LYS A 94 -0.10 -3.47 -62.20
CA LYS A 94 0.59 -2.17 -62.01
C LYS A 94 1.04 -1.43 -63.28
N CYS A 95 1.22 -2.09 -64.42
CA CYS A 95 1.70 -1.44 -65.66
C CYS A 95 1.06 -1.99 -66.94
N CYS A 96 1.18 -1.22 -68.03
CA CYS A 96 0.72 -1.55 -69.37
C CYS A 96 1.70 -1.01 -70.43
N PRO A 97 2.71 -1.79 -70.87
CA PRO A 97 3.70 -1.36 -71.85
C PRO A 97 3.12 -1.16 -73.27
N VAL A 98 1.96 -1.75 -73.58
CA VAL A 98 1.26 -1.56 -74.87
C VAL A 98 0.87 -0.09 -75.05
N CYS A 99 0.35 0.53 -73.99
CA CYS A 99 -0.06 1.93 -73.95
C CYS A 99 1.00 2.88 -73.34
N ASN A 100 2.04 2.30 -72.73
CA ASN A 100 3.14 2.94 -72.01
C ASN A 100 2.63 3.74 -70.80
N MET A 101 1.89 3.05 -69.92
CA MET A 101 1.27 3.60 -68.71
C MET A 101 1.45 2.72 -67.46
N THR A 102 1.12 3.28 -66.30
CA THR A 102 1.13 2.64 -64.97
C THR A 102 -0.17 2.93 -64.23
N PHE A 103 -0.48 2.16 -63.17
CA PHE A 103 -1.74 2.29 -62.41
C PHE A 103 -1.53 2.37 -60.90
N SER A 104 -2.37 3.14 -60.22
CA SER A 104 -2.34 3.36 -58.76
C SER A 104 -2.89 2.19 -57.93
N SER A 105 -3.67 1.29 -58.54
CA SER A 105 -4.31 0.13 -57.87
C SER A 105 -4.63 -1.00 -58.87
N PRO A 106 -4.59 -2.29 -58.45
CA PRO A 106 -4.99 -3.42 -59.29
C PRO A 106 -6.36 -3.26 -59.95
N VAL A 107 -7.31 -2.60 -59.26
CA VAL A 107 -8.66 -2.33 -59.77
C VAL A 107 -8.61 -1.44 -61.01
N VAL A 108 -7.79 -0.39 -61.00
CA VAL A 108 -7.58 0.51 -62.14
C VAL A 108 -6.95 -0.23 -63.32
N ALA A 109 -5.97 -1.10 -63.03
CA ALA A 109 -5.30 -1.92 -64.05
C ALA A 109 -6.28 -2.85 -64.78
N GLU A 110 -7.06 -3.68 -64.05
CA GLU A 110 -8.03 -4.58 -64.69
C GLU A 110 -9.11 -3.81 -65.48
N SER A 111 -9.64 -2.72 -64.92
CA SER A 111 -10.63 -1.86 -65.59
C SER A 111 -10.08 -1.26 -66.89
N HIS A 112 -8.79 -0.91 -66.96
CA HIS A 112 -8.16 -0.41 -68.18
C HIS A 112 -8.09 -1.53 -69.24
N TYR A 113 -7.58 -2.72 -68.90
CA TYR A 113 -7.46 -3.85 -69.83
C TYR A 113 -8.79 -4.31 -70.44
N ILE A 114 -9.89 -4.29 -69.67
CA ILE A 114 -11.23 -4.67 -70.18
C ILE A 114 -11.98 -3.51 -70.88
N GLY A 115 -11.47 -2.28 -70.79
CA GLY A 115 -12.06 -1.09 -71.39
C GLY A 115 -11.52 -0.75 -72.78
N LYS A 116 -12.29 0.04 -73.55
CA LYS A 116 -11.93 0.43 -74.93
C LYS A 116 -10.66 1.29 -75.04
N THR A 117 -10.20 1.92 -73.96
CA THR A 117 -8.95 2.71 -73.92
C THR A 117 -7.74 1.88 -74.34
N HIS A 118 -7.69 0.61 -73.91
CA HIS A 118 -6.64 -0.34 -74.31
C HIS A 118 -6.79 -0.70 -75.79
N ILE A 119 -8.02 -0.98 -76.23
CA ILE A 119 -8.37 -1.31 -77.63
C ILE A 119 -8.00 -0.18 -78.61
N LYS A 120 -8.19 1.10 -78.23
CA LYS A 120 -7.76 2.25 -79.03
C LYS A 120 -6.26 2.19 -79.33
N ASN A 121 -5.46 1.77 -78.34
CA ASN A 121 -4.03 1.58 -78.49
C ASN A 121 -3.72 0.33 -79.35
N LEU A 122 -4.47 -0.79 -79.21
CA LEU A 122 -4.30 -1.97 -80.08
C LEU A 122 -4.44 -1.55 -81.57
N ARG A 123 -5.51 -0.80 -81.88
CA ARG A 123 -5.80 -0.27 -83.22
C ARG A 123 -4.68 0.66 -83.71
N LEU A 124 -4.14 1.52 -82.84
CA LEU A 124 -3.01 2.41 -83.16
C LEU A 124 -1.76 1.60 -83.53
N ARG A 125 -1.42 0.55 -82.77
CA ARG A 125 -0.29 -0.35 -83.06
C ARG A 125 -0.46 -1.10 -84.38
N GLU A 126 -1.68 -1.58 -84.67
CA GLU A 126 -2.00 -2.27 -85.93
C GLU A 126 -1.93 -1.31 -87.15
N GLN A 127 -2.38 -0.06 -86.99
CA GLN A 127 -2.36 0.97 -88.03
C GLN A 127 -0.91 1.36 -88.38
N ALA A 1 8.79 -5.67 -2.89
CA ALA A 1 9.78 -4.80 -3.55
C ALA A 1 10.92 -5.62 -4.21
N ASP A 2 10.69 -6.92 -4.44
CA ASP A 2 11.62 -7.91 -5.01
C ASP A 2 12.21 -7.55 -6.39
N GLU A 3 11.60 -6.60 -7.11
CA GLU A 3 12.02 -6.13 -8.44
C GLU A 3 12.04 -4.58 -8.51
N PHE A 4 11.98 -3.89 -7.36
CA PHE A 4 11.98 -2.42 -7.27
C PHE A 4 13.37 -1.79 -7.51
N GLY A 5 14.45 -2.57 -7.31
CA GLY A 5 15.85 -2.13 -7.51
C GLY A 5 16.85 -3.29 -7.45
N ASN A 6 18.14 -2.95 -7.52
CA ASN A 6 19.27 -3.90 -7.53
C ASN A 6 20.42 -3.50 -6.57
N GLY A 7 20.15 -2.63 -5.59
CA GLY A 7 21.12 -2.14 -4.61
C GLY A 7 20.48 -1.28 -3.51
N ASP A 8 21.30 -0.73 -2.61
CA ASP A 8 20.87 0.13 -1.49
C ASP A 8 20.09 1.37 -1.97
N ALA A 9 18.89 1.59 -1.42
CA ALA A 9 18.00 2.70 -1.74
C ALA A 9 17.14 3.14 -0.53
N LEU A 10 16.54 4.34 -0.61
CA LEU A 10 15.72 4.92 0.46
C LEU A 10 14.30 5.29 -0.01
N ASP A 11 13.48 4.26 -0.19
CA ASP A 11 12.06 4.34 -0.55
C ASP A 11 11.20 4.71 0.69
N LEU A 12 11.54 5.85 1.32
CA LEU A 12 10.97 6.40 2.55
C LEU A 12 10.87 7.94 2.50
N PRO A 13 10.02 8.58 3.35
CA PRO A 13 9.91 10.04 3.42
C PRO A 13 11.22 10.69 3.89
N VAL A 14 11.42 11.97 3.55
CA VAL A 14 12.63 12.76 3.88
C VAL A 14 12.29 14.19 4.34
N GLY A 15 11.13 14.36 4.98
CA GLY A 15 10.65 15.64 5.51
C GLY A 15 9.26 15.54 6.16
N LYS A 16 8.88 16.56 6.96
CA LYS A 16 7.60 16.60 7.67
C LYS A 16 6.38 16.45 6.75
N ASP A 17 6.41 17.14 5.62
CA ASP A 17 5.34 17.10 4.61
C ASP A 17 5.14 15.68 4.05
N ALA A 18 6.23 14.96 3.76
CA ALA A 18 6.17 13.58 3.28
C ALA A 18 5.63 12.64 4.36
N VAL A 19 6.07 12.77 5.62
CA VAL A 19 5.56 11.97 6.75
C VAL A 19 4.06 12.23 6.96
N ASN A 20 3.62 13.49 6.97
CA ASN A 20 2.21 13.85 7.11
C ASN A 20 1.36 13.26 5.97
N SER A 21 1.83 13.34 4.73
CA SER A 21 1.15 12.76 3.56
C SER A 21 1.07 11.24 3.65
N LEU A 22 2.16 10.57 4.04
CA LEU A 22 2.24 9.12 4.24
C LEU A 22 1.24 8.65 5.32
N ILE A 23 1.14 9.39 6.43
CA ILE A 23 0.18 9.12 7.50
C ILE A 23 -1.26 9.28 6.98
N ARG A 24 -1.56 10.40 6.30
CA ARG A 24 -2.90 10.70 5.76
C ARG A 24 -3.39 9.67 4.72
N GLU A 25 -2.53 9.22 3.81
CA GLU A 25 -2.87 8.24 2.77
C GLU A 25 -2.98 6.79 3.30
N ASN A 26 -2.51 6.54 4.53
CA ASN A 26 -2.54 5.22 5.19
C ASN A 26 -3.17 5.30 6.61
N SER A 27 -4.18 6.16 6.77
CA SER A 27 -4.89 6.40 8.04
C SER A 27 -5.47 5.15 8.73
N HIS A 28 -5.62 4.04 8.00
CA HIS A 28 -6.08 2.73 8.51
C HIS A 28 -5.01 1.97 9.31
N ILE A 29 -3.74 2.36 9.21
CA ILE A 29 -2.59 1.72 9.90
C ILE A 29 -1.59 2.70 10.53
N PHE A 30 -1.52 3.94 10.07
CA PHE A 30 -0.63 5.00 10.58
C PHE A 30 -1.47 6.19 11.10
N SER A 31 -0.92 6.96 12.03
CA SER A 31 -1.59 8.15 12.59
C SER A 31 -0.58 9.15 13.15
N ASP A 32 -1.05 10.34 13.51
CA ASP A 32 -0.23 11.42 14.08
C ASP A 32 0.44 11.05 15.43
N THR A 33 -0.07 10.01 16.12
CA THR A 33 0.41 9.57 17.45
C THR A 33 0.59 8.05 17.64
N GLN A 34 0.44 7.21 16.61
CA GLN A 34 0.59 5.75 16.72
C GLN A 34 0.81 5.06 15.36
N CYS A 35 1.63 4.00 15.33
CA CYS A 35 1.84 3.13 14.18
C CYS A 35 1.40 1.70 14.52
N LYS A 36 0.35 1.17 13.86
CA LYS A 36 -0.17 -0.19 14.10
C LYS A 36 0.68 -1.30 13.48
N VAL A 37 1.33 -1.05 12.33
CA VAL A 37 2.25 -2.03 11.67
C VAL A 37 3.41 -2.41 12.58
N CYS A 38 3.90 -1.46 13.37
CA CYS A 38 5.01 -1.61 14.31
C CYS A 38 4.51 -1.65 15.77
N SER A 39 3.19 -1.70 15.96
CA SER A 39 2.44 -1.72 17.25
C SER A 39 3.08 -0.85 18.34
N ALA A 40 3.31 0.43 18.02
CA ALA A 40 3.97 1.40 18.88
C ALA A 40 3.31 2.78 18.89
N VAL A 41 3.40 3.47 20.03
CA VAL A 41 2.88 4.83 20.25
C VAL A 41 3.98 5.85 19.90
N LEU A 42 3.56 7.01 19.41
CA LEU A 42 4.38 8.13 18.93
C LEU A 42 3.96 9.40 19.67
N ILE A 43 4.33 9.49 20.94
CA ILE A 43 3.96 10.55 21.91
C ILE A 43 4.22 12.01 21.50
N SER A 44 5.01 12.25 20.44
CA SER A 44 5.32 13.58 19.90
C SER A 44 5.67 13.50 18.41
N GLU A 45 5.56 14.62 17.70
CA GLU A 45 5.93 14.72 16.28
C GLU A 45 7.38 14.31 16.04
N SER A 46 8.32 14.62 16.95
CA SER A 46 9.72 14.19 16.82
C SER A 46 9.86 12.66 16.76
N GLN A 47 9.05 11.93 17.53
CA GLN A 47 9.03 10.47 17.54
C GLN A 47 8.42 9.95 16.23
N LYS A 48 7.30 10.56 15.79
CA LYS A 48 6.62 10.22 14.53
C LYS A 48 7.56 10.41 13.33
N LEU A 49 8.25 11.54 13.27
CA LEU A 49 9.22 11.87 12.22
C LEU A 49 10.37 10.88 12.18
N ALA A 50 10.95 10.51 13.32
CA ALA A 50 12.04 9.53 13.36
C ALA A 50 11.55 8.12 12.98
N HIS A 51 10.38 7.71 13.47
CA HIS A 51 9.81 6.39 13.19
C HIS A 51 9.46 6.19 11.71
N TYR A 52 8.72 7.12 11.10
CA TYR A 52 8.31 7.01 9.70
C TYR A 52 9.44 7.19 8.68
N GLN A 53 10.55 7.85 9.04
CA GLN A 53 11.73 8.01 8.17
C GLN A 53 12.77 6.88 8.33
N SER A 54 12.66 6.04 9.38
CA SER A 54 13.56 4.91 9.61
C SER A 54 13.23 3.71 8.71
N ARG A 55 14.24 3.15 8.03
CA ARG A 55 14.08 1.98 7.13
C ARG A 55 13.42 0.76 7.80
N LYS A 56 13.55 0.61 9.13
CA LYS A 56 12.92 -0.48 9.90
C LYS A 56 11.39 -0.46 9.75
N HIS A 57 10.78 0.72 9.67
CA HIS A 57 9.33 0.88 9.43
C HIS A 57 8.96 0.34 8.04
N ALA A 58 9.69 0.73 6.99
CA ALA A 58 9.45 0.24 5.63
C ALA A 58 9.56 -1.29 5.55
N ASN A 59 10.56 -1.89 6.20
CA ASN A 59 10.73 -3.35 6.25
C ASN A 59 9.48 -4.03 6.85
N LYS A 60 8.97 -3.52 7.99
CA LYS A 60 7.74 -4.04 8.63
C LYS A 60 6.50 -3.80 7.78
N VAL A 61 6.40 -2.69 7.03
CA VAL A 61 5.27 -2.40 6.12
C VAL A 61 5.25 -3.38 4.94
N ARG A 62 6.40 -3.65 4.29
CA ARG A 62 6.48 -4.62 3.17
C ARG A 62 6.08 -6.02 3.63
N ARG A 63 6.52 -6.42 4.83
CA ARG A 63 6.13 -7.66 5.51
C ARG A 63 4.62 -7.68 5.76
N TYR A 64 4.07 -6.62 6.37
CA TYR A 64 2.64 -6.49 6.67
C TYR A 64 1.76 -6.53 5.42
N MET A 65 2.17 -5.90 4.31
CA MET A 65 1.43 -5.92 3.03
C MET A 65 1.21 -7.36 2.52
N ALA A 66 2.15 -8.27 2.77
CA ALA A 66 2.00 -9.69 2.42
C ALA A 66 0.94 -10.43 3.28
N ILE A 67 0.58 -9.88 4.46
CA ILE A 67 -0.43 -10.42 5.38
C ILE A 67 -1.81 -9.77 5.11
N ASN A 68 -1.82 -8.46 4.83
CA ASN A 68 -2.99 -7.63 4.54
C ASN A 68 -2.67 -6.64 3.42
N GLN A 69 -2.98 -7.01 2.18
CA GLN A 69 -2.70 -6.23 0.96
C GLN A 69 -3.33 -4.82 0.94
N GLY A 70 -2.75 -3.94 0.11
CA GLY A 70 -3.18 -2.56 -0.10
C GLY A 70 -2.38 -1.88 -1.23
N GLU A 71 -2.68 -0.60 -1.49
CA GLU A 71 -2.02 0.22 -2.53
C GLU A 71 -1.77 1.65 -2.02
N ASP A 72 -0.67 2.25 -2.47
CA ASP A 72 -0.23 3.61 -2.16
C ASP A 72 0.73 4.15 -3.26
N SER A 73 1.12 5.42 -3.20
CA SER A 73 2.01 6.06 -4.19
C SER A 73 3.00 7.08 -3.56
N VAL A 74 4.02 7.44 -4.33
CA VAL A 74 5.11 8.38 -3.99
C VAL A 74 5.49 9.23 -5.21
N PRO A 75 6.17 10.39 -5.05
CA PRO A 75 6.61 11.24 -6.16
C PRO A 75 7.41 10.48 -7.24
N ALA A 76 6.80 10.23 -8.39
CA ALA A 76 7.34 9.47 -9.52
C ALA A 76 6.89 10.02 -10.89
N LYS A 77 6.67 11.34 -10.98
CA LYS A 77 6.21 12.07 -12.18
C LYS A 77 7.12 13.28 -12.50
N LYS A 78 6.98 13.83 -13.71
CA LYS A 78 7.75 14.96 -14.25
C LYS A 78 6.92 15.84 -15.19
N PHE A 79 7.54 16.90 -15.72
CA PHE A 79 6.94 17.82 -16.71
C PHE A 79 6.67 17.14 -18.07
N LYS A 80 5.83 17.79 -18.90
CA LYS A 80 5.43 17.34 -20.25
C LYS A 80 5.80 18.40 -21.29
N ALA A 81 6.96 18.21 -21.92
CA ALA A 81 7.51 19.12 -22.94
C ALA A 81 6.70 19.14 -24.25
N ALA A 82 7.05 20.08 -25.15
CA ALA A 82 6.45 20.29 -26.46
C ALA A 82 7.53 20.67 -27.51
N PRO A 83 7.32 20.38 -28.82
CA PRO A 83 8.30 20.68 -29.86
C PRO A 83 8.49 22.20 -30.09
N ALA A 84 9.73 22.59 -30.38
CA ALA A 84 10.16 23.96 -30.66
C ALA A 84 11.47 23.97 -31.49
N GLU A 85 11.84 25.12 -32.05
CA GLU A 85 13.06 25.32 -32.84
C GLU A 85 13.59 26.76 -32.72
N ILE A 86 14.92 26.91 -32.77
CA ILE A 86 15.67 28.17 -32.70
C ILE A 86 16.85 28.11 -33.71
N SER A 87 16.52 27.80 -34.98
CA SER A 87 17.50 27.64 -36.06
C SER A 87 18.22 28.96 -36.43
N ASP A 88 19.31 28.86 -37.19
CA ASP A 88 20.16 29.97 -37.67
C ASP A 88 19.40 31.07 -38.46
N GLY A 89 18.19 30.75 -38.94
CA GLY A 89 17.27 31.66 -39.66
C GLY A 89 15.83 31.56 -39.17
N GLU A 90 15.63 31.14 -37.91
CA GLU A 90 14.31 30.94 -37.26
C GLU A 90 14.38 31.28 -35.76
N ASP A 91 14.80 32.51 -35.44
CA ASP A 91 14.97 33.01 -34.07
C ASP A 91 14.58 34.50 -33.91
N ARG A 92 14.56 34.99 -32.66
CA ARG A 92 14.27 36.38 -32.28
C ARG A 92 15.29 36.92 -31.25
N SER A 93 16.56 36.56 -31.40
CA SER A 93 17.69 37.00 -30.55
C SER A 93 18.91 37.48 -31.36
N LYS A 94 19.02 37.06 -32.63
CA LYS A 94 20.04 37.49 -33.60
C LYS A 94 19.41 38.13 -34.85
N CYS A 95 18.09 38.06 -35.00
CA CYS A 95 17.34 38.60 -36.13
C CYS A 95 15.93 39.10 -35.71
N CYS A 96 15.33 39.95 -36.56
CA CYS A 96 13.99 40.52 -36.44
C CYS A 96 13.34 40.59 -37.83
N PRO A 97 12.52 39.60 -38.24
CA PRO A 97 11.88 39.59 -39.56
C PRO A 97 10.78 40.67 -39.73
N VAL A 98 10.20 41.17 -38.63
CA VAL A 98 9.18 42.24 -38.64
C VAL A 98 9.75 43.57 -39.18
N CYS A 99 11.08 43.73 -39.09
CA CYS A 99 11.85 44.90 -39.53
C CYS A 99 12.95 44.56 -40.57
N ASN A 100 13.19 43.26 -40.77
CA ASN A 100 14.20 42.65 -41.64
C ASN A 100 15.63 43.14 -41.31
N MET A 101 16.03 42.92 -40.05
CA MET A 101 17.35 43.30 -39.50
C MET A 101 17.98 42.18 -38.65
N THR A 102 19.26 42.35 -38.29
CA THR A 102 20.07 41.42 -37.49
C THR A 102 20.80 42.14 -36.33
N PHE A 103 21.17 41.38 -35.30
CA PHE A 103 21.83 41.88 -34.07
C PHE A 103 23.06 41.05 -33.71
N SER A 104 24.07 41.70 -33.12
CA SER A 104 25.33 41.07 -32.68
C SER A 104 25.19 40.17 -31.45
N SER A 105 24.25 40.47 -30.53
CA SER A 105 24.00 39.71 -29.30
C SER A 105 22.52 39.81 -28.85
N PRO A 106 21.99 38.82 -28.10
CA PRO A 106 20.60 38.81 -27.60
C PRO A 106 20.14 40.10 -26.91
N VAL A 107 21.00 40.73 -26.10
CA VAL A 107 20.65 41.98 -25.38
C VAL A 107 20.34 43.12 -26.36
N VAL A 108 21.07 43.21 -27.47
CA VAL A 108 20.84 44.22 -28.53
C VAL A 108 19.47 43.98 -29.17
N ALA A 109 19.09 42.73 -29.41
CA ALA A 109 17.77 42.36 -29.92
C ALA A 109 16.66 42.76 -28.94
N GLU A 110 16.82 42.46 -27.64
CA GLU A 110 15.83 42.83 -26.61
C GLU A 110 15.63 44.35 -26.55
N SER A 111 16.70 45.14 -26.62
CA SER A 111 16.62 46.61 -26.65
C SER A 111 15.85 47.12 -27.88
N HIS A 112 15.99 46.46 -29.04
CA HIS A 112 15.24 46.81 -30.25
C HIS A 112 13.74 46.45 -30.10
N TYR A 113 13.42 45.23 -29.68
CA TYR A 113 12.03 44.75 -29.50
C TYR A 113 11.16 45.63 -28.58
N ILE A 114 11.75 46.26 -27.56
CA ILE A 114 11.04 47.16 -26.63
C ILE A 114 11.03 48.64 -27.06
N GLY A 115 11.73 48.98 -28.14
CA GLY A 115 11.85 50.37 -28.64
C GLY A 115 10.75 50.76 -29.65
N LYS A 116 10.53 52.07 -29.78
CA LYS A 116 9.53 52.66 -30.70
C LYS A 116 9.73 52.26 -32.16
N THR A 117 10.98 52.06 -32.59
CA THR A 117 11.33 51.63 -33.96
C THR A 117 10.66 50.30 -34.31
N HIS A 118 10.64 49.34 -33.38
CA HIS A 118 9.95 48.06 -33.58
C HIS A 118 8.43 48.23 -33.54
N ILE A 119 7.91 49.04 -32.61
CA ILE A 119 6.47 49.31 -32.47
C ILE A 119 5.88 49.95 -33.74
N LYS A 120 6.62 50.83 -34.42
CA LYS A 120 6.22 51.40 -35.72
C LYS A 120 5.95 50.28 -36.74
N ASN A 121 6.78 49.25 -36.75
CA ASN A 121 6.62 48.06 -37.60
C ASN A 121 5.51 47.11 -37.11
N LEU A 122 5.13 47.13 -35.82
CA LEU A 122 3.96 46.36 -35.34
C LEU A 122 2.70 46.93 -36.01
N ARG A 123 2.51 48.26 -35.93
CA ARG A 123 1.37 48.97 -36.57
C ARG A 123 1.32 48.75 -38.09
N LEU A 124 2.48 48.60 -38.74
CA LEU A 124 2.62 48.30 -40.17
C LEU A 124 2.08 46.89 -40.55
N ARG A 125 1.86 45.99 -39.58
CA ARG A 125 1.35 44.62 -39.75
C ARG A 125 -0.02 44.41 -39.11
N GLU A 126 -0.33 45.11 -38.02
CA GLU A 126 -1.64 45.05 -37.33
C GLU A 126 -2.79 45.58 -38.21
N GLN A 127 -2.53 46.61 -39.03
CA GLN A 127 -3.50 47.20 -39.95
C GLN A 127 -3.89 46.23 -41.08
N ALA A 1 4.26 22.15 15.69
CA ALA A 1 3.60 23.22 14.91
C ALA A 1 4.58 24.12 14.14
N ASP A 2 5.82 23.68 13.93
CA ASP A 2 6.88 24.43 13.23
C ASP A 2 7.82 23.52 12.40
N GLU A 3 8.68 24.14 11.60
CA GLU A 3 9.68 23.50 10.72
C GLU A 3 10.82 24.50 10.37
N PHE A 4 11.86 24.03 9.67
CA PHE A 4 13.03 24.84 9.28
C PHE A 4 13.47 24.61 7.82
N GLY A 5 13.64 23.35 7.40
CA GLY A 5 14.04 23.00 6.03
C GLY A 5 14.41 21.53 5.84
N ASN A 6 14.65 21.14 4.58
CA ASN A 6 15.02 19.79 4.13
C ASN A 6 16.01 19.88 2.95
N GLY A 7 16.59 18.74 2.54
CA GLY A 7 17.54 18.68 1.41
C GLY A 7 18.08 17.27 1.08
N ASP A 8 18.14 16.37 2.05
CA ASP A 8 18.58 14.98 1.86
C ASP A 8 17.57 14.17 1.00
N ALA A 9 17.99 13.00 0.48
CA ALA A 9 17.17 12.13 -0.36
C ALA A 9 17.38 10.63 -0.02
N LEU A 10 16.30 9.85 -0.16
CA LEU A 10 16.22 8.41 0.10
C LEU A 10 14.98 7.87 -0.62
N ASP A 11 14.94 6.55 -0.85
CA ASP A 11 13.82 5.82 -1.45
C ASP A 11 12.63 5.60 -0.46
N LEU A 12 12.64 6.36 0.64
CA LEU A 12 11.70 6.36 1.77
C LEU A 12 11.46 7.82 2.24
N PRO A 13 10.43 8.09 3.07
CA PRO A 13 10.16 9.44 3.60
C PRO A 13 11.43 10.12 4.18
N VAL A 14 11.58 11.42 3.93
CA VAL A 14 12.75 12.22 4.35
C VAL A 14 12.39 13.65 4.78
N GLY A 15 11.13 13.84 5.17
CA GLY A 15 10.58 15.12 5.64
C GLY A 15 9.13 15.01 6.12
N LYS A 16 8.64 16.04 6.82
CA LYS A 16 7.28 16.09 7.38
C LYS A 16 6.18 15.99 6.32
N ASP A 17 6.37 16.58 5.14
CA ASP A 17 5.39 16.50 4.04
C ASP A 17 5.15 15.04 3.61
N ALA A 18 6.22 14.25 3.44
CA ALA A 18 6.12 12.84 3.10
C ALA A 18 5.46 12.02 4.21
N VAL A 19 5.85 12.24 5.48
CA VAL A 19 5.27 11.53 6.63
C VAL A 19 3.78 11.85 6.80
N ASN A 20 3.37 13.12 6.72
CA ASN A 20 1.96 13.51 6.83
C ASN A 20 1.12 12.87 5.70
N SER A 21 1.62 12.87 4.47
CA SER A 21 0.97 12.24 3.31
C SER A 21 0.87 10.71 3.49
N LEU A 22 1.94 10.06 3.96
CA LEU A 22 1.96 8.62 4.24
C LEU A 22 0.93 8.24 5.31
N ILE A 23 0.82 9.03 6.39
CA ILE A 23 -0.19 8.86 7.44
C ILE A 23 -1.60 9.04 6.83
N ARG A 24 -1.82 10.09 6.03
CA ARG A 24 -3.11 10.38 5.37
C ARG A 24 -3.58 9.24 4.46
N GLU A 25 -2.70 8.70 3.61
CA GLU A 25 -3.03 7.61 2.68
C GLU A 25 -3.24 6.25 3.38
N ASN A 26 -2.84 6.12 4.66
CA ASN A 26 -2.92 4.89 5.46
C ASN A 26 -3.52 5.15 6.86
N SER A 27 -4.49 6.06 6.97
CA SER A 27 -5.16 6.48 8.21
C SER A 27 -5.77 5.35 9.05
N HIS A 28 -5.99 4.17 8.44
CA HIS A 28 -6.49 2.95 9.07
C HIS A 28 -5.43 2.14 9.83
N ILE A 29 -4.13 2.42 9.60
CA ILE A 29 -2.98 1.69 10.22
C ILE A 29 -1.85 2.61 10.74
N PHE A 30 -1.85 3.90 10.39
CA PHE A 30 -0.90 4.92 10.85
C PHE A 30 -1.68 6.14 11.38
N SER A 31 -1.07 6.88 12.31
CA SER A 31 -1.62 8.11 12.89
C SER A 31 -0.51 9.02 13.43
N ASP A 32 -0.84 10.29 13.68
CA ASP A 32 0.10 11.29 14.21
C ASP A 32 0.68 10.95 15.60
N THR A 33 0.05 10.02 16.33
CA THR A 33 0.44 9.63 17.71
C THR A 33 0.68 8.13 17.91
N GLN A 34 0.48 7.27 16.90
CA GLN A 34 0.73 5.82 17.00
C GLN A 34 0.83 5.14 15.63
N CYS A 35 1.81 4.24 15.47
CA CYS A 35 1.94 3.37 14.29
C CYS A 35 1.46 1.98 14.70
N LYS A 36 0.36 1.50 14.11
CA LYS A 36 -0.24 0.19 14.48
C LYS A 36 0.40 -1.01 13.76
N VAL A 37 1.09 -0.79 12.63
CA VAL A 37 1.85 -1.85 11.93
C VAL A 37 3.06 -2.29 12.77
N CYS A 38 3.69 -1.33 13.46
CA CYS A 38 4.85 -1.53 14.32
C CYS A 38 4.49 -1.51 15.83
N SER A 39 3.18 -1.45 16.14
CA SER A 39 2.58 -1.40 17.48
C SER A 39 3.36 -0.52 18.47
N ALA A 40 3.59 0.73 18.08
CA ALA A 40 4.38 1.71 18.83
C ALA A 40 3.72 3.08 18.91
N VAL A 41 3.80 3.72 20.08
CA VAL A 41 3.26 5.06 20.35
C VAL A 41 4.30 6.12 19.98
N LEU A 42 3.81 7.26 19.49
CA LEU A 42 4.57 8.39 18.96
C LEU A 42 4.21 9.65 19.77
N ILE A 43 4.74 9.74 20.99
CA ILE A 43 4.47 10.78 22.00
C ILE A 43 4.66 12.25 21.55
N SER A 44 5.37 12.50 20.45
CA SER A 44 5.59 13.82 19.86
C SER A 44 5.88 13.70 18.36
N GLU A 45 5.74 14.81 17.62
CA GLU A 45 6.02 14.86 16.18
C GLU A 45 7.46 14.44 15.85
N SER A 46 8.46 14.75 16.70
CA SER A 46 9.84 14.29 16.47
C SER A 46 9.96 12.76 16.51
N GLN A 47 9.26 12.08 17.42
CA GLN A 47 9.19 10.61 17.45
C GLN A 47 8.44 10.08 16.23
N LYS A 48 7.32 10.73 15.84
CA LYS A 48 6.55 10.36 14.65
C LYS A 48 7.40 10.43 13.38
N LEU A 49 8.13 11.54 13.19
CA LEU A 49 9.01 11.75 12.04
C LEU A 49 10.13 10.69 12.02
N ALA A 50 10.81 10.46 13.14
CA ALA A 50 11.85 9.44 13.21
C ALA A 50 11.33 8.02 12.93
N HIS A 51 10.17 7.64 13.49
CA HIS A 51 9.59 6.32 13.27
C HIS A 51 9.15 6.11 11.81
N TYR A 52 8.37 7.02 11.23
CA TYR A 52 7.89 6.89 9.85
C TYR A 52 8.99 6.96 8.78
N GLN A 53 10.18 7.49 9.12
CA GLN A 53 11.33 7.57 8.21
C GLN A 53 12.36 6.42 8.42
N SER A 54 12.27 5.64 9.50
CA SER A 54 13.25 4.57 9.80
C SER A 54 13.23 3.37 8.86
N ARG A 55 14.38 2.68 8.77
CA ARG A 55 14.56 1.46 7.97
C ARG A 55 13.76 0.27 8.54
N LYS A 56 13.61 0.22 9.87
CA LYS A 56 12.86 -0.83 10.59
C LYS A 56 11.36 -0.73 10.29
N HIS A 57 10.82 0.49 10.33
CA HIS A 57 9.42 0.77 9.97
C HIS A 57 9.16 0.41 8.51
N ALA A 58 10.04 0.86 7.59
CA ALA A 58 9.93 0.56 6.17
C ALA A 58 9.91 -0.95 5.89
N ASN A 59 10.79 -1.72 6.57
CA ASN A 59 10.81 -3.18 6.45
C ASN A 59 9.52 -3.82 6.95
N LYS A 60 9.02 -3.44 8.14
CA LYS A 60 7.75 -3.97 8.68
C LYS A 60 6.58 -3.65 7.76
N VAL A 61 6.47 -2.42 7.26
CA VAL A 61 5.41 -2.03 6.31
C VAL A 61 5.50 -2.84 5.03
N ARG A 62 6.70 -3.04 4.45
CA ARG A 62 6.88 -3.86 3.25
C ARG A 62 6.37 -5.29 3.44
N ARG A 63 6.66 -5.93 4.59
CA ARG A 63 6.14 -7.28 4.90
C ARG A 63 4.62 -7.27 5.09
N TYR A 64 4.10 -6.34 5.90
CA TYR A 64 2.68 -6.19 6.19
C TYR A 64 1.83 -5.93 4.93
N MET A 65 2.32 -5.08 4.01
CA MET A 65 1.66 -4.77 2.74
C MET A 65 1.46 -6.01 1.86
N ALA A 66 2.38 -6.99 1.92
CA ALA A 66 2.25 -8.25 1.19
C ALA A 66 1.10 -9.12 1.73
N ILE A 67 0.82 -9.06 3.04
CA ILE A 67 -0.30 -9.78 3.68
C ILE A 67 -1.64 -9.13 3.35
N ASN A 68 -1.67 -7.79 3.30
CA ASN A 68 -2.85 -6.96 3.03
C ASN A 68 -3.19 -6.89 1.52
N GLN A 69 -3.50 -8.05 0.94
CA GLN A 69 -3.88 -8.24 -0.47
C GLN A 69 -5.06 -9.22 -0.60
N GLY A 70 -5.74 -9.21 -1.74
CA GLY A 70 -6.92 -10.04 -2.04
C GLY A 70 -6.93 -10.66 -3.43
N GLU A 71 -7.93 -11.50 -3.68
CA GLU A 71 -8.14 -12.26 -4.93
C GLU A 71 -9.64 -12.42 -5.27
N ASP A 72 -9.95 -13.09 -6.39
CA ASP A 72 -11.31 -13.37 -6.84
C ASP A 72 -11.43 -14.75 -7.51
N SER A 73 -12.64 -15.32 -7.52
CA SER A 73 -12.93 -16.64 -8.10
C SER A 73 -12.92 -16.59 -9.65
N VAL A 74 -12.01 -17.34 -10.27
CA VAL A 74 -11.82 -17.44 -11.72
C VAL A 74 -11.40 -18.87 -12.12
N PRO A 75 -11.71 -19.34 -13.35
CA PRO A 75 -11.32 -20.68 -13.81
C PRO A 75 -9.82 -20.81 -14.13
N ALA A 76 -9.13 -19.70 -14.41
CA ALA A 76 -7.70 -19.64 -14.72
C ALA A 76 -6.82 -19.84 -13.46
N LYS A 77 -5.54 -20.15 -13.67
CA LYS A 77 -4.51 -20.35 -12.62
C LYS A 77 -4.00 -19.05 -11.96
N LYS A 78 -4.83 -17.99 -11.94
CA LYS A 78 -4.56 -16.66 -11.35
C LYS A 78 -4.68 -16.68 -9.81
N PHE A 79 -3.93 -17.57 -9.16
CA PHE A 79 -3.90 -17.75 -7.70
C PHE A 79 -3.26 -16.56 -6.94
N LYS A 80 -2.51 -15.71 -7.66
CA LYS A 80 -1.87 -14.47 -7.14
C LYS A 80 -2.90 -13.40 -6.73
N ALA A 81 -2.43 -12.34 -6.07
CA ALA A 81 -3.27 -11.20 -5.71
C ALA A 81 -3.79 -10.50 -6.98
N ALA A 82 -5.09 -10.21 -7.04
CA ALA A 82 -5.76 -9.57 -8.18
C ALA A 82 -7.14 -8.98 -7.82
N PRO A 83 -7.59 -7.90 -8.48
CA PRO A 83 -8.91 -7.31 -8.27
C PRO A 83 -10.03 -8.19 -8.85
N ALA A 84 -11.29 -7.84 -8.59
CA ALA A 84 -12.47 -8.56 -9.08
C ALA A 84 -12.50 -8.67 -10.62
N GLU A 85 -12.88 -9.84 -11.14
CA GLU A 85 -12.96 -10.15 -12.57
C GLU A 85 -14.38 -9.89 -13.16
N ILE A 86 -15.30 -9.34 -12.36
CA ILE A 86 -16.70 -9.04 -12.71
C ILE A 86 -16.82 -7.77 -13.59
N SER A 87 -16.01 -7.69 -14.67
CA SER A 87 -15.99 -6.56 -15.61
C SER A 87 -17.30 -6.36 -16.38
N ASP A 88 -18.13 -7.42 -16.50
CA ASP A 88 -19.45 -7.39 -17.12
C ASP A 88 -20.54 -6.72 -16.23
N GLY A 89 -20.19 -6.36 -14.99
CA GLY A 89 -21.04 -5.72 -13.99
C GLY A 89 -20.22 -4.92 -12.97
N GLU A 90 -20.40 -5.19 -11.69
CA GLU A 90 -19.67 -4.53 -10.58
C GLU A 90 -19.54 -5.46 -9.36
N ASP A 91 -18.46 -5.28 -8.59
CA ASP A 91 -18.18 -5.96 -7.32
C ASP A 91 -17.42 -4.99 -6.39
N ARG A 92 -17.43 -5.23 -5.08
CA ARG A 92 -16.86 -4.38 -4.04
C ARG A 92 -16.20 -5.20 -2.93
N SER A 93 -15.71 -4.50 -1.92
CA SER A 93 -15.06 -4.95 -0.67
C SER A 93 -13.76 -5.78 -0.80
N LYS A 94 -13.54 -6.51 -1.89
CA LYS A 94 -12.31 -7.29 -2.14
C LYS A 94 -11.19 -6.44 -2.74
N CYS A 95 -11.56 -5.36 -3.45
CA CYS A 95 -10.65 -4.42 -4.09
C CYS A 95 -11.23 -3.00 -4.20
N CYS A 96 -10.35 -2.05 -4.56
CA CYS A 96 -10.62 -0.63 -4.77
C CYS A 96 -9.95 -0.22 -6.09
N PRO A 97 -10.65 -0.27 -7.24
CA PRO A 97 -10.06 -0.06 -8.56
C PRO A 97 -9.60 1.36 -8.89
N VAL A 98 -10.20 2.42 -8.34
CA VAL A 98 -9.73 3.81 -8.60
C VAL A 98 -8.35 4.02 -7.98
N CYS A 99 -8.18 3.62 -6.71
CA CYS A 99 -6.89 3.65 -6.01
C CYS A 99 -5.95 2.50 -6.42
N ASN A 100 -6.49 1.55 -7.20
CA ASN A 100 -5.87 0.36 -7.78
C ASN A 100 -5.15 -0.55 -6.76
N MET A 101 -5.92 -1.10 -5.82
CA MET A 101 -5.43 -2.00 -4.76
C MET A 101 -6.45 -3.07 -4.36
N THR A 102 -6.01 -4.06 -3.57
CA THR A 102 -6.82 -5.20 -3.06
C THR A 102 -6.74 -5.30 -1.54
N PHE A 103 -7.67 -6.04 -0.92
CA PHE A 103 -7.76 -6.19 0.54
C PHE A 103 -7.87 -7.65 1.00
N SER A 104 -7.28 -7.97 2.14
CA SER A 104 -7.33 -9.30 2.77
C SER A 104 -8.65 -9.60 3.50
N SER A 105 -9.38 -8.55 3.91
CA SER A 105 -10.68 -8.61 4.60
C SER A 105 -11.58 -7.43 4.17
N PRO A 106 -12.92 -7.59 4.14
CA PRO A 106 -13.84 -6.53 3.72
C PRO A 106 -13.85 -5.31 4.66
N VAL A 107 -13.53 -5.49 5.95
CA VAL A 107 -13.46 -4.40 6.93
C VAL A 107 -12.40 -3.36 6.56
N VAL A 108 -11.28 -3.79 5.92
CA VAL A 108 -10.22 -2.88 5.45
C VAL A 108 -10.76 -1.95 4.37
N ALA A 109 -11.58 -2.47 3.44
CA ALA A 109 -12.23 -1.68 2.40
C ALA A 109 -13.20 -0.66 3.02
N GLU A 110 -14.07 -1.10 3.95
CA GLU A 110 -15.00 -0.20 4.64
C GLU A 110 -14.26 0.91 5.39
N SER A 111 -13.16 0.59 6.09
CA SER A 111 -12.32 1.55 6.82
C SER A 111 -11.72 2.61 5.88
N HIS A 112 -11.32 2.21 4.67
CA HIS A 112 -10.81 3.12 3.63
C HIS A 112 -11.92 4.03 3.06
N TYR A 113 -13.11 3.48 2.79
CA TYR A 113 -14.24 4.21 2.21
C TYR A 113 -14.95 5.21 3.16
N ILE A 114 -14.93 5.01 4.49
CA ILE A 114 -15.59 5.93 5.44
C ILE A 114 -14.83 7.25 5.69
N GLY A 115 -13.68 7.46 5.04
CA GLY A 115 -12.85 8.67 5.17
C GLY A 115 -12.55 9.34 3.83
N LYS A 116 -12.21 10.64 3.90
CA LYS A 116 -11.89 11.49 2.73
C LYS A 116 -10.66 11.04 1.92
N THR A 117 -9.80 10.18 2.48
CA THR A 117 -8.61 9.63 1.79
C THR A 117 -8.96 9.00 0.43
N HIS A 118 -10.04 8.21 0.37
CA HIS A 118 -10.53 7.64 -0.89
C HIS A 118 -10.97 8.73 -1.86
N ILE A 119 -11.75 9.70 -1.38
CA ILE A 119 -12.27 10.84 -2.16
C ILE A 119 -11.13 11.74 -2.70
N LYS A 120 -10.05 11.95 -1.95
CA LYS A 120 -8.86 12.68 -2.43
C LYS A 120 -8.22 11.97 -3.63
N ASN A 121 -8.22 10.63 -3.61
CA ASN A 121 -7.77 9.83 -4.76
C ASN A 121 -8.77 9.94 -5.92
N LEU A 122 -10.10 9.92 -5.67
CA LEU A 122 -11.12 10.13 -6.72
C LEU A 122 -10.89 11.46 -7.46
N ARG A 123 -10.65 12.55 -6.72
CA ARG A 123 -10.39 13.89 -7.23
C ARG A 123 -9.17 13.95 -8.15
N LEU A 124 -8.07 13.30 -7.75
CA LEU A 124 -6.83 13.20 -8.52
C LEU A 124 -6.99 12.33 -9.78
N ARG A 125 -7.71 11.22 -9.66
CA ARG A 125 -7.98 10.21 -10.72
C ARG A 125 -9.07 10.62 -11.73
N GLU A 126 -9.90 11.60 -11.40
CA GLU A 126 -11.07 12.10 -12.13
C GLU A 126 -12.25 11.10 -12.22
N GLN A 127 -11.98 9.80 -12.38
CA GLN A 127 -12.97 8.73 -12.42
C GLN A 127 -13.70 8.58 -11.07
N ALA A 1 17.94 3.98 -21.26
CA ALA A 1 16.76 3.32 -21.83
C ALA A 1 15.63 3.08 -20.80
N ASP A 2 15.66 3.78 -19.67
CA ASP A 2 14.70 3.67 -18.55
C ASP A 2 14.51 5.03 -17.83
N GLU A 3 13.51 5.13 -16.95
CA GLU A 3 13.17 6.34 -16.20
C GLU A 3 12.76 6.00 -14.74
N PHE A 4 13.47 6.58 -13.77
CA PHE A 4 13.23 6.39 -12.33
C PHE A 4 11.88 7.00 -11.89
N GLY A 5 11.45 8.08 -12.55
CA GLY A 5 10.14 8.72 -12.32
C GLY A 5 8.94 7.94 -12.90
N ASN A 6 9.18 6.78 -13.51
CA ASN A 6 8.19 5.90 -14.13
C ASN A 6 8.45 4.42 -13.82
N GLY A 7 9.07 4.13 -12.67
CA GLY A 7 9.44 2.80 -12.19
C GLY A 7 9.66 2.73 -10.67
N ASP A 8 10.31 1.66 -10.20
CA ASP A 8 10.60 1.45 -8.77
C ASP A 8 11.45 2.59 -8.16
N ALA A 9 11.13 2.98 -6.92
CA ALA A 9 11.80 4.05 -6.17
C ALA A 9 11.81 3.79 -4.65
N LEU A 10 12.45 4.68 -3.89
CA LEU A 10 12.57 4.64 -2.43
C LEU A 10 11.20 4.86 -1.74
N ASP A 11 10.53 3.76 -1.41
CA ASP A 11 9.22 3.70 -0.75
C ASP A 11 9.30 4.02 0.77
N LEU A 12 9.99 5.11 1.13
CA LEU A 12 10.23 5.59 2.49
C LEU A 12 10.27 7.13 2.50
N PRO A 13 9.65 7.80 3.50
CA PRO A 13 9.61 9.25 3.59
C PRO A 13 10.97 9.84 4.03
N VAL A 14 11.23 11.10 3.66
CA VAL A 14 12.48 11.82 3.96
C VAL A 14 12.28 13.30 4.34
N GLY A 15 11.09 13.62 4.88
CA GLY A 15 10.69 14.95 5.33
C GLY A 15 9.29 14.98 5.94
N LYS A 16 8.93 16.06 6.64
CA LYS A 16 7.61 16.22 7.29
C LYS A 16 6.45 16.04 6.33
N ASP A 17 6.56 16.62 5.13
CA ASP A 17 5.54 16.54 4.07
C ASP A 17 5.27 15.10 3.63
N ALA A 18 6.32 14.28 3.47
CA ALA A 18 6.19 12.88 3.10
C ALA A 18 5.56 12.06 4.23
N VAL A 19 5.98 12.28 5.49
CA VAL A 19 5.40 11.60 6.66
C VAL A 19 3.92 11.96 6.81
N ASN A 20 3.55 13.24 6.67
CA ASN A 20 2.18 13.71 6.71
C ASN A 20 1.33 13.05 5.59
N SER A 21 1.86 12.96 4.37
CA SER A 21 1.19 12.30 3.24
C SER A 21 1.00 10.80 3.47
N LEU A 22 2.02 10.13 4.03
CA LEU A 22 1.98 8.71 4.38
C LEU A 22 0.89 8.43 5.43
N ILE A 23 0.79 9.28 6.46
CA ILE A 23 -0.25 9.19 7.51
C ILE A 23 -1.64 9.46 6.90
N ARG A 24 -1.78 10.50 6.06
CA ARG A 24 -3.05 10.90 5.40
C ARG A 24 -3.63 9.76 4.55
N GLU A 25 -2.81 9.12 3.74
CA GLU A 25 -3.22 8.07 2.80
C GLU A 25 -3.32 6.66 3.43
N ASN A 26 -2.90 6.49 4.69
CA ASN A 26 -2.96 5.23 5.45
C ASN A 26 -3.51 5.44 6.87
N SER A 27 -4.47 6.36 7.04
CA SER A 27 -5.08 6.75 8.32
C SER A 27 -5.68 5.60 9.15
N HIS A 28 -5.94 4.45 8.53
CA HIS A 28 -6.44 3.23 9.18
C HIS A 28 -5.36 2.44 9.96
N ILE A 29 -4.07 2.67 9.66
CA ILE A 29 -2.92 1.98 10.28
C ILE A 29 -1.81 2.91 10.80
N PHE A 30 -1.77 4.17 10.37
CA PHE A 30 -0.82 5.20 10.82
C PHE A 30 -1.59 6.44 11.30
N SER A 31 -1.02 7.17 12.25
CA SER A 31 -1.61 8.40 12.80
C SER A 31 -0.54 9.35 13.35
N ASP A 32 -0.95 10.58 13.67
CA ASP A 32 -0.09 11.63 14.24
C ASP A 32 0.55 11.24 15.59
N THR A 33 0.00 10.24 16.30
CA THR A 33 0.47 9.81 17.62
C THR A 33 0.63 8.29 17.82
N GLN A 34 0.45 7.45 16.79
CA GLN A 34 0.61 5.99 16.91
C GLN A 34 0.75 5.29 15.54
N CYS A 35 1.56 4.23 15.49
CA CYS A 35 1.74 3.35 14.33
C CYS A 35 1.25 1.93 14.72
N LYS A 36 0.17 1.45 14.09
CA LYS A 36 -0.41 0.11 14.38
C LYS A 36 0.40 -1.03 13.76
N VAL A 37 1.01 -0.82 12.59
CA VAL A 37 1.83 -1.85 11.90
C VAL A 37 3.02 -2.29 12.77
N CYS A 38 3.57 -1.36 13.56
CA CYS A 38 4.69 -1.57 14.47
C CYS A 38 4.25 -1.52 15.95
N SER A 39 2.93 -1.50 16.21
CA SER A 39 2.25 -1.40 17.52
C SER A 39 3.00 -0.53 18.54
N ALA A 40 3.24 0.72 18.16
CA ALA A 40 4.01 1.69 18.96
C ALA A 40 3.37 3.09 18.99
N VAL A 41 3.44 3.73 20.16
CA VAL A 41 2.93 5.10 20.40
C VAL A 41 4.03 6.12 20.06
N LEU A 42 3.62 7.29 19.57
CA LEU A 42 4.46 8.38 19.07
C LEU A 42 4.06 9.69 19.78
N ILE A 43 4.38 9.77 21.07
CA ILE A 43 4.03 10.86 21.99
C ILE A 43 4.37 12.30 21.55
N SER A 44 5.30 12.49 20.60
CA SER A 44 5.71 13.79 20.06
C SER A 44 6.05 13.69 18.58
N GLU A 45 6.01 14.81 17.86
CA GLU A 45 6.33 14.86 16.41
C GLU A 45 7.74 14.33 16.11
N SER A 46 8.74 14.58 16.96
CA SER A 46 10.10 14.03 16.77
C SER A 46 10.11 12.49 16.74
N GLN A 47 9.28 11.85 17.58
CA GLN A 47 9.14 10.40 17.61
C GLN A 47 8.44 9.91 16.33
N LYS A 48 7.36 10.58 15.92
CA LYS A 48 6.61 10.25 14.69
C LYS A 48 7.51 10.36 13.46
N LEU A 49 8.26 11.46 13.34
CA LEU A 49 9.19 11.72 12.25
C LEU A 49 10.32 10.68 12.22
N ALA A 50 10.91 10.32 13.36
CA ALA A 50 11.96 9.30 13.39
C ALA A 50 11.42 7.89 13.08
N HIS A 51 10.25 7.53 13.61
CA HIS A 51 9.64 6.21 13.39
C HIS A 51 9.23 6.02 11.93
N TYR A 52 8.48 6.95 11.33
CA TYR A 52 8.02 6.83 9.94
C TYR A 52 9.16 6.91 8.91
N GLN A 53 10.23 7.67 9.18
CA GLN A 53 11.40 7.75 8.28
C GLN A 53 12.40 6.58 8.48
N SER A 54 12.24 5.75 9.52
CA SER A 54 13.14 4.61 9.78
C SER A 54 13.03 3.51 8.71
N ARG A 55 14.18 2.98 8.28
CA ARG A 55 14.25 1.84 7.35
C ARG A 55 13.62 0.58 7.96
N LYS A 56 13.68 0.42 9.29
CA LYS A 56 13.06 -0.72 10.01
C LYS A 56 11.53 -0.66 9.86
N HIS A 57 10.92 0.51 10.04
CA HIS A 57 9.48 0.72 9.84
C HIS A 57 9.09 0.42 8.39
N ALA A 58 9.82 0.96 7.41
CA ALA A 58 9.56 0.71 5.99
C ALA A 58 9.64 -0.79 5.66
N ASN A 59 10.63 -1.52 6.19
CA ASN A 59 10.78 -2.96 6.00
C ASN A 59 9.60 -3.74 6.62
N LYS A 60 9.21 -3.40 7.85
CA LYS A 60 8.06 -4.02 8.55
C LYS A 60 6.76 -3.78 7.78
N VAL A 61 6.53 -2.56 7.29
CA VAL A 61 5.39 -2.20 6.44
C VAL A 61 5.40 -2.99 5.13
N ARG A 62 6.57 -3.14 4.46
CA ARG A 62 6.68 -3.94 3.23
C ARG A 62 6.27 -5.39 3.47
N ARG A 63 6.70 -6.01 4.57
CA ARG A 63 6.30 -7.38 4.96
C ARG A 63 4.80 -7.46 5.22
N TYR A 64 4.26 -6.54 6.03
CA TYR A 64 2.83 -6.46 6.34
C TYR A 64 1.96 -6.34 5.08
N MET A 65 2.36 -5.50 4.12
CA MET A 65 1.68 -5.33 2.83
C MET A 65 1.83 -6.56 1.92
N ALA A 66 3.01 -7.21 1.91
CA ALA A 66 3.26 -8.41 1.12
C ALA A 66 2.38 -9.60 1.55
N ILE A 67 2.14 -9.75 2.86
CA ILE A 67 1.31 -10.82 3.46
C ILE A 67 -0.12 -10.85 2.88
N ASN A 68 -0.66 -9.73 2.39
CA ASN A 68 -1.99 -9.67 1.75
C ASN A 68 -2.07 -10.41 0.38
N GLN A 69 -0.95 -10.90 -0.17
CA GLN A 69 -0.84 -11.64 -1.44
C GLN A 69 0.10 -12.85 -1.29
N GLY A 70 0.26 -13.63 -2.37
CA GLY A 70 1.20 -14.76 -2.43
C GLY A 70 2.65 -14.27 -2.63
N GLU A 71 3.63 -15.18 -2.47
CA GLU A 71 5.06 -14.90 -2.63
C GLU A 71 5.79 -16.03 -3.41
N ASP A 72 7.05 -15.79 -3.75
CA ASP A 72 7.90 -16.71 -4.54
C ASP A 72 9.38 -16.69 -4.09
N SER A 73 10.21 -17.55 -4.68
CA SER A 73 11.64 -17.73 -4.39
C SER A 73 12.50 -17.91 -5.66
N VAL A 74 13.81 -18.09 -5.50
CA VAL A 74 14.80 -18.22 -6.60
C VAL A 74 14.73 -19.58 -7.32
N PRO A 75 15.22 -19.70 -8.58
CA PRO A 75 15.25 -20.96 -9.33
C PRO A 75 15.91 -22.13 -8.58
N ALA A 76 16.94 -21.85 -7.77
CA ALA A 76 17.66 -22.81 -6.94
C ALA A 76 16.80 -23.49 -5.84
N LYS A 77 15.56 -23.00 -5.62
CA LYS A 77 14.58 -23.49 -4.63
C LYS A 77 13.28 -24.01 -5.27
N LYS A 78 13.25 -24.15 -6.60
CA LYS A 78 12.11 -24.69 -7.39
C LYS A 78 11.73 -26.11 -6.92
N PHE A 79 10.45 -26.45 -7.01
CA PHE A 79 9.88 -27.74 -6.60
C PHE A 79 8.72 -28.18 -7.51
N LYS A 80 8.14 -29.37 -7.28
CA LYS A 80 7.01 -29.95 -8.04
C LYS A 80 6.16 -30.90 -7.19
N ALA A 81 4.89 -31.08 -7.58
CA ALA A 81 3.93 -31.98 -6.94
C ALA A 81 2.92 -32.55 -7.96
N ALA A 82 2.27 -33.66 -7.62
CA ALA A 82 1.29 -34.34 -8.48
C ALA A 82 -0.02 -33.57 -8.78
N PRO A 83 -0.73 -32.97 -7.79
CA PRO A 83 -2.00 -32.27 -8.07
C PRO A 83 -1.79 -30.89 -8.72
N ALA A 84 -2.83 -30.40 -9.42
CA ALA A 84 -2.85 -29.10 -10.08
C ALA A 84 -3.38 -27.95 -9.19
N GLU A 85 -3.60 -28.20 -7.90
CA GLU A 85 -4.11 -27.26 -6.88
C GLU A 85 -3.09 -26.18 -6.45
N ILE A 86 -2.40 -25.57 -7.42
CA ILE A 86 -1.37 -24.52 -7.24
C ILE A 86 -1.90 -23.37 -6.36
N SER A 87 -1.27 -23.20 -5.20
CA SER A 87 -1.59 -22.19 -4.17
C SER A 87 -0.33 -21.56 -3.54
N ASP A 88 0.82 -21.68 -4.22
CA ASP A 88 2.14 -21.20 -3.78
C ASP A 88 3.02 -20.87 -5.02
N GLY A 89 4.26 -20.40 -4.81
CA GLY A 89 5.26 -20.04 -5.82
C GLY A 89 5.71 -21.15 -6.81
N GLU A 90 5.06 -22.31 -6.81
CA GLU A 90 5.31 -23.41 -7.75
C GLU A 90 4.75 -23.11 -9.16
N ASP A 91 3.92 -22.07 -9.29
CA ASP A 91 3.25 -21.61 -10.51
C ASP A 91 4.17 -21.17 -11.68
N ARG A 92 5.49 -21.14 -11.48
CA ARG A 92 6.51 -20.75 -12.49
C ARG A 92 6.30 -21.47 -13.83
N SER A 93 6.06 -22.78 -13.79
CA SER A 93 5.83 -23.69 -14.92
C SER A 93 4.56 -23.43 -15.77
N LYS A 94 4.00 -22.22 -15.72
CA LYS A 94 2.82 -21.77 -16.49
C LYS A 94 3.09 -20.49 -17.30
N CYS A 95 4.22 -19.82 -17.07
CA CYS A 95 4.63 -18.60 -17.75
C CYS A 95 6.11 -18.59 -18.18
N CYS A 96 6.43 -17.66 -19.08
CA CYS A 96 7.77 -17.45 -19.64
C CYS A 96 7.94 -15.95 -19.93
N PRO A 97 8.43 -15.14 -18.97
CA PRO A 97 8.52 -13.69 -19.12
C PRO A 97 9.58 -13.20 -20.13
N VAL A 98 10.68 -13.95 -20.33
CA VAL A 98 11.74 -13.58 -21.30
C VAL A 98 11.19 -13.61 -22.73
N CYS A 99 10.47 -14.67 -23.08
CA CYS A 99 9.79 -14.83 -24.38
C CYS A 99 8.40 -14.14 -24.42
N ASN A 100 7.95 -13.69 -23.24
CA ASN A 100 6.69 -13.00 -22.92
C ASN A 100 5.42 -13.75 -23.37
N MET A 101 5.26 -14.98 -22.84
CA MET A 101 4.13 -15.88 -23.13
C MET A 101 3.78 -16.83 -21.96
N THR A 102 2.77 -17.67 -22.14
CA THR A 102 2.25 -18.65 -21.15
C THR A 102 2.06 -20.05 -21.74
N PHE A 103 1.86 -21.05 -20.88
CA PHE A 103 1.65 -22.46 -21.24
C PHE A 103 0.43 -23.07 -20.53
N SER A 104 -0.26 -23.99 -21.21
CA SER A 104 -1.42 -24.72 -20.65
C SER A 104 -1.02 -25.85 -19.68
N SER A 105 0.18 -26.41 -19.82
CA SER A 105 0.70 -27.53 -19.01
C SER A 105 2.19 -27.33 -18.64
N PRO A 106 2.62 -27.77 -17.44
CA PRO A 106 4.02 -27.67 -17.01
C PRO A 106 4.97 -28.50 -17.88
N VAL A 107 4.50 -29.56 -18.53
CA VAL A 107 5.35 -30.37 -19.44
C VAL A 107 5.82 -29.53 -20.63
N VAL A 108 4.94 -28.66 -21.17
CA VAL A 108 5.25 -27.73 -22.26
C VAL A 108 6.29 -26.71 -21.79
N ALA A 109 6.12 -26.16 -20.57
CA ALA A 109 7.04 -25.21 -19.98
C ALA A 109 8.45 -25.80 -19.81
N GLU A 110 8.56 -26.98 -19.17
CA GLU A 110 9.83 -27.68 -18.97
C GLU A 110 10.53 -28.01 -20.29
N SER A 111 9.78 -28.46 -21.30
CA SER A 111 10.30 -28.75 -22.64
C SER A 111 10.82 -27.49 -23.34
N HIS A 112 10.12 -26.36 -23.20
CA HIS A 112 10.52 -25.08 -23.79
C HIS A 112 11.81 -24.51 -23.16
N TYR A 113 11.91 -24.47 -21.83
CA TYR A 113 13.07 -23.91 -21.12
C TYR A 113 14.43 -24.51 -21.52
N ILE A 114 14.47 -25.80 -21.91
CA ILE A 114 15.69 -26.50 -22.34
C ILE A 114 15.97 -26.43 -23.85
N GLY A 115 15.10 -25.80 -24.64
CA GLY A 115 15.23 -25.65 -26.09
C GLY A 115 15.94 -24.36 -26.50
N LYS A 116 16.59 -24.36 -27.67
CA LYS A 116 17.32 -23.19 -28.20
C LYS A 116 16.45 -21.95 -28.45
N THR A 117 15.15 -22.12 -28.69
CA THR A 117 14.19 -21.00 -28.86
C THR A 117 14.15 -20.11 -27.61
N HIS A 118 14.20 -20.71 -26.42
CA HIS A 118 14.27 -19.99 -25.15
C HIS A 118 15.62 -19.30 -24.99
N ILE A 119 16.72 -20.03 -25.27
CA ILE A 119 18.10 -19.52 -25.19
C ILE A 119 18.34 -18.33 -26.13
N LYS A 120 17.75 -18.32 -27.32
CA LYS A 120 17.81 -17.18 -28.26
C LYS A 120 17.23 -15.91 -27.60
N ASN A 121 16.14 -16.06 -26.86
CA ASN A 121 15.52 -14.96 -26.11
C ASN A 121 16.37 -14.56 -24.88
N LEU A 122 17.04 -15.51 -24.20
CA LEU A 122 17.98 -15.19 -23.10
C LEU A 122 19.09 -14.28 -23.63
N ARG A 123 19.70 -14.66 -24.77
CA ARG A 123 20.76 -13.92 -25.47
C ARG A 123 20.30 -12.54 -25.93
N LEU A 124 19.10 -12.44 -26.51
CA LEU A 124 18.48 -11.20 -26.98
C LEU A 124 18.32 -10.14 -25.86
N ARG A 125 17.97 -10.59 -24.64
CA ARG A 125 17.80 -9.71 -23.45
C ARG A 125 19.05 -9.61 -22.57
N GLU A 126 20.07 -10.42 -22.85
CA GLU A 126 21.33 -10.55 -22.10
C GLU A 126 21.12 -11.01 -20.64
N GLN A 127 20.07 -11.78 -20.39
CA GLN A 127 19.69 -12.32 -19.08
C GLN A 127 20.27 -13.73 -18.85
N ALA A 1 19.71 -20.87 0.29
CA ALA A 1 19.20 -20.94 1.67
C ALA A 1 19.74 -19.85 2.63
N ASP A 2 20.70 -19.04 2.20
CA ASP A 2 21.33 -17.95 2.96
C ASP A 2 21.45 -16.65 2.11
N GLU A 3 20.54 -16.45 1.16
CA GLU A 3 20.49 -15.30 0.25
C GLU A 3 19.07 -14.74 0.05
N PHE A 4 18.99 -13.55 -0.55
CA PHE A 4 17.77 -12.80 -0.86
C PHE A 4 17.88 -11.97 -2.17
N GLY A 5 19.08 -11.79 -2.72
CA GLY A 5 19.32 -11.04 -3.96
C GLY A 5 19.35 -9.51 -3.81
N ASN A 6 19.22 -8.99 -2.59
CA ASN A 6 19.23 -7.57 -2.23
C ASN A 6 19.75 -7.37 -0.79
N GLY A 7 20.42 -6.23 -0.54
CA GLY A 7 20.96 -5.86 0.78
C GLY A 7 20.19 -4.72 1.46
N ASP A 8 19.68 -3.75 0.69
CA ASP A 8 18.90 -2.62 1.19
C ASP A 8 17.95 -2.03 0.11
N ALA A 9 16.87 -1.37 0.57
CA ALA A 9 15.86 -0.72 -0.28
C ALA A 9 15.19 0.49 0.42
N LEU A 10 15.92 1.22 1.29
CA LEU A 10 15.44 2.39 2.04
C LEU A 10 15.05 3.53 1.08
N ASP A 11 13.75 3.68 0.86
CA ASP A 11 13.11 4.65 -0.06
C ASP A 11 11.97 5.45 0.61
N LEU A 12 12.09 5.62 1.94
CA LEU A 12 11.16 6.34 2.83
C LEU A 12 11.15 7.87 2.61
N PRO A 13 10.15 8.60 3.15
CA PRO A 13 10.05 10.08 3.04
C PRO A 13 11.27 10.81 3.65
N VAL A 14 11.48 12.06 3.21
CA VAL A 14 12.63 12.90 3.62
C VAL A 14 12.19 14.30 4.10
N GLY A 15 10.99 14.40 4.69
CA GLY A 15 10.43 15.64 5.24
C GLY A 15 9.04 15.46 5.83
N LYS A 16 8.64 16.38 6.73
CA LYS A 16 7.33 16.35 7.41
C LYS A 16 6.15 16.35 6.44
N ASP A 17 6.22 17.08 5.33
CA ASP A 17 5.15 17.13 4.32
C ASP A 17 4.85 15.74 3.73
N ALA A 18 5.89 14.97 3.40
CA ALA A 18 5.75 13.61 2.90
C ALA A 18 5.27 12.66 4.01
N VAL A 19 5.78 12.78 5.24
CA VAL A 19 5.31 11.95 6.38
C VAL A 19 3.83 12.21 6.67
N ASN A 20 3.38 13.47 6.65
CA ASN A 20 1.98 13.85 6.82
C ASN A 20 1.10 13.21 5.72
N SER A 21 1.53 13.28 4.46
CA SER A 21 0.83 12.65 3.34
C SER A 21 0.78 11.13 3.50
N LEU A 22 1.89 10.50 3.89
CA LEU A 22 1.99 9.05 4.15
C LEU A 22 1.04 8.60 5.27
N ILE A 23 0.92 9.38 6.35
CA ILE A 23 -0.02 9.13 7.45
C ILE A 23 -1.47 9.22 6.94
N ARG A 24 -1.82 10.31 6.23
CA ARG A 24 -3.17 10.53 5.68
C ARG A 24 -3.61 9.45 4.67
N GLU A 25 -2.71 9.04 3.78
CA GLU A 25 -2.97 7.98 2.79
C GLU A 25 -3.10 6.57 3.41
N ASN A 26 -2.68 6.40 4.68
CA ASN A 26 -2.73 5.13 5.42
C ASN A 26 -3.34 5.31 6.83
N SER A 27 -4.35 6.19 6.96
CA SER A 27 -5.03 6.53 8.23
C SER A 27 -5.59 5.33 9.02
N HIS A 28 -5.79 4.19 8.36
CA HIS A 28 -6.24 2.93 8.96
C HIS A 28 -5.16 2.20 9.78
N ILE A 29 -3.87 2.51 9.55
CA ILE A 29 -2.71 1.88 10.22
C ILE A 29 -1.66 2.85 10.77
N PHE A 30 -1.61 4.10 10.28
CA PHE A 30 -0.68 5.15 10.73
C PHE A 30 -1.47 6.37 11.23
N SER A 31 -0.92 7.11 12.18
CA SER A 31 -1.49 8.33 12.74
C SER A 31 -0.42 9.26 13.31
N ASP A 32 -0.78 10.49 13.64
CA ASP A 32 0.13 11.48 14.23
C ASP A 32 0.69 11.08 15.61
N THR A 33 0.08 10.09 16.28
CA THR A 33 0.44 9.64 17.64
C THR A 33 0.62 8.12 17.82
N GLN A 34 0.46 7.29 16.78
CA GLN A 34 0.62 5.82 16.88
C GLN A 34 0.79 5.14 15.50
N CYS A 35 1.60 4.08 15.45
CA CYS A 35 1.78 3.20 14.28
C CYS A 35 1.32 1.79 14.64
N LYS A 36 0.26 1.27 14.00
CA LYS A 36 -0.29 -0.08 14.27
C LYS A 36 0.57 -1.22 13.73
N VAL A 37 1.20 -1.05 12.55
CA VAL A 37 2.08 -2.07 11.93
C VAL A 37 3.23 -2.44 12.86
N CYS A 38 3.78 -1.44 13.55
CA CYS A 38 4.88 -1.58 14.51
C CYS A 38 4.39 -1.54 15.97
N SER A 39 3.06 -1.56 16.17
CA SER A 39 2.30 -1.51 17.43
C SER A 39 2.97 -0.67 18.53
N ALA A 40 3.28 0.59 18.18
CA ALA A 40 3.98 1.54 19.04
C ALA A 40 3.37 2.95 19.01
N VAL A 41 3.43 3.63 20.16
CA VAL A 41 2.93 5.01 20.36
C VAL A 41 4.03 6.01 20.00
N LEU A 42 3.63 7.19 19.52
CA LEU A 42 4.45 8.28 19.02
C LEU A 42 4.10 9.57 19.79
N ILE A 43 4.54 9.64 21.04
CA ILE A 43 4.27 10.71 22.02
C ILE A 43 4.63 12.15 21.61
N SER A 44 5.39 12.35 20.53
CA SER A 44 5.81 13.66 20.00
C SER A 44 6.04 13.59 18.49
N GLU A 45 5.94 14.74 17.81
CA GLU A 45 6.19 14.84 16.36
C GLU A 45 7.59 14.35 15.97
N SER A 46 8.62 14.63 16.77
CA SER A 46 9.98 14.15 16.48
C SER A 46 10.05 12.61 16.50
N GLN A 47 9.29 11.94 17.38
CA GLN A 47 9.19 10.48 17.40
C GLN A 47 8.44 10.00 16.15
N LYS A 48 7.34 10.65 15.78
CA LYS A 48 6.56 10.31 14.57
C LYS A 48 7.43 10.40 13.31
N LEU A 49 8.18 11.49 13.16
CA LEU A 49 9.08 11.72 12.04
C LEU A 49 10.17 10.64 12.00
N ALA A 50 10.88 10.40 13.11
CA ALA A 50 11.91 9.37 13.19
C ALA A 50 11.37 7.96 12.92
N HIS A 51 10.17 7.61 13.42
CA HIS A 51 9.56 6.30 13.20
C HIS A 51 9.17 6.06 11.74
N TYR A 52 8.43 7.01 11.12
CA TYR A 52 8.02 6.90 9.71
C TYR A 52 9.20 6.96 8.71
N GLN A 53 10.37 7.44 9.15
CA GLN A 53 11.61 7.49 8.37
C GLN A 53 12.62 6.38 8.77
N SER A 54 12.31 5.55 9.77
CA SER A 54 13.17 4.45 10.24
C SER A 54 13.22 3.27 9.25
N ARG A 55 14.43 2.77 8.97
CA ARG A 55 14.68 1.60 8.09
C ARG A 55 13.89 0.34 8.53
N LYS A 56 13.65 0.19 9.84
CA LYS A 56 12.86 -0.92 10.41
C LYS A 56 11.38 -0.83 10.03
N HIS A 57 10.81 0.38 10.00
CA HIS A 57 9.41 0.62 9.60
C HIS A 57 9.18 0.19 8.15
N ALA A 58 10.11 0.50 7.22
CA ALA A 58 9.99 0.07 5.82
C ALA A 58 9.90 -1.46 5.70
N ASN A 59 10.78 -2.18 6.38
CA ASN A 59 10.81 -3.65 6.36
C ASN A 59 9.51 -4.24 6.94
N LYS A 60 9.04 -3.76 8.09
CA LYS A 60 7.80 -4.24 8.72
C LYS A 60 6.55 -3.93 7.87
N VAL A 61 6.47 -2.72 7.28
CA VAL A 61 5.36 -2.35 6.38
C VAL A 61 5.37 -3.23 5.14
N ARG A 62 6.53 -3.47 4.51
CA ARG A 62 6.64 -4.36 3.33
C ARG A 62 6.23 -5.80 3.66
N ARG A 63 6.64 -6.33 4.82
CA ARG A 63 6.25 -7.65 5.31
C ARG A 63 4.74 -7.76 5.53
N TYR A 64 4.11 -6.72 6.09
CA TYR A 64 2.65 -6.65 6.28
C TYR A 64 1.90 -6.46 4.96
N MET A 65 2.40 -5.64 4.03
CA MET A 65 1.80 -5.43 2.69
C MET A 65 1.78 -6.72 1.86
N ALA A 66 2.66 -7.68 2.15
CA ALA A 66 2.65 -9.01 1.53
C ALA A 66 1.48 -9.90 2.03
N ILE A 67 0.77 -9.47 3.09
CA ILE A 67 -0.40 -10.12 3.70
C ILE A 67 -1.68 -9.33 3.36
N ASN A 68 -1.63 -8.01 3.54
CA ASN A 68 -2.71 -7.05 3.30
C ASN A 68 -3.00 -6.84 1.79
N GLN A 69 -4.18 -6.31 1.47
CA GLN A 69 -4.61 -5.94 0.11
C GLN A 69 -4.09 -4.55 -0.26
N GLY A 70 -2.76 -4.39 -0.31
CA GLY A 70 -2.07 -3.12 -0.60
C GLY A 70 -0.70 -3.27 -1.28
N GLU A 71 0.02 -2.15 -1.41
CA GLU A 71 1.34 -2.04 -2.06
C GLU A 71 2.30 -1.11 -1.28
N ASP A 72 3.58 -1.12 -1.66
CA ASP A 72 4.65 -0.32 -1.04
C ASP A 72 4.43 1.21 -1.11
N SER A 73 4.98 1.93 -0.13
CA SER A 73 4.91 3.39 0.01
C SER A 73 5.54 4.16 -1.16
N VAL A 74 4.72 4.85 -1.97
CA VAL A 74 5.19 5.62 -3.14
C VAL A 74 5.89 6.94 -2.70
N PRO A 75 7.12 7.23 -3.18
CA PRO A 75 7.90 8.42 -2.79
C PRO A 75 7.56 9.72 -3.54
N ALA A 76 6.63 9.69 -4.51
CA ALA A 76 6.22 10.83 -5.34
C ALA A 76 5.84 12.12 -4.57
N LYS A 77 5.49 11.98 -3.29
CA LYS A 77 5.16 13.06 -2.33
C LYS A 77 6.20 14.18 -2.30
N LYS A 78 7.48 13.85 -2.52
CA LYS A 78 8.63 14.78 -2.57
C LYS A 78 8.47 15.93 -3.59
N PHE A 79 7.70 15.71 -4.66
CA PHE A 79 7.43 16.70 -5.70
C PHE A 79 6.59 17.91 -5.21
N LYS A 80 5.79 17.74 -4.15
CA LYS A 80 4.89 18.76 -3.58
C LYS A 80 5.54 19.60 -2.47
N ALA A 81 6.76 20.08 -2.70
CA ALA A 81 7.53 20.90 -1.76
C ALA A 81 8.36 21.99 -2.48
N ALA A 82 8.38 23.21 -1.93
CA ALA A 82 9.09 24.38 -2.44
C ALA A 82 9.31 25.45 -1.32
N PRO A 83 10.29 26.38 -1.45
CA PRO A 83 10.54 27.44 -0.47
C PRO A 83 9.29 28.29 -0.16
N ALA A 84 9.11 28.69 1.12
CA ALA A 84 7.96 29.46 1.60
C ALA A 84 8.26 30.33 2.84
N GLU A 85 9.50 30.81 3.02
CA GLU A 85 9.91 31.62 4.18
C GLU A 85 10.91 32.74 3.83
N ILE A 86 10.70 33.92 4.41
CA ILE A 86 11.53 35.14 4.24
C ILE A 86 13.02 34.89 4.54
N SER A 87 13.29 34.05 5.55
CA SER A 87 14.62 33.67 6.02
C SER A 87 15.55 33.04 4.96
N ASP A 88 15.03 32.61 3.80
CA ASP A 88 15.82 32.02 2.71
C ASP A 88 16.95 32.96 2.23
N GLY A 89 16.72 34.28 2.22
CA GLY A 89 17.72 35.29 1.89
C GLY A 89 17.21 36.46 1.04
N GLU A 90 16.45 36.16 -0.02
CA GLU A 90 15.95 37.16 -0.99
C GLU A 90 15.01 38.24 -0.43
N ASP A 91 14.35 38.01 0.71
CA ASP A 91 13.39 38.97 1.31
C ASP A 91 13.81 39.52 2.69
N ARG A 92 14.97 39.11 3.22
CA ARG A 92 15.54 39.64 4.48
C ARG A 92 15.71 41.17 4.45
N SER A 93 15.91 41.74 3.27
CA SER A 93 16.05 43.18 3.01
C SER A 93 14.74 43.97 3.10
N LYS A 94 13.58 43.31 3.23
CA LYS A 94 12.25 43.95 3.35
C LYS A 94 11.50 43.55 4.61
N CYS A 95 11.68 42.32 5.12
CA CYS A 95 10.99 41.82 6.31
C CYS A 95 11.92 40.99 7.22
N CYS A 96 11.55 40.87 8.49
CA CYS A 96 12.26 40.14 9.54
C CYS A 96 11.29 39.26 10.34
N PRO A 97 11.18 37.94 10.06
CA PRO A 97 10.27 37.04 10.78
C PRO A 97 10.71 36.75 12.23
N VAL A 98 11.99 36.96 12.55
CA VAL A 98 12.56 36.81 13.92
C VAL A 98 11.86 37.73 14.92
N CYS A 99 11.51 38.94 14.48
CA CYS A 99 10.82 39.98 15.25
C CYS A 99 9.38 40.25 14.77
N ASN A 100 9.02 39.69 13.61
CA ASN A 100 7.76 39.86 12.89
C ASN A 100 7.48 41.33 12.53
N MET A 101 8.43 41.94 11.80
CA MET A 101 8.41 43.35 11.37
C MET A 101 8.84 43.51 9.90
N THR A 102 8.67 44.73 9.36
CA THR A 102 8.99 45.11 7.97
C THR A 102 9.81 46.41 7.91
N PHE A 103 10.48 46.66 6.78
CA PHE A 103 11.37 47.80 6.55
C PHE A 103 11.07 48.51 5.21
N SER A 104 11.26 49.83 5.16
CA SER A 104 11.04 50.65 3.97
C SER A 104 12.15 50.53 2.90
N SER A 105 13.35 50.10 3.26
CA SER A 105 14.51 49.91 2.36
C SER A 105 15.58 48.98 2.98
N PRO A 106 16.44 48.35 2.16
CA PRO A 106 17.51 47.45 2.63
C PRO A 106 18.43 48.05 3.71
N VAL A 107 18.73 49.35 3.63
CA VAL A 107 19.57 50.05 4.62
C VAL A 107 18.92 50.04 6.02
N VAL A 108 17.59 50.17 6.08
CA VAL A 108 16.82 50.11 7.34
C VAL A 108 16.84 48.68 7.90
N ALA A 109 16.72 47.66 7.02
CA ALA A 109 16.82 46.25 7.43
C ALA A 109 18.20 45.96 8.03
N GLU A 110 19.28 46.35 7.35
CA GLU A 110 20.66 46.18 7.84
C GLU A 110 20.87 46.92 9.18
N SER A 111 20.35 48.15 9.31
CA SER A 111 20.43 48.93 10.55
C SER A 111 19.71 48.24 11.72
N HIS A 112 18.57 47.59 11.45
CA HIS A 112 17.82 46.83 12.46
C HIS A 112 18.60 45.58 12.91
N TYR A 113 19.14 44.79 11.97
CA TYR A 113 19.89 43.55 12.29
C TYR A 113 21.13 43.78 13.17
N ILE A 114 21.80 44.94 13.08
CA ILE A 114 22.96 45.29 13.92
C ILE A 114 22.58 46.00 15.23
N GLY A 115 21.29 46.28 15.46
CA GLY A 115 20.77 46.96 16.64
C GLY A 115 20.24 46.01 17.73
N LYS A 116 20.13 46.53 18.96
CA LYS A 116 19.67 45.77 20.14
C LYS A 116 18.25 45.21 20.00
N THR A 117 17.37 45.87 19.25
CA THR A 117 15.98 45.41 19.00
C THR A 117 15.94 43.99 18.44
N HIS A 118 16.79 43.68 17.45
CA HIS A 118 16.89 42.34 16.88
C HIS A 118 17.47 41.34 17.89
N ILE A 119 18.54 41.72 18.59
CA ILE A 119 19.24 40.89 19.59
C ILE A 119 18.32 40.49 20.75
N LYS A 120 17.50 41.42 21.28
CA LYS A 120 16.52 41.13 22.34
C LYS A 120 15.50 40.08 21.88
N ASN A 121 15.04 40.17 20.63
CA ASN A 121 14.12 39.20 20.05
C ASN A 121 14.73 37.80 19.93
N LEU A 122 16.05 37.66 19.74
CA LEU A 122 16.71 36.33 19.72
C LEU A 122 16.44 35.57 21.03
N ARG A 123 16.55 36.26 22.18
CA ARG A 123 16.27 35.69 23.49
C ARG A 123 14.79 35.40 23.68
N LEU A 124 13.90 36.33 23.29
CA LEU A 124 12.44 36.13 23.41
C LEU A 124 11.97 34.89 22.62
N ARG A 125 12.54 34.64 21.43
CA ARG A 125 12.23 33.49 20.59
C ARG A 125 12.64 32.15 21.21
N GLU A 126 13.74 32.13 21.99
CA GLU A 126 14.27 30.95 22.69
C GLU A 126 13.73 30.77 24.12
N GLN A 127 13.27 31.85 24.77
CA GLN A 127 12.76 31.89 26.14
C GLN A 127 11.46 32.70 26.23
N ALA A 1 11.82 22.58 22.93
CA ALA A 1 13.22 22.15 22.90
C ALA A 1 13.45 20.81 22.15
N ASP A 2 12.43 20.27 21.46
CA ASP A 2 12.49 18.99 20.73
C ASP A 2 11.78 19.05 19.35
N GLU A 3 11.45 20.24 18.86
CA GLU A 3 10.78 20.46 17.55
C GLU A 3 11.68 20.22 16.32
N PHE A 4 12.99 20.00 16.53
CA PHE A 4 13.98 19.74 15.47
C PHE A 4 13.86 18.31 14.89
N GLY A 5 14.47 18.09 13.72
CA GLY A 5 14.49 16.80 13.02
C GLY A 5 15.46 16.75 11.83
N ASN A 6 15.63 15.56 11.25
CA ASN A 6 16.52 15.27 10.12
C ASN A 6 15.88 14.24 9.15
N GLY A 7 16.59 13.92 8.06
CA GLY A 7 16.21 12.96 7.02
C GLY A 7 17.36 12.66 6.05
N ASP A 8 17.19 11.70 5.15
CA ASP A 8 18.20 11.29 4.16
C ASP A 8 17.56 10.82 2.83
N ALA A 9 18.20 11.12 1.69
CA ALA A 9 17.76 10.77 0.35
C ALA A 9 17.70 9.25 0.10
N LEU A 10 16.49 8.70 0.01
CA LEU A 10 16.14 7.30 -0.21
C LEU A 10 14.69 7.25 -0.75
N ASP A 11 14.21 6.07 -1.11
CA ASP A 11 12.82 5.84 -1.58
C ASP A 11 11.75 6.02 -0.47
N LEU A 12 12.22 6.09 0.78
CA LEU A 12 11.48 6.32 2.01
C LEU A 12 11.21 7.83 2.21
N PRO A 13 10.29 8.24 3.12
CA PRO A 13 10.03 9.65 3.43
C PRO A 13 11.33 10.41 3.79
N VAL A 14 11.42 11.69 3.42
CA VAL A 14 12.62 12.53 3.61
C VAL A 14 12.31 13.93 4.19
N GLY A 15 11.16 14.04 4.86
CA GLY A 15 10.71 15.28 5.50
C GLY A 15 9.28 15.19 6.05
N LYS A 16 8.88 16.22 6.81
CA LYS A 16 7.55 16.33 7.43
C LYS A 16 6.40 16.24 6.42
N ASP A 17 6.55 16.81 5.23
CA ASP A 17 5.53 16.77 4.17
C ASP A 17 5.24 15.33 3.70
N ALA A 18 6.29 14.52 3.47
CA ALA A 18 6.16 13.12 3.08
C ALA A 18 5.55 12.28 4.21
N VAL A 19 6.03 12.46 5.45
CA VAL A 19 5.49 11.74 6.62
C VAL A 19 4.01 12.07 6.85
N ASN A 20 3.63 13.36 6.75
CA ASN A 20 2.24 13.77 6.88
C ASN A 20 1.38 13.14 5.79
N SER A 21 1.81 13.18 4.52
CA SER A 21 1.07 12.57 3.40
C SER A 21 0.90 11.06 3.60
N LEU A 22 1.95 10.36 4.03
CA LEU A 22 1.93 8.94 4.34
C LEU A 22 0.90 8.60 5.43
N ILE A 23 0.79 9.45 6.46
CA ILE A 23 -0.22 9.32 7.52
C ILE A 23 -1.63 9.54 6.95
N ARG A 24 -1.87 10.60 6.16
CA ARG A 24 -3.19 10.89 5.58
C ARG A 24 -3.68 9.80 4.62
N GLU A 25 -2.78 9.25 3.79
CA GLU A 25 -3.09 8.18 2.84
C GLU A 25 -3.31 6.79 3.50
N ASN A 26 -2.92 6.62 4.77
CA ASN A 26 -3.01 5.36 5.52
C ASN A 26 -3.57 5.57 6.95
N SER A 27 -4.53 6.49 7.11
CA SER A 27 -5.16 6.86 8.39
C SER A 27 -5.72 5.70 9.23
N HIS A 28 -5.99 4.55 8.59
CA HIS A 28 -6.48 3.33 9.23
C HIS A 28 -5.39 2.55 9.99
N ILE A 29 -4.10 2.78 9.70
CA ILE A 29 -2.94 2.10 10.32
C ILE A 29 -1.84 3.03 10.83
N PHE A 30 -1.77 4.27 10.37
CA PHE A 30 -0.79 5.29 10.78
C PHE A 30 -1.55 6.54 11.26
N SER A 31 -1.05 7.19 12.31
CA SER A 31 -1.60 8.43 12.86
C SER A 31 -0.50 9.34 13.40
N ASP A 32 -0.88 10.56 13.79
CA ASP A 32 0.04 11.53 14.39
C ASP A 32 0.60 11.10 15.75
N THR A 33 0.05 10.04 16.37
CA THR A 33 0.42 9.55 17.70
C THR A 33 0.62 8.03 17.81
N GLN A 34 0.43 7.24 16.76
CA GLN A 34 0.62 5.78 16.81
C GLN A 34 0.79 5.13 15.42
N CYS A 35 1.60 4.07 15.35
CA CYS A 35 1.76 3.21 14.16
C CYS A 35 1.30 1.80 14.53
N LYS A 36 0.21 1.31 13.90
CA LYS A 36 -0.35 -0.03 14.18
C LYS A 36 0.44 -1.17 13.53
N VAL A 37 1.06 -0.93 12.37
CA VAL A 37 1.90 -1.95 11.68
C VAL A 37 3.07 -2.38 12.57
N CYS A 38 3.69 -1.42 13.27
CA CYS A 38 4.81 -1.62 14.19
C CYS A 38 4.35 -1.66 15.67
N SER A 39 3.03 -1.66 15.91
CA SER A 39 2.35 -1.65 17.22
C SER A 39 3.07 -0.79 18.28
N ALA A 40 3.31 0.48 17.93
CA ALA A 40 4.07 1.43 18.75
C ALA A 40 3.42 2.82 18.81
N VAL A 41 3.52 3.46 19.99
CA VAL A 41 3.01 4.81 20.25
C VAL A 41 4.10 5.84 19.90
N LEU A 42 3.67 7.03 19.46
CA LEU A 42 4.48 8.15 18.98
C LEU A 42 4.08 9.41 19.78
N ILE A 43 4.47 9.44 21.05
CA ILE A 43 4.13 10.48 22.05
C ILE A 43 4.36 11.95 21.63
N SER A 44 5.24 12.21 20.65
CA SER A 44 5.57 13.54 20.12
C SER A 44 5.82 13.49 18.62
N GLU A 45 5.67 14.62 17.93
CA GLU A 45 5.92 14.72 16.49
C GLU A 45 7.35 14.31 16.11
N SER A 46 8.35 14.58 16.95
CA SER A 46 9.73 14.14 16.73
C SER A 46 9.85 12.61 16.62
N GLN A 47 9.07 11.88 17.44
CA GLN A 47 9.04 10.41 17.41
C GLN A 47 8.36 9.94 16.12
N LYS A 48 7.26 10.57 15.71
CA LYS A 48 6.55 10.24 14.46
C LYS A 48 7.45 10.47 13.24
N LEU A 49 8.13 11.61 13.19
CA LEU A 49 9.06 11.97 12.11
C LEU A 49 10.24 10.99 12.03
N ALA A 50 10.80 10.56 13.16
CA ALA A 50 11.86 9.54 13.17
C ALA A 50 11.35 8.14 12.79
N HIS A 51 10.24 7.69 13.37
CA HIS A 51 9.66 6.37 13.13
C HIS A 51 9.25 6.16 11.66
N TYR A 52 8.48 7.08 11.08
CA TYR A 52 8.02 6.95 9.68
C TYR A 52 9.15 7.06 8.65
N GLN A 53 10.28 7.68 8.98
CA GLN A 53 11.47 7.75 8.10
C GLN A 53 12.43 6.56 8.30
N SER A 54 12.31 5.81 9.40
CA SER A 54 13.17 4.67 9.74
C SER A 54 13.11 3.52 8.73
N ARG A 55 14.27 2.92 8.45
CA ARG A 55 14.40 1.74 7.57
C ARG A 55 13.66 0.52 8.16
N LYS A 56 13.61 0.40 9.49
CA LYS A 56 12.90 -0.68 10.20
C LYS A 56 11.39 -0.59 9.96
N HIS A 57 10.81 0.62 9.98
CA HIS A 57 9.38 0.83 9.68
C HIS A 57 9.06 0.37 8.25
N ALA A 58 9.86 0.79 7.26
CA ALA A 58 9.67 0.37 5.87
C ALA A 58 9.76 -1.17 5.72
N ASN A 59 10.72 -1.82 6.39
CA ASN A 59 10.85 -3.28 6.39
C ASN A 59 9.59 -3.95 6.98
N LYS A 60 9.09 -3.44 8.12
CA LYS A 60 7.86 -3.93 8.77
C LYS A 60 6.64 -3.75 7.86
N VAL A 61 6.51 -2.60 7.19
CA VAL A 61 5.44 -2.32 6.21
C VAL A 61 5.52 -3.29 5.04
N ARG A 62 6.72 -3.56 4.48
CA ARG A 62 6.89 -4.53 3.38
C ARG A 62 6.45 -5.94 3.79
N ARG A 63 6.79 -6.38 5.00
CA ARG A 63 6.37 -7.68 5.57
C ARG A 63 4.84 -7.71 5.75
N TYR A 64 4.25 -6.67 6.31
CA TYR A 64 2.80 -6.53 6.52
C TYR A 64 2.01 -6.51 5.20
N MET A 65 2.49 -5.77 4.18
CA MET A 65 1.86 -5.70 2.86
C MET A 65 1.79 -7.07 2.16
N ALA A 66 2.79 -7.93 2.37
CA ALA A 66 2.82 -9.29 1.81
C ALA A 66 1.72 -10.22 2.37
N ILE A 67 1.13 -9.89 3.53
CA ILE A 67 0.04 -10.66 4.17
C ILE A 67 -1.27 -10.53 3.36
N ASN A 68 -1.48 -9.40 2.68
CA ASN A 68 -2.62 -9.13 1.81
C ASN A 68 -2.54 -9.96 0.50
N GLN A 69 -3.18 -11.12 0.48
CA GLN A 69 -3.18 -12.07 -0.65
C GLN A 69 -3.64 -11.42 -1.97
N GLY A 70 -2.93 -11.68 -3.06
CA GLY A 70 -3.21 -11.15 -4.40
C GLY A 70 -2.03 -11.29 -5.36
N GLU A 71 -2.12 -10.64 -6.52
CA GLU A 71 -1.10 -10.61 -7.59
C GLU A 71 0.11 -9.71 -7.26
N ASP A 72 0.60 -9.72 -6.00
CA ASP A 72 1.70 -8.88 -5.50
C ASP A 72 3.04 -9.01 -6.26
N SER A 73 3.22 -10.06 -7.07
CA SER A 73 4.42 -10.30 -7.90
C SER A 73 4.65 -9.24 -9.00
N VAL A 74 3.65 -8.40 -9.28
CA VAL A 74 3.68 -7.33 -10.30
C VAL A 74 2.99 -6.04 -9.80
N PRO A 75 3.32 -4.84 -10.33
CA PRO A 75 2.73 -3.56 -9.93
C PRO A 75 1.29 -3.39 -10.47
N ALA A 76 0.37 -4.23 -10.03
CA ALA A 76 -1.05 -4.26 -10.42
C ALA A 76 -1.98 -4.54 -9.23
N LYS A 77 -3.31 -4.45 -9.47
CA LYS A 77 -4.38 -4.70 -8.48
C LYS A 77 -4.46 -6.19 -8.07
N LYS A 78 -5.24 -6.47 -7.02
CA LYS A 78 -5.50 -7.82 -6.45
C LYS A 78 -5.92 -8.86 -7.50
N PHE A 79 -6.69 -8.44 -8.51
CA PHE A 79 -7.18 -9.26 -9.62
C PHE A 79 -7.04 -8.52 -10.96
N LYS A 80 -7.02 -9.26 -12.08
CA LYS A 80 -6.90 -8.74 -13.46
C LYS A 80 -8.27 -8.80 -14.16
N ALA A 81 -9.22 -8.00 -13.67
CA ALA A 81 -10.58 -7.89 -14.20
C ALA A 81 -10.68 -7.31 -15.63
N ALA A 82 -9.57 -6.74 -16.14
CA ALA A 82 -9.42 -6.15 -17.48
C ALA A 82 -7.98 -6.40 -17.99
N PRO A 83 -7.73 -6.39 -19.32
CA PRO A 83 -6.40 -6.62 -19.90
C PRO A 83 -5.40 -5.51 -19.53
N ALA A 84 -4.53 -5.80 -18.56
CA ALA A 84 -3.52 -4.87 -18.02
C ALA A 84 -2.17 -5.56 -17.70
N GLU A 85 -1.93 -6.76 -18.25
CA GLU A 85 -0.70 -7.54 -18.05
C GLU A 85 0.54 -6.87 -18.67
N ILE A 86 1.73 -7.21 -18.14
CA ILE A 86 3.05 -6.70 -18.58
C ILE A 86 4.02 -7.89 -18.76
N SER A 87 3.51 -9.01 -19.28
CA SER A 87 4.21 -10.29 -19.48
C SER A 87 4.30 -10.76 -20.95
N ASP A 88 3.66 -10.03 -21.87
CA ASP A 88 3.65 -10.30 -23.33
C ASP A 88 3.83 -8.99 -24.16
N GLY A 89 4.27 -7.92 -23.49
CA GLY A 89 4.53 -6.58 -24.01
C GLY A 89 4.88 -5.61 -22.88
N GLU A 90 5.10 -4.33 -23.19
CA GLU A 90 5.45 -3.29 -22.22
C GLU A 90 4.83 -1.94 -22.62
N ASP A 91 4.46 -1.12 -21.62
CA ASP A 91 3.87 0.21 -21.85
C ASP A 91 4.82 1.13 -22.64
N ARG A 92 6.07 1.25 -22.19
CA ARG A 92 7.11 2.12 -22.80
C ARG A 92 7.56 1.72 -24.21
N SER A 93 7.19 0.52 -24.70
CA SER A 93 7.52 0.06 -26.06
C SER A 93 6.37 0.28 -27.07
N LYS A 94 5.22 0.82 -26.61
CA LYS A 94 4.03 1.12 -27.43
C LYS A 94 3.41 2.50 -27.16
N CYS A 95 3.73 3.13 -26.03
CA CYS A 95 3.23 4.45 -25.62
C CYS A 95 4.32 5.28 -24.91
N CYS A 96 4.11 6.59 -24.89
CA CYS A 96 4.97 7.60 -24.25
C CYS A 96 4.08 8.60 -23.50
N PRO A 97 3.74 8.37 -22.22
CA PRO A 97 2.88 9.27 -21.44
C PRO A 97 3.49 10.66 -21.23
N VAL A 98 4.81 10.80 -21.27
CA VAL A 98 5.53 12.09 -21.17
C VAL A 98 5.11 13.05 -22.28
N CYS A 99 4.84 12.52 -23.47
CA CYS A 99 4.41 13.26 -24.66
C CYS A 99 2.94 13.00 -25.07
N ASN A 100 2.28 12.09 -24.35
CA ASN A 100 0.91 11.61 -24.52
C ASN A 100 0.60 11.14 -25.95
N MET A 101 1.37 10.13 -26.40
CA MET A 101 1.32 9.55 -27.75
C MET A 101 1.69 8.06 -27.78
N THR A 102 1.51 7.40 -28.93
CA THR A 102 1.76 5.95 -29.15
C THR A 102 2.64 5.69 -30.39
N PHE A 103 3.11 4.45 -30.54
CA PHE A 103 4.00 4.02 -31.62
C PHE A 103 3.53 2.74 -32.34
N SER A 104 3.81 2.65 -33.64
CA SER A 104 3.47 1.49 -34.48
C SER A 104 4.31 0.24 -34.15
N SER A 105 5.59 0.41 -33.83
CA SER A 105 6.55 -0.66 -33.50
C SER A 105 7.49 -0.27 -32.36
N PRO A 106 8.06 -1.25 -31.61
CA PRO A 106 8.97 -0.98 -30.49
C PRO A 106 10.26 -0.26 -30.87
N VAL A 107 10.75 -0.46 -32.11
CA VAL A 107 11.95 0.23 -32.64
C VAL A 107 11.74 1.75 -32.68
N VAL A 108 10.52 2.20 -33.01
CA VAL A 108 10.15 3.63 -33.02
C VAL A 108 10.07 4.15 -31.58
N ALA A 109 9.48 3.37 -30.66
CA ALA A 109 9.35 3.73 -29.26
C ALA A 109 10.70 3.96 -28.57
N GLU A 110 11.65 3.02 -28.69
CA GLU A 110 12.98 3.18 -28.08
C GLU A 110 13.76 4.35 -28.68
N SER A 111 13.65 4.54 -30.01
CA SER A 111 14.28 5.65 -30.74
C SER A 111 13.73 7.02 -30.30
N HIS A 112 12.43 7.13 -30.04
CA HIS A 112 11.79 8.37 -29.58
C HIS A 112 12.35 8.83 -28.23
N TYR A 113 12.41 7.93 -27.23
CA TYR A 113 12.94 8.21 -25.89
C TYR A 113 14.39 8.75 -25.84
N ILE A 114 15.16 8.65 -26.92
CA ILE A 114 16.55 9.17 -27.03
C ILE A 114 16.70 10.27 -28.11
N GLY A 115 15.59 10.72 -28.71
CA GLY A 115 15.56 11.76 -29.76
C GLY A 115 15.14 13.14 -29.24
N LYS A 116 15.48 14.20 -29.99
CA LYS A 116 15.21 15.59 -29.63
C LYS A 116 13.73 15.91 -29.37
N THR A 117 12.81 15.29 -30.10
CA THR A 117 11.34 15.48 -29.91
C THR A 117 10.91 15.17 -28.47
N HIS A 118 11.45 14.10 -27.89
CA HIS A 118 11.20 13.73 -26.49
C HIS A 118 11.86 14.73 -25.53
N ILE A 119 13.11 15.12 -25.79
CA ILE A 119 13.88 16.09 -24.98
C ILE A 119 13.18 17.46 -24.93
N LYS A 120 12.59 17.93 -26.04
CA LYS A 120 11.78 19.17 -26.07
C LYS A 120 10.60 19.07 -25.09
N ASN A 121 10.01 17.88 -24.95
CA ASN A 121 8.94 17.63 -23.98
C ASN A 121 9.50 17.51 -22.55
N LEU A 122 10.71 16.97 -22.32
CA LEU A 122 11.34 16.94 -20.99
C LEU A 122 11.50 18.39 -20.47
N ARG A 123 12.00 19.29 -21.32
CA ARG A 123 12.18 20.73 -21.02
C ARG A 123 10.86 21.43 -20.72
N LEU A 124 9.75 21.02 -21.36
CA LEU A 124 8.41 21.54 -21.12
C LEU A 124 7.85 21.04 -19.78
N ARG A 125 7.99 19.74 -19.50
CA ARG A 125 7.57 19.08 -18.23
C ARG A 125 8.29 19.67 -17.02
N GLU A 126 9.57 20.00 -17.17
CA GLU A 126 10.41 20.67 -16.16
C GLU A 126 9.98 22.12 -15.87
N GLN A 127 9.13 22.70 -16.73
CA GLN A 127 8.62 24.08 -16.66
C GLN A 127 7.09 24.09 -16.82
N ALA A 1 13.29 -20.90 5.52
CA ALA A 1 14.56 -20.53 4.89
C ALA A 1 15.09 -19.16 5.37
N ASP A 2 16.40 -18.93 5.19
CA ASP A 2 17.10 -17.70 5.58
C ASP A 2 18.32 -17.41 4.68
N GLU A 3 18.82 -16.17 4.73
CA GLU A 3 19.97 -15.68 3.96
C GLU A 3 20.70 -14.52 4.69
N PHE A 4 21.90 -14.16 4.23
CA PHE A 4 22.69 -13.06 4.80
C PHE A 4 22.14 -11.68 4.41
N GLY A 5 22.32 -10.68 5.28
CA GLY A 5 21.89 -9.30 5.06
C GLY A 5 22.20 -8.37 6.24
N ASN A 6 21.92 -7.07 6.07
CA ASN A 6 22.13 -6.01 7.05
C ASN A 6 21.14 -4.83 6.88
N GLY A 7 21.12 -3.91 7.84
CA GLY A 7 20.26 -2.71 7.83
C GLY A 7 20.61 -1.70 8.92
N ASP A 8 20.11 -0.47 8.78
CA ASP A 8 20.32 0.67 9.69
C ASP A 8 19.21 1.72 9.52
N ALA A 9 19.21 2.77 10.36
CA ALA A 9 18.28 3.90 10.28
C ALA A 9 18.37 4.65 8.93
N LEU A 10 17.32 5.40 8.58
CA LEU A 10 17.20 6.13 7.32
C LEU A 10 16.41 7.45 7.52
N ASP A 11 16.27 8.15 6.41
CA ASP A 11 15.55 9.41 6.17
C ASP A 11 14.81 9.27 4.83
N LEU A 12 14.11 8.14 4.68
CA LEU A 12 13.44 7.66 3.47
C LEU A 12 12.39 8.68 2.96
N PRO A 13 11.19 8.86 3.58
CA PRO A 13 10.34 10.01 3.24
C PRO A 13 11.07 11.26 3.77
N VAL A 14 11.12 12.35 3.00
CA VAL A 14 11.91 13.55 3.36
C VAL A 14 11.03 14.68 3.89
N GLY A 15 11.38 15.17 5.10
CA GLY A 15 10.70 16.27 5.78
C GLY A 15 9.31 15.92 6.34
N LYS A 16 8.70 16.89 7.04
CA LYS A 16 7.37 16.72 7.66
C LYS A 16 6.28 16.45 6.62
N ASP A 17 6.35 17.12 5.46
CA ASP A 17 5.37 17.00 4.37
C ASP A 17 5.22 15.56 3.85
N ALA A 18 6.33 14.86 3.60
CA ALA A 18 6.29 13.46 3.14
C ALA A 18 5.73 12.53 4.21
N VAL A 19 6.12 12.69 5.48
CA VAL A 19 5.60 11.89 6.60
C VAL A 19 4.10 12.15 6.80
N ASN A 20 3.65 13.40 6.74
CA ASN A 20 2.24 13.77 6.83
C ASN A 20 1.42 13.12 5.70
N SER A 21 1.93 13.14 4.46
CA SER A 21 1.29 12.50 3.31
C SER A 21 1.23 10.97 3.49
N LEU A 22 2.32 10.35 3.94
CA LEU A 22 2.43 8.92 4.23
C LEU A 22 1.41 8.49 5.31
N ILE A 23 1.23 9.27 6.36
CA ILE A 23 0.21 9.04 7.40
C ILE A 23 -1.19 9.18 6.80
N ARG A 24 -1.47 10.27 6.07
CA ARG A 24 -2.76 10.57 5.43
C ARG A 24 -3.22 9.49 4.45
N GLU A 25 -2.34 9.02 3.57
CA GLU A 25 -2.61 7.97 2.58
C GLU A 25 -2.82 6.58 3.19
N ASN A 26 -2.42 6.37 4.45
CA ASN A 26 -2.52 5.11 5.18
C ASN A 26 -3.16 5.27 6.59
N SER A 27 -4.14 6.17 6.70
CA SER A 27 -4.84 6.51 7.96
C SER A 27 -5.45 5.32 8.72
N HIS A 28 -5.66 4.19 8.06
CA HIS A 28 -6.16 2.94 8.64
C HIS A 28 -5.12 2.18 9.47
N ILE A 29 -3.83 2.45 9.29
CA ILE A 29 -2.70 1.78 9.98
C ILE A 29 -1.66 2.73 10.60
N PHE A 30 -1.60 3.99 10.18
CA PHE A 30 -0.69 5.02 10.70
C PHE A 30 -1.49 6.24 11.18
N SER A 31 -0.99 6.95 12.19
CA SER A 31 -1.60 8.18 12.72
C SER A 31 -0.55 9.15 13.26
N ASP A 32 -1.02 10.35 13.64
CA ASP A 32 -0.21 11.42 14.23
C ASP A 32 0.43 11.02 15.58
N THR A 33 -0.05 9.96 16.23
CA THR A 33 0.40 9.50 17.57
C THR A 33 0.60 7.99 17.72
N GLN A 34 0.38 7.16 16.70
CA GLN A 34 0.57 5.70 16.79
C GLN A 34 0.75 5.01 15.43
N CYS A 35 1.56 3.95 15.39
CA CYS A 35 1.76 3.08 14.23
C CYS A 35 1.30 1.64 14.55
N LYS A 36 0.25 1.13 13.88
CA LYS A 36 -0.28 -0.23 14.10
C LYS A 36 0.63 -1.33 13.54
N VAL A 37 1.25 -1.10 12.37
CA VAL A 37 2.17 -2.06 11.72
C VAL A 37 3.34 -2.43 12.63
N CYS A 38 3.87 -1.44 13.34
CA CYS A 38 4.97 -1.60 14.29
C CYS A 38 4.47 -1.65 15.76
N SER A 39 3.14 -1.70 15.94
CA SER A 39 2.36 -1.72 17.19
C SER A 39 3.00 -0.91 18.33
N ALA A 40 3.30 0.35 18.03
CA ALA A 40 3.96 1.30 18.94
C ALA A 40 3.35 2.70 18.92
N VAL A 41 3.43 3.39 20.06
CA VAL A 41 2.96 4.76 20.27
C VAL A 41 4.06 5.76 19.91
N LEU A 42 3.66 6.92 19.40
CA LEU A 42 4.49 8.02 18.92
C LEU A 42 4.12 9.29 19.73
N ILE A 43 4.60 9.32 20.98
CA ILE A 43 4.30 10.34 22.02
C ILE A 43 4.48 11.81 21.62
N SER A 44 5.26 12.12 20.57
CA SER A 44 5.48 13.48 20.06
C SER A 44 5.84 13.44 18.57
N GLU A 45 5.75 14.60 17.90
CA GLU A 45 6.07 14.75 16.48
C GLU A 45 7.51 14.32 16.15
N SER A 46 8.50 14.59 17.01
CA SER A 46 9.88 14.14 16.77
C SER A 46 9.99 12.62 16.72
N GLN A 47 9.26 11.89 17.59
CA GLN A 47 9.20 10.43 17.54
C GLN A 47 8.47 9.96 16.28
N LYS A 48 7.34 10.59 15.92
CA LYS A 48 6.58 10.24 14.71
C LYS A 48 7.43 10.40 13.45
N LEU A 49 8.13 11.53 13.32
CA LEU A 49 9.01 11.84 12.20
C LEU A 49 10.12 10.80 12.09
N ALA A 50 10.88 10.58 13.16
CA ALA A 50 11.97 9.59 13.18
C ALA A 50 11.49 8.16 12.88
N HIS A 51 10.32 7.75 13.39
CA HIS A 51 9.79 6.41 13.17
C HIS A 51 9.40 6.19 11.70
N TYR A 52 8.61 7.08 11.11
CA TYR A 52 8.20 6.97 9.71
C TYR A 52 9.37 7.20 8.73
N GLN A 53 10.40 7.98 9.12
CA GLN A 53 11.60 8.23 8.30
C GLN A 53 12.50 6.99 8.14
N SER A 54 12.52 6.05 9.08
CA SER A 54 13.39 4.87 9.01
C SER A 54 12.95 3.78 8.01
N ARG A 55 13.94 3.09 7.43
CA ARG A 55 13.78 1.94 6.52
C ARG A 55 13.14 0.74 7.23
N LYS A 56 13.35 0.62 8.56
CA LYS A 56 12.80 -0.44 9.42
C LYS A 56 11.26 -0.44 9.38
N HIS A 57 10.64 0.75 9.44
CA HIS A 57 9.19 0.89 9.33
C HIS A 57 8.71 0.37 7.96
N ALA A 58 9.36 0.80 6.87
CA ALA A 58 9.03 0.32 5.52
C ALA A 58 9.17 -1.21 5.38
N ASN A 59 10.15 -1.83 6.04
CA ASN A 59 10.30 -3.29 6.03
C ASN A 59 9.14 -3.98 6.77
N LYS A 60 8.71 -3.46 7.93
CA LYS A 60 7.54 -3.99 8.65
C LYS A 60 6.26 -3.79 7.84
N VAL A 61 6.11 -2.67 7.12
CA VAL A 61 4.98 -2.43 6.20
C VAL A 61 4.98 -3.48 5.08
N ARG A 62 6.14 -3.76 4.47
CA ARG A 62 6.28 -4.82 3.44
C ARG A 62 5.86 -6.19 3.95
N ARG A 63 6.26 -6.55 5.19
CA ARG A 63 5.88 -7.80 5.86
C ARG A 63 4.38 -7.85 6.15
N TYR A 64 3.81 -6.76 6.69
CA TYR A 64 2.39 -6.63 7.01
C TYR A 64 1.51 -6.71 5.75
N MET A 65 1.91 -6.06 4.65
CA MET A 65 1.19 -6.11 3.37
C MET A 65 1.13 -7.53 2.80
N ALA A 66 2.18 -8.34 3.00
CA ALA A 66 2.23 -9.74 2.57
C ALA A 66 1.25 -10.67 3.33
N ILE A 67 0.65 -10.21 4.44
CA ILE A 67 -0.35 -10.97 5.22
C ILE A 67 -1.68 -11.08 4.43
N ASN A 68 -1.98 -10.10 3.56
CA ASN A 68 -3.19 -10.10 2.71
C ASN A 68 -3.20 -11.29 1.74
N GLN A 69 -4.40 -11.76 1.36
CA GLN A 69 -4.59 -12.87 0.42
C GLN A 69 -3.99 -12.59 -0.98
N GLY A 70 -3.54 -13.64 -1.67
CA GLY A 70 -2.94 -13.59 -3.00
C GLY A 70 -2.30 -14.92 -3.43
N GLU A 71 -1.67 -14.91 -4.61
CA GLU A 71 -0.99 -16.07 -5.21
C GLU A 71 0.19 -15.64 -6.12
N ASP A 72 1.05 -16.60 -6.49
CA ASP A 72 2.19 -16.38 -7.38
C ASP A 72 1.75 -15.97 -8.80
N SER A 73 2.49 -15.04 -9.43
CA SER A 73 2.20 -14.54 -10.79
C SER A 73 3.47 -14.03 -11.51
N VAL A 74 3.31 -13.56 -12.75
CA VAL A 74 4.39 -13.07 -13.64
C VAL A 74 3.94 -11.83 -14.43
N PRO A 75 4.81 -10.82 -14.68
CA PRO A 75 4.44 -9.61 -15.44
C PRO A 75 4.21 -9.85 -16.94
N ALA A 76 4.52 -11.04 -17.46
CA ALA A 76 4.34 -11.44 -18.86
C ALA A 76 2.90 -11.26 -19.39
N LYS A 77 1.90 -11.20 -18.49
CA LYS A 77 0.48 -10.93 -18.81
C LYS A 77 0.24 -9.61 -19.55
N LYS A 78 1.20 -8.67 -19.47
CA LYS A 78 1.18 -7.33 -20.10
C LYS A 78 2.36 -7.16 -21.09
N PHE A 79 2.80 -8.26 -21.71
CA PHE A 79 3.90 -8.34 -22.67
C PHE A 79 3.58 -9.29 -23.84
N LYS A 80 4.49 -9.42 -24.80
CA LYS A 80 4.42 -10.27 -26.01
C LYS A 80 4.58 -11.78 -25.69
N ALA A 81 3.70 -12.30 -24.84
CA ALA A 81 3.68 -13.70 -24.38
C ALA A 81 2.25 -14.26 -24.29
N ALA A 82 2.13 -15.60 -24.21
CA ALA A 82 0.86 -16.31 -24.12
C ALA A 82 0.10 -16.04 -22.79
N PRO A 83 -1.25 -16.08 -22.79
CA PRO A 83 -2.06 -15.88 -21.58
C PRO A 83 -2.00 -17.09 -20.63
N ALA A 84 -2.47 -16.91 -19.39
CA ALA A 84 -2.52 -17.96 -18.37
C ALA A 84 -3.49 -19.10 -18.76
N GLU A 85 -3.09 -20.35 -18.46
CA GLU A 85 -3.85 -21.58 -18.75
C GLU A 85 -3.41 -22.72 -17.81
N ILE A 86 -4.28 -23.71 -17.59
CA ILE A 86 -3.99 -24.90 -16.77
C ILE A 86 -2.78 -25.69 -17.32
N SER A 87 -1.95 -26.21 -16.43
CA SER A 87 -0.74 -27.01 -16.70
C SER A 87 -0.64 -28.20 -15.73
N ASP A 88 0.37 -29.07 -15.91
CA ASP A 88 0.56 -30.24 -15.07
C ASP A 88 0.73 -29.88 -13.57
N GLY A 89 -0.14 -30.44 -12.72
CA GLY A 89 -0.16 -30.20 -11.28
C GLY A 89 -1.30 -30.95 -10.56
N GLU A 90 -1.45 -30.67 -9.26
CA GLU A 90 -2.44 -31.29 -8.37
C GLU A 90 -3.89 -31.34 -8.90
N ASP A 91 -4.28 -30.40 -9.77
CA ASP A 91 -5.61 -30.35 -10.41
C ASP A 91 -5.96 -31.63 -11.21
N ARG A 92 -4.95 -32.44 -11.58
CA ARG A 92 -5.09 -33.70 -12.34
C ARG A 92 -4.28 -34.88 -11.78
N SER A 93 -3.83 -34.82 -10.53
CA SER A 93 -2.97 -35.85 -9.91
C SER A 93 -3.19 -36.11 -8.41
N LYS A 94 -4.38 -35.82 -7.87
CA LYS A 94 -4.72 -36.01 -6.44
C LYS A 94 -6.02 -36.78 -6.17
N CYS A 95 -6.89 -36.93 -7.16
CA CYS A 95 -8.17 -37.64 -7.07
C CYS A 95 -8.52 -38.37 -8.37
N CYS A 96 -9.36 -39.40 -8.28
CA CYS A 96 -9.83 -40.22 -9.39
C CYS A 96 -11.32 -40.56 -9.24
N PRO A 97 -12.25 -39.73 -9.74
CA PRO A 97 -13.69 -39.99 -9.68
C PRO A 97 -14.12 -41.29 -10.38
N VAL A 98 -13.35 -41.74 -11.38
CA VAL A 98 -13.55 -43.01 -12.13
C VAL A 98 -13.53 -44.24 -11.22
N CYS A 99 -12.81 -44.15 -10.09
CA CYS A 99 -12.66 -45.19 -9.08
C CYS A 99 -13.13 -44.74 -7.66
N ASN A 100 -13.43 -43.46 -7.53
CA ASN A 100 -13.82 -42.73 -6.32
C ASN A 100 -12.74 -42.85 -5.21
N MET A 101 -11.52 -42.41 -5.53
CA MET A 101 -10.35 -42.46 -4.64
C MET A 101 -9.51 -41.17 -4.69
N THR A 102 -8.56 -41.03 -3.76
CA THR A 102 -7.59 -39.93 -3.64
C THR A 102 -6.17 -40.46 -3.45
N PHE A 103 -5.15 -39.64 -3.71
CA PHE A 103 -3.73 -40.03 -3.62
C PHE A 103 -2.90 -39.01 -2.81
N SER A 104 -1.94 -39.51 -2.03
CA SER A 104 -1.02 -38.72 -1.19
C SER A 104 0.17 -38.12 -1.97
N SER A 105 0.38 -38.53 -3.22
CA SER A 105 1.48 -38.08 -4.10
C SER A 105 1.06 -38.14 -5.57
N PRO A 106 1.53 -37.21 -6.43
CA PRO A 106 1.23 -37.23 -7.87
C PRO A 106 1.82 -38.45 -8.57
N VAL A 107 2.91 -39.04 -8.04
CA VAL A 107 3.53 -40.25 -8.60
C VAL A 107 2.59 -41.45 -8.46
N VAL A 108 1.89 -41.55 -7.33
CA VAL A 108 0.88 -42.61 -7.08
C VAL A 108 -0.29 -42.45 -8.06
N ALA A 109 -0.76 -41.22 -8.26
CA ALA A 109 -1.84 -40.93 -9.21
C ALA A 109 -1.45 -41.31 -10.66
N GLU A 110 -0.27 -40.87 -11.12
CA GLU A 110 0.25 -41.18 -12.46
C GLU A 110 0.38 -42.69 -12.68
N SER A 111 0.89 -43.43 -11.68
CA SER A 111 1.00 -44.89 -11.72
C SER A 111 -0.38 -45.56 -11.78
N HIS A 112 -1.34 -45.07 -10.98
CA HIS A 112 -2.71 -45.58 -10.95
C HIS A 112 -3.44 -45.42 -12.29
N TYR A 113 -3.42 -44.22 -12.91
CA TYR A 113 -4.10 -43.94 -14.18
C TYR A 113 -3.70 -44.85 -15.36
N ILE A 114 -2.57 -45.57 -15.26
CA ILE A 114 -2.06 -46.50 -16.28
C ILE A 114 -2.06 -47.98 -15.82
N GLY A 115 -2.57 -48.26 -14.61
CA GLY A 115 -2.63 -49.61 -14.03
C GLY A 115 -3.95 -50.33 -14.32
N LYS A 116 -3.94 -51.67 -14.23
CA LYS A 116 -5.10 -52.53 -14.50
C LYS A 116 -6.29 -52.25 -13.59
N THR A 117 -6.06 -51.80 -12.35
CA THR A 117 -7.11 -51.44 -11.37
C THR A 117 -8.01 -50.32 -11.91
N HIS A 118 -7.42 -49.29 -12.54
CA HIS A 118 -8.16 -48.19 -13.16
C HIS A 118 -8.99 -48.68 -14.35
N ILE A 119 -8.41 -49.54 -15.19
CA ILE A 119 -9.06 -50.16 -16.36
C ILE A 119 -10.24 -51.04 -15.93
N LYS A 120 -10.09 -51.83 -14.87
CA LYS A 120 -11.17 -52.68 -14.30
C LYS A 120 -12.37 -51.82 -13.86
N ASN A 121 -12.11 -50.65 -13.27
CA ASN A 121 -13.16 -49.70 -12.86
C ASN A 121 -13.93 -49.13 -14.06
N LEU A 122 -13.34 -49.02 -15.27
CA LEU A 122 -14.04 -48.60 -16.49
C LEU A 122 -15.17 -49.60 -16.80
N ARG A 123 -14.86 -50.91 -16.75
CA ARG A 123 -15.82 -52.00 -16.97
C ARG A 123 -16.89 -52.02 -15.87
N LEU A 124 -16.52 -51.70 -14.63
CA LEU A 124 -17.44 -51.61 -13.49
C LEU A 124 -18.50 -50.50 -13.75
N ARG A 125 -18.07 -49.30 -14.18
CA ARG A 125 -18.97 -48.19 -14.57
C ARG A 125 -19.88 -48.58 -15.76
N GLU A 126 -19.31 -49.23 -16.77
CA GLU A 126 -20.05 -49.68 -17.97
C GLU A 126 -21.12 -50.75 -17.65
N GLN A 127 -20.83 -51.64 -16.69
CA GLN A 127 -21.70 -52.73 -16.24
C GLN A 127 -21.54 -52.96 -14.74
N ALA A 1 12.56 9.57 -19.47
CA ALA A 1 12.66 11.02 -19.32
C ALA A 1 12.96 11.48 -17.87
N ASP A 2 13.42 10.56 -16.99
CA ASP A 2 13.75 10.82 -15.59
C ASP A 2 14.92 9.93 -15.11
N GLU A 3 15.67 10.41 -14.11
CA GLU A 3 16.84 9.72 -13.53
C GLU A 3 16.49 8.50 -12.64
N PHE A 4 15.23 8.29 -12.29
CA PHE A 4 14.75 7.20 -11.41
C PHE A 4 13.54 6.44 -12.00
N GLY A 5 13.24 5.26 -11.43
CA GLY A 5 12.14 4.38 -11.83
C GLY A 5 11.99 3.14 -10.93
N ASN A 6 11.03 2.28 -11.25
CA ASN A 6 10.74 1.03 -10.52
C ASN A 6 11.93 0.05 -10.48
N GLY A 7 12.02 -0.76 -9.42
CA GLY A 7 13.08 -1.75 -9.21
C GLY A 7 13.17 -2.23 -7.75
N ASP A 8 14.35 -2.73 -7.36
CA ASP A 8 14.66 -3.21 -5.99
C ASP A 8 14.63 -2.11 -4.91
N ALA A 9 14.58 -0.84 -5.32
CA ALA A 9 14.56 0.37 -4.49
C ALA A 9 13.40 0.46 -3.47
N LEU A 10 13.46 1.49 -2.63
CA LEU A 10 12.51 1.83 -1.56
C LEU A 10 12.38 3.36 -1.50
N ASP A 11 11.14 3.85 -1.45
CA ASP A 11 10.77 5.27 -1.46
C ASP A 11 10.18 5.75 -0.11
N LEU A 12 10.76 5.28 1.00
CA LEU A 12 10.35 5.64 2.37
C LEU A 12 10.50 7.16 2.64
N PRO A 13 9.72 7.75 3.58
CA PRO A 13 9.79 9.16 3.93
C PRO A 13 11.20 9.68 4.23
N VAL A 14 11.47 10.93 3.83
CA VAL A 14 12.75 11.64 4.02
C VAL A 14 12.56 13.15 4.26
N GLY A 15 11.38 13.51 4.77
CA GLY A 15 10.99 14.89 5.08
C GLY A 15 9.61 15.01 5.75
N LYS A 16 9.30 16.20 6.27
CA LYS A 16 8.05 16.52 6.98
C LYS A 16 6.80 16.23 6.15
N ASP A 17 6.82 16.60 4.87
CA ASP A 17 5.71 16.43 3.94
C ASP A 17 5.42 14.95 3.66
N ALA A 18 6.46 14.13 3.44
CA ALA A 18 6.31 12.69 3.18
C ALA A 18 5.70 11.95 4.37
N VAL A 19 6.12 12.26 5.61
CA VAL A 19 5.57 11.59 6.80
C VAL A 19 4.08 11.92 6.99
N ASN A 20 3.71 13.20 6.90
CA ASN A 20 2.31 13.60 7.04
C ASN A 20 1.43 13.05 5.89
N SER A 21 1.96 13.00 4.66
CA SER A 21 1.25 12.40 3.52
C SER A 21 1.05 10.90 3.69
N LEU A 22 2.07 10.17 4.15
CA LEU A 22 2.00 8.73 4.41
C LEU A 22 0.96 8.41 5.49
N ILE A 23 0.90 9.20 6.56
CA ILE A 23 -0.11 9.08 7.63
C ILE A 23 -1.52 9.30 7.04
N ARG A 24 -1.72 10.38 6.30
CA ARG A 24 -3.01 10.74 5.68
C ARG A 24 -3.54 9.66 4.72
N GLU A 25 -2.67 9.12 3.88
CA GLU A 25 -3.01 8.07 2.90
C GLU A 25 -3.25 6.68 3.52
N ASN A 26 -2.86 6.46 4.79
CA ASN A 26 -2.98 5.19 5.51
C ASN A 26 -3.53 5.36 6.93
N SER A 27 -4.52 6.25 7.11
CA SER A 27 -5.16 6.59 8.39
C SER A 27 -5.72 5.39 9.19
N HIS A 28 -5.93 4.24 8.54
CA HIS A 28 -6.39 2.98 9.13
C HIS A 28 -5.30 2.23 9.90
N ILE A 29 -4.01 2.49 9.63
CA ILE A 29 -2.86 1.82 10.27
C ILE A 29 -1.78 2.77 10.81
N PHE A 30 -1.75 4.02 10.36
CA PHE A 30 -0.81 5.07 10.81
C PHE A 30 -1.61 6.28 11.30
N SER A 31 -1.08 7.01 12.27
CA SER A 31 -1.69 8.23 12.83
C SER A 31 -0.64 9.20 13.38
N ASP A 32 -1.09 10.41 13.71
CA ASP A 32 -0.26 11.48 14.26
C ASP A 32 0.41 11.12 15.61
N THR A 33 -0.10 10.09 16.32
CA THR A 33 0.38 9.67 17.65
C THR A 33 0.59 8.16 17.83
N GLN A 34 0.41 7.31 16.81
CA GLN A 34 0.60 5.85 16.91
C GLN A 34 0.74 5.15 15.54
N CYS A 35 1.55 4.10 15.49
CA CYS A 35 1.73 3.22 14.33
C CYS A 35 1.28 1.79 14.70
N LYS A 36 0.24 1.26 14.05
CA LYS A 36 -0.30 -0.09 14.32
C LYS A 36 0.54 -1.21 13.72
N VAL A 37 1.18 -1.01 12.56
CA VAL A 37 2.04 -2.03 11.93
C VAL A 37 3.21 -2.40 12.84
N CYS A 38 3.80 -1.39 13.50
CA CYS A 38 4.91 -1.55 14.43
C CYS A 38 4.45 -1.56 15.91
N SER A 39 3.13 -1.55 16.15
CA SER A 39 2.44 -1.51 17.44
C SER A 39 3.13 -0.63 18.48
N ALA A 40 3.36 0.64 18.12
CA ALA A 40 4.10 1.61 18.93
C ALA A 40 3.45 3.01 18.96
N VAL A 41 3.52 3.66 20.11
CA VAL A 41 3.01 5.02 20.36
C VAL A 41 4.08 6.05 19.99
N LEU A 42 3.64 7.21 19.50
CA LEU A 42 4.44 8.32 18.98
C LEU A 42 4.06 9.60 19.75
N ILE A 43 4.53 9.70 21.00
CA ILE A 43 4.23 10.76 21.97
C ILE A 43 4.45 12.22 21.53
N SER A 44 5.18 12.47 20.44
CA SER A 44 5.43 13.80 19.88
C SER A 44 5.76 13.71 18.38
N GLU A 45 5.62 14.82 17.65
CA GLU A 45 5.93 14.90 16.21
C GLU A 45 7.39 14.51 15.92
N SER A 46 8.35 14.82 16.80
CA SER A 46 9.75 14.40 16.62
C SER A 46 9.89 12.86 16.62
N GLN A 47 9.18 12.17 17.52
CA GLN A 47 9.14 10.71 17.57
C GLN A 47 8.40 10.15 16.35
N LYS A 48 7.29 10.77 15.92
CA LYS A 48 6.53 10.37 14.72
C LYS A 48 7.42 10.47 13.48
N LEU A 49 8.12 11.59 13.30
CA LEU A 49 9.04 11.83 12.19
C LEU A 49 10.19 10.81 12.16
N ALA A 50 10.79 10.51 13.31
CA ALA A 50 11.86 9.52 13.38
C ALA A 50 11.35 8.09 13.07
N HIS A 51 10.20 7.71 13.61
CA HIS A 51 9.60 6.38 13.37
C HIS A 51 9.21 6.16 11.90
N TYR A 52 8.45 7.09 11.30
CA TYR A 52 8.00 6.95 9.90
C TYR A 52 9.13 7.05 8.87
N GLN A 53 10.23 7.77 9.16
CA GLN A 53 11.40 7.84 8.25
C GLN A 53 12.36 6.63 8.42
N SER A 54 12.23 5.85 9.51
CA SER A 54 13.10 4.70 9.80
C SER A 54 12.98 3.57 8.78
N ARG A 55 14.12 2.97 8.42
CA ARG A 55 14.20 1.80 7.53
C ARG A 55 13.50 0.58 8.15
N LYS A 56 13.52 0.45 9.49
CA LYS A 56 12.83 -0.63 10.23
C LYS A 56 11.33 -0.59 10.01
N HIS A 57 10.73 0.61 10.10
CA HIS A 57 9.30 0.84 9.84
C HIS A 57 8.96 0.51 8.38
N ALA A 58 9.73 1.07 7.43
CA ALA A 58 9.51 0.84 6.00
C ALA A 58 9.61 -0.65 5.62
N ASN A 59 10.59 -1.38 6.15
CA ASN A 59 10.76 -2.82 5.94
C ASN A 59 9.55 -3.60 6.50
N LYS A 60 9.13 -3.29 7.74
CA LYS A 60 7.96 -3.93 8.35
C LYS A 60 6.69 -3.66 7.55
N VAL A 61 6.48 -2.44 7.06
CA VAL A 61 5.33 -2.08 6.20
C VAL A 61 5.35 -2.87 4.89
N ARG A 62 6.51 -2.99 4.21
CA ARG A 62 6.64 -3.79 2.99
C ARG A 62 6.29 -5.27 3.24
N ARG A 63 6.76 -5.84 4.36
CA ARG A 63 6.45 -7.22 4.79
C ARG A 63 4.96 -7.39 5.13
N TYR A 64 4.38 -6.45 5.87
CA TYR A 64 2.97 -6.42 6.26
C TYR A 64 2.03 -6.32 5.05
N MET A 65 2.35 -5.45 4.08
CA MET A 65 1.58 -5.29 2.84
C MET A 65 1.57 -6.59 2.01
N ALA A 66 2.68 -7.34 2.01
CA ALA A 66 2.79 -8.63 1.32
C ALA A 66 1.93 -9.76 1.95
N ILE A 67 1.37 -9.57 3.16
CA ILE A 67 0.48 -10.55 3.82
C ILE A 67 -0.90 -10.60 3.12
N ASN A 68 -1.35 -9.50 2.50
CA ASN A 68 -2.64 -9.43 1.78
C ASN A 68 -2.75 -10.53 0.72
N GLN A 69 -3.77 -11.40 0.85
CA GLN A 69 -4.03 -12.51 -0.07
C GLN A 69 -4.61 -12.04 -1.43
N GLY A 70 -4.52 -12.90 -2.45
CA GLY A 70 -5.03 -12.63 -3.79
C GLY A 70 -4.81 -13.79 -4.78
N GLU A 71 -5.33 -13.63 -6.00
CA GLU A 71 -5.25 -14.63 -7.09
C GLU A 71 -4.99 -14.01 -8.49
N ASP A 72 -4.57 -12.75 -8.53
CA ASP A 72 -4.29 -11.96 -9.76
C ASP A 72 -3.01 -11.11 -9.62
N SER A 73 -2.01 -11.64 -8.90
CA SER A 73 -0.72 -11.01 -8.61
C SER A 73 0.05 -10.55 -9.86
N VAL A 74 0.83 -9.48 -9.72
CA VAL A 74 1.63 -8.89 -10.81
C VAL A 74 2.87 -9.76 -11.12
N PRO A 75 3.21 -10.02 -12.41
CA PRO A 75 4.37 -10.85 -12.77
C PRO A 75 5.74 -10.17 -12.54
N ALA A 76 5.76 -8.89 -12.18
CA ALA A 76 6.98 -8.10 -11.91
C ALA A 76 7.79 -8.53 -10.67
N LYS A 77 7.24 -9.40 -9.80
CA LYS A 77 7.90 -9.92 -8.59
C LYS A 77 9.16 -10.76 -8.92
N LYS A 78 10.08 -10.85 -7.96
CA LYS A 78 11.36 -11.61 -8.08
C LYS A 78 11.16 -13.11 -8.31
N PHE A 79 12.17 -13.74 -8.90
CA PHE A 79 12.23 -15.19 -9.18
C PHE A 79 12.41 -16.06 -7.92
N LYS A 80 12.89 -15.47 -6.80
CA LYS A 80 13.16 -16.14 -5.52
C LYS A 80 11.89 -16.80 -4.94
N ALA A 81 12.03 -18.03 -4.45
CA ALA A 81 10.95 -18.85 -3.89
C ALA A 81 11.41 -19.76 -2.72
N ALA A 82 12.44 -19.34 -1.97
CA ALA A 82 12.99 -20.10 -0.84
C ALA A 82 11.94 -20.38 0.28
N PRO A 83 12.04 -21.51 1.01
CA PRO A 83 11.10 -21.87 2.08
C PRO A 83 10.86 -20.78 3.14
N ALA A 84 9.59 -20.57 3.48
CA ALA A 84 9.13 -19.58 4.48
C ALA A 84 7.86 -20.04 5.25
N GLU A 85 7.49 -21.32 5.15
CA GLU A 85 6.32 -21.93 5.77
C GLU A 85 6.52 -23.45 5.99
N ILE A 86 5.52 -24.15 6.55
CA ILE A 86 5.52 -25.60 6.81
C ILE A 86 5.26 -26.38 5.49
N SER A 87 6.14 -26.20 4.50
CA SER A 87 6.05 -26.82 3.16
C SER A 87 6.02 -28.35 3.15
N ASP A 88 6.45 -29.00 4.23
CA ASP A 88 6.45 -30.47 4.38
C ASP A 88 5.04 -31.09 4.37
N GLY A 89 4.03 -30.36 4.86
CA GLY A 89 2.63 -30.81 4.91
C GLY A 89 1.77 -30.10 5.97
N GLU A 90 0.47 -30.34 5.93
CA GLU A 90 -0.54 -29.78 6.86
C GLU A 90 -0.27 -30.15 8.33
N ASP A 91 -0.65 -29.28 9.27
CA ASP A 91 -0.47 -29.47 10.72
C ASP A 91 -1.66 -28.96 11.57
N ARG A 92 -2.09 -27.71 11.36
CA ARG A 92 -3.17 -27.02 12.06
C ARG A 92 -3.80 -25.93 11.19
N SER A 93 -2.98 -25.13 10.51
CA SER A 93 -3.42 -24.02 9.63
C SER A 93 -4.22 -24.43 8.38
N LYS A 94 -4.38 -25.73 8.12
CA LYS A 94 -5.08 -26.30 6.96
C LYS A 94 -6.03 -27.47 7.29
N CYS A 95 -5.95 -28.07 8.49
CA CYS A 95 -6.78 -29.21 8.90
C CYS A 95 -7.08 -29.28 10.41
N CYS A 96 -8.10 -30.07 10.75
CA CYS A 96 -8.55 -30.33 12.12
C CYS A 96 -9.08 -31.78 12.24
N PRO A 97 -8.26 -32.75 12.68
CA PRO A 97 -8.69 -34.16 12.81
C PRO A 97 -9.72 -34.38 13.94
N VAL A 98 -9.74 -33.51 14.96
CA VAL A 98 -10.72 -33.54 16.08
C VAL A 98 -12.16 -33.38 15.57
N CYS A 99 -12.33 -32.70 14.43
CA CYS A 99 -13.60 -32.42 13.77
C CYS A 99 -13.70 -32.96 12.32
N ASN A 100 -12.63 -33.63 11.88
CA ASN A 100 -12.40 -34.20 10.54
C ASN A 100 -12.76 -33.25 9.38
N MET A 101 -12.18 -32.05 9.42
CA MET A 101 -12.36 -30.97 8.42
C MET A 101 -11.04 -30.33 7.98
N THR A 102 -11.10 -29.53 6.91
CA THR A 102 -9.98 -28.78 6.30
C THR A 102 -10.36 -27.31 6.07
N PHE A 103 -9.34 -26.46 5.92
CA PHE A 103 -9.49 -25.01 5.76
C PHE A 103 -8.67 -24.48 4.57
N SER A 104 -9.19 -23.47 3.87
CA SER A 104 -8.53 -22.86 2.71
C SER A 104 -7.31 -21.99 3.06
N SER A 105 -7.33 -21.28 4.19
CA SER A 105 -6.25 -20.40 4.66
C SER A 105 -6.10 -20.42 6.20
N PRO A 106 -4.92 -20.07 6.75
CA PRO A 106 -4.66 -20.05 8.19
C PRO A 106 -5.71 -19.30 9.03
N VAL A 107 -6.19 -18.14 8.57
CA VAL A 107 -7.20 -17.35 9.30
C VAL A 107 -8.53 -18.10 9.45
N VAL A 108 -8.91 -18.91 8.46
CA VAL A 108 -10.12 -19.76 8.51
C VAL A 108 -9.95 -20.86 9.56
N ALA A 109 -8.75 -21.44 9.63
CA ALA A 109 -8.42 -22.44 10.65
C ALA A 109 -8.47 -21.81 12.06
N GLU A 110 -7.84 -20.65 12.26
CA GLU A 110 -7.87 -19.94 13.54
C GLU A 110 -9.30 -19.62 13.97
N SER A 111 -10.15 -19.16 13.04
CA SER A 111 -11.56 -18.84 13.29
C SER A 111 -12.34 -20.07 13.76
N HIS A 112 -12.02 -21.27 13.26
CA HIS A 112 -12.64 -22.52 13.71
C HIS A 112 -12.14 -22.90 15.12
N TYR A 113 -10.82 -22.92 15.34
CA TYR A 113 -10.21 -23.29 16.63
C TYR A 113 -10.63 -22.38 17.81
N ILE A 114 -10.75 -21.06 17.61
CA ILE A 114 -11.18 -20.13 18.66
C ILE A 114 -12.71 -20.08 18.86
N GLY A 115 -13.49 -20.59 17.90
CA GLY A 115 -14.95 -20.61 17.94
C GLY A 115 -15.53 -21.84 18.66
N LYS A 116 -16.81 -21.73 19.07
CA LYS A 116 -17.52 -22.80 19.77
C LYS A 116 -17.71 -24.09 18.95
N THR A 117 -17.63 -24.01 17.61
CA THR A 117 -17.73 -25.17 16.70
C THR A 117 -16.71 -26.26 17.05
N HIS A 118 -15.45 -25.86 17.34
CA HIS A 118 -14.39 -26.78 17.77
C HIS A 118 -14.65 -27.29 19.20
N ILE A 119 -15.02 -26.39 20.12
CA ILE A 119 -15.30 -26.68 21.54
C ILE A 119 -16.44 -27.70 21.70
N LYS A 120 -17.46 -27.68 20.83
CA LYS A 120 -18.54 -28.67 20.82
C LYS A 120 -17.96 -30.09 20.68
N ASN A 121 -16.98 -30.28 19.81
CA ASN A 121 -16.28 -31.56 19.67
C ASN A 121 -15.39 -31.85 20.89
N LEU A 122 -14.68 -30.86 21.47
CA LEU A 122 -13.87 -31.09 22.69
C LEU A 122 -14.73 -31.73 23.79
N ARG A 123 -15.93 -31.19 24.04
CA ARG A 123 -16.90 -31.72 25.01
C ARG A 123 -17.31 -33.16 24.69
N LEU A 124 -17.59 -33.47 23.41
CA LEU A 124 -17.95 -34.81 22.95
C LEU A 124 -16.79 -35.82 23.10
N ARG A 125 -15.53 -35.40 22.85
CA ARG A 125 -14.34 -36.25 23.01
C ARG A 125 -14.08 -36.55 24.50
N GLU A 126 -14.25 -35.56 25.38
CA GLU A 126 -14.10 -35.73 26.84
C GLU A 126 -15.25 -36.55 27.47
N GLN A 127 -16.47 -36.44 26.93
CA GLN A 127 -17.68 -37.14 27.40
C GLN A 127 -18.60 -37.50 26.23
N ALA A 1 25.89 -7.10 -0.86
CA ALA A 1 25.05 -7.74 -1.88
C ALA A 1 24.67 -6.79 -3.05
N ASP A 2 25.21 -5.56 -3.09
CA ASP A 2 24.95 -4.56 -4.13
C ASP A 2 25.33 -5.05 -5.55
N GLU A 3 26.27 -5.99 -5.65
CA GLU A 3 26.70 -6.63 -6.92
C GLU A 3 25.55 -7.41 -7.61
N PHE A 4 24.48 -7.72 -6.87
CA PHE A 4 23.28 -8.43 -7.33
C PHE A 4 21.98 -7.72 -6.86
N GLY A 5 22.04 -6.38 -6.72
CA GLY A 5 20.93 -5.53 -6.27
C GLY A 5 21.06 -4.07 -6.73
N ASN A 6 20.23 -3.19 -6.18
CA ASN A 6 20.20 -1.75 -6.49
C ASN A 6 19.65 -0.93 -5.31
N GLY A 7 20.39 0.10 -4.87
CA GLY A 7 19.99 1.00 -3.78
C GLY A 7 18.71 1.80 -4.05
N ASP A 8 18.33 1.98 -5.31
CA ASP A 8 17.10 2.69 -5.74
C ASP A 8 15.80 1.96 -5.34
N ALA A 9 15.88 0.68 -4.95
CA ALA A 9 14.76 -0.17 -4.51
C ALA A 9 14.18 0.18 -3.11
N LEU A 10 14.30 1.44 -2.67
CA LEU A 10 13.84 1.98 -1.38
C LEU A 10 13.09 3.30 -1.61
N ASP A 11 11.87 3.37 -1.09
CA ASP A 11 10.90 4.46 -1.31
C ASP A 11 10.26 5.05 -0.03
N LEU A 12 10.87 4.85 1.14
CA LEU A 12 10.39 5.39 2.42
C LEU A 12 10.41 6.95 2.47
N PRO A 13 9.69 7.62 3.39
CA PRO A 13 9.66 9.08 3.45
C PRO A 13 11.02 9.67 3.89
N VAL A 14 11.29 10.91 3.48
CA VAL A 14 12.55 11.64 3.77
C VAL A 14 12.33 13.13 4.09
N GLY A 15 11.14 13.47 4.59
CA GLY A 15 10.75 14.81 5.01
C GLY A 15 9.37 14.86 5.68
N LYS A 16 9.10 15.96 6.41
CA LYS A 16 7.84 16.17 7.14
C LYS A 16 6.60 16.08 6.25
N ASP A 17 6.66 16.64 5.04
CA ASP A 17 5.58 16.59 4.05
C ASP A 17 5.27 15.15 3.59
N ALA A 18 6.31 14.33 3.38
CA ALA A 18 6.15 12.92 3.01
C ALA A 18 5.54 12.12 4.16
N VAL A 19 5.99 12.32 5.40
CA VAL A 19 5.42 11.64 6.59
C VAL A 19 3.95 12.04 6.78
N ASN A 20 3.63 13.33 6.68
CA ASN A 20 2.25 13.82 6.77
C ASN A 20 1.35 13.19 5.70
N SER A 21 1.82 13.12 4.44
CA SER A 21 1.09 12.48 3.33
C SER A 21 0.91 10.98 3.55
N LEU A 22 1.95 10.27 4.02
CA LEU A 22 1.92 8.85 4.32
C LEU A 22 0.86 8.53 5.40
N ILE A 23 0.79 9.34 6.46
CA ILE A 23 -0.22 9.23 7.52
C ILE A 23 -1.62 9.50 6.94
N ARG A 24 -1.79 10.60 6.18
CA ARG A 24 -3.07 11.01 5.56
C ARG A 24 -3.65 9.93 4.65
N GLU A 25 -2.84 9.34 3.77
CA GLU A 25 -3.24 8.27 2.85
C GLU A 25 -3.48 6.91 3.54
N ASN A 26 -3.02 6.72 4.77
CA ASN A 26 -3.12 5.45 5.52
C ASN A 26 -3.64 5.62 6.97
N SER A 27 -4.62 6.51 7.18
CA SER A 27 -5.22 6.81 8.49
C SER A 27 -5.76 5.59 9.28
N HIS A 28 -6.00 4.47 8.59
CA HIS A 28 -6.46 3.19 9.15
C HIS A 28 -5.34 2.37 9.84
N ILE A 29 -4.07 2.70 9.60
CA ILE A 29 -2.89 2.01 10.18
C ILE A 29 -1.79 2.93 10.73
N PHE A 30 -1.74 4.20 10.30
CA PHE A 30 -0.79 5.22 10.77
C PHE A 30 -1.56 6.43 11.29
N SER A 31 -1.02 7.13 12.28
CA SER A 31 -1.63 8.32 12.88
C SER A 31 -0.60 9.29 13.46
N ASP A 32 -1.06 10.47 13.86
CA ASP A 32 -0.26 11.54 14.47
C ASP A 32 0.44 11.13 15.79
N THR A 33 -0.05 10.08 16.47
CA THR A 33 0.46 9.63 17.78
C THR A 33 0.67 8.10 17.92
N GLN A 34 0.45 7.29 16.88
CA GLN A 34 0.65 5.83 16.95
C GLN A 34 0.77 5.17 15.55
N CYS A 35 1.57 4.11 15.45
CA CYS A 35 1.73 3.28 14.25
C CYS A 35 1.28 1.85 14.57
N LYS A 36 0.20 1.37 13.93
CA LYS A 36 -0.38 0.04 14.13
C LYS A 36 0.44 -1.10 13.52
N VAL A 37 1.03 -0.91 12.33
CA VAL A 37 1.89 -1.92 11.67
C VAL A 37 3.07 -2.32 12.56
N CYS A 38 3.65 -1.34 13.25
CA CYS A 38 4.76 -1.52 14.18
C CYS A 38 4.29 -1.60 15.65
N SER A 39 2.97 -1.53 15.88
CA SER A 39 2.27 -1.52 17.18
C SER A 39 3.02 -0.72 18.26
N ALA A 40 3.32 0.54 17.96
CA ALA A 40 4.10 1.44 18.80
C ALA A 40 3.51 2.86 18.86
N VAL A 41 3.61 3.50 20.04
CA VAL A 41 3.13 4.86 20.32
C VAL A 41 4.21 5.89 19.94
N LEU A 42 3.76 7.05 19.47
CA LEU A 42 4.56 8.18 18.98
C LEU A 42 4.20 9.43 19.80
N ILE A 43 4.67 9.45 21.06
CA ILE A 43 4.38 10.45 22.10
C ILE A 43 4.61 11.94 21.72
N SER A 44 5.43 12.22 20.71
CA SER A 44 5.76 13.58 20.23
C SER A 44 5.98 13.58 18.71
N GLU A 45 5.82 14.75 18.07
CA GLU A 45 6.03 14.90 16.62
C GLU A 45 7.44 14.47 16.18
N SER A 46 8.48 14.79 16.94
CA SER A 46 9.86 14.36 16.63
C SER A 46 9.98 12.82 16.60
N GLN A 47 9.32 12.12 17.54
CA GLN A 47 9.28 10.67 17.59
C GLN A 47 8.51 10.11 16.38
N LYS A 48 7.38 10.73 15.99
CA LYS A 48 6.60 10.34 14.82
C LYS A 48 7.44 10.49 13.53
N LEU A 49 8.11 11.63 13.37
CA LEU A 49 8.98 11.92 12.23
C LEU A 49 10.14 10.93 12.14
N ALA A 50 10.79 10.60 13.27
CA ALA A 50 11.87 9.62 13.28
C ALA A 50 11.37 8.20 12.98
N HIS A 51 10.27 7.77 13.58
CA HIS A 51 9.71 6.43 13.36
C HIS A 51 9.31 6.18 11.90
N TYR A 52 8.53 7.08 11.30
CA TYR A 52 8.07 6.90 9.91
C TYR A 52 9.22 6.96 8.88
N GLN A 53 10.30 7.70 9.15
CA GLN A 53 11.49 7.79 8.28
C GLN A 53 12.54 6.69 8.54
N SER A 54 12.41 5.90 9.61
CA SER A 54 13.35 4.81 9.93
C SER A 54 13.18 3.59 9.02
N ARG A 55 14.28 2.95 8.62
CA ARG A 55 14.28 1.73 7.78
C ARG A 55 13.47 0.58 8.38
N LYS A 56 13.43 0.46 9.71
CA LYS A 56 12.65 -0.57 10.45
C LYS A 56 11.15 -0.47 10.16
N HIS A 57 10.62 0.76 10.07
CA HIS A 57 9.21 0.99 9.72
C HIS A 57 8.95 0.56 8.27
N ALA A 58 9.80 0.99 7.32
CA ALA A 58 9.68 0.62 5.92
C ALA A 58 9.72 -0.91 5.72
N ASN A 59 10.64 -1.60 6.40
CA ASN A 59 10.73 -3.07 6.35
C ASN A 59 9.45 -3.73 6.88
N LYS A 60 8.93 -3.30 8.03
CA LYS A 60 7.68 -3.83 8.60
C LYS A 60 6.46 -3.54 7.72
N VAL A 61 6.37 -2.37 7.10
CA VAL A 61 5.30 -2.05 6.13
C VAL A 61 5.39 -2.95 4.90
N ARG A 62 6.58 -3.18 4.34
CA ARG A 62 6.77 -4.09 3.19
C ARG A 62 6.38 -5.53 3.55
N ARG A 63 6.77 -6.02 4.74
CA ARG A 63 6.37 -7.35 5.25
C ARG A 63 4.86 -7.45 5.42
N TYR A 64 4.22 -6.43 5.99
CA TYR A 64 2.76 -6.37 6.14
C TYR A 64 2.05 -6.40 4.77
N MET A 65 2.50 -5.57 3.82
CA MET A 65 1.96 -5.53 2.45
C MET A 65 2.07 -6.89 1.73
N ALA A 66 3.13 -7.65 1.98
CA ALA A 66 3.33 -8.99 1.42
C ALA A 66 2.34 -10.03 2.00
N ILE A 67 1.95 -9.89 3.28
CA ILE A 67 0.96 -10.75 3.95
C ILE A 67 -0.45 -10.44 3.41
N ASN A 68 -0.81 -9.14 3.32
CA ASN A 68 -2.08 -8.66 2.76
C ASN A 68 -1.94 -7.19 2.29
N GLN A 69 -2.67 -6.82 1.23
CA GLN A 69 -2.69 -5.43 0.77
C GLN A 69 -3.37 -4.50 1.80
N GLY A 70 -3.01 -3.21 1.75
CA GLY A 70 -3.56 -2.17 2.63
C GLY A 70 -3.50 -0.74 2.08
N GLU A 71 -3.04 -0.54 0.84
CA GLU A 71 -2.92 0.77 0.17
C GLU A 71 -3.37 0.71 -1.31
N ASP A 72 -3.88 -0.44 -1.78
CA ASP A 72 -4.36 -0.67 -3.15
C ASP A 72 -5.53 -1.68 -3.17
N SER A 73 -6.46 -1.48 -4.10
CA SER A 73 -7.66 -2.32 -4.35
C SER A 73 -8.16 -2.16 -5.81
N VAL A 74 -7.32 -1.69 -6.74
CA VAL A 74 -7.68 -1.45 -8.15
C VAL A 74 -7.80 -2.77 -8.92
N PRO A 75 -8.89 -3.03 -9.69
CA PRO A 75 -9.10 -4.25 -10.47
C PRO A 75 -8.27 -4.26 -11.79
N ALA A 76 -6.95 -4.03 -11.67
CA ALA A 76 -6.00 -3.98 -12.80
C ALA A 76 -5.83 -5.31 -13.58
N LYS A 77 -6.36 -6.43 -13.07
CA LYS A 77 -6.33 -7.78 -13.68
C LYS A 77 -7.29 -7.91 -14.89
N LYS A 78 -7.11 -7.07 -15.90
CA LYS A 78 -7.94 -6.98 -17.12
C LYS A 78 -7.11 -6.73 -18.40
N PHE A 79 -7.80 -6.74 -19.54
CA PHE A 79 -7.24 -6.47 -20.87
C PHE A 79 -6.68 -5.04 -21.01
N LYS A 80 -5.73 -4.84 -21.93
CA LYS A 80 -5.12 -3.53 -22.24
C LYS A 80 -5.92 -2.79 -23.33
N ALA A 81 -5.92 -1.46 -23.28
CA ALA A 81 -6.60 -0.61 -24.26
C ALA A 81 -5.96 -0.67 -25.66
N ALA A 82 -6.79 -0.64 -26.71
CA ALA A 82 -6.34 -0.67 -28.11
C ALA A 82 -5.85 0.73 -28.59
N PRO A 83 -4.84 0.81 -29.48
CA PRO A 83 -4.33 2.08 -30.00
C PRO A 83 -5.29 2.73 -31.01
N ALA A 84 -5.31 4.07 -31.05
CA ALA A 84 -6.15 4.88 -31.93
C ALA A 84 -5.50 6.24 -32.32
N GLU A 85 -4.19 6.40 -32.12
CA GLU A 85 -3.44 7.64 -32.38
C GLU A 85 -3.14 7.95 -33.86
N ILE A 86 -3.53 7.06 -34.78
CA ILE A 86 -3.31 7.18 -36.23
C ILE A 86 -4.61 6.81 -36.98
N SER A 87 -5.02 7.67 -37.92
CA SER A 87 -6.21 7.51 -38.77
C SER A 87 -6.11 8.15 -40.16
N ASP A 88 -5.12 9.03 -40.38
CA ASP A 88 -4.86 9.73 -41.66
C ASP A 88 -4.41 8.82 -42.83
N GLY A 89 -3.87 7.63 -42.53
CA GLY A 89 -3.42 6.65 -43.53
C GLY A 89 -2.05 6.91 -44.19
N GLU A 90 -1.40 8.06 -43.95
CA GLU A 90 -0.07 8.37 -44.50
C GLU A 90 0.99 7.36 -44.03
N ASP A 91 0.81 6.83 -42.81
CA ASP A 91 1.60 5.78 -42.16
C ASP A 91 1.75 4.49 -43.00
N ARG A 92 0.89 4.30 -44.02
CA ARG A 92 0.87 3.14 -44.92
C ARG A 92 0.92 3.53 -46.41
N SER A 93 1.21 4.79 -46.72
CA SER A 93 1.31 5.32 -48.10
C SER A 93 2.63 6.05 -48.36
N LYS A 94 3.20 6.72 -47.36
CA LYS A 94 4.52 7.38 -47.42
C LYS A 94 5.63 6.50 -46.82
N CYS A 95 5.24 5.47 -46.08
CA CYS A 95 6.12 4.48 -45.45
C CYS A 95 5.42 3.11 -45.31
N CYS A 96 6.19 2.11 -44.88
CA CYS A 96 5.78 0.73 -44.63
C CYS A 96 6.41 0.25 -43.31
N PRO A 97 5.67 0.21 -42.18
CA PRO A 97 6.22 -0.18 -40.88
C PRO A 97 6.53 -1.68 -40.75
N VAL A 98 5.96 -2.55 -41.60
CA VAL A 98 6.24 -4.00 -41.60
C VAL A 98 7.69 -4.27 -42.00
N CYS A 99 8.18 -3.54 -43.00
CA CYS A 99 9.56 -3.61 -43.51
C CYS A 99 10.48 -2.50 -42.95
N ASN A 100 9.87 -1.49 -42.32
CA ASN A 100 10.47 -0.27 -41.77
C ASN A 100 11.22 0.54 -42.85
N MET A 101 10.49 0.95 -43.89
CA MET A 101 11.00 1.71 -45.05
C MET A 101 10.09 2.91 -45.41
N THR A 102 10.59 3.79 -46.27
CA THR A 102 9.90 5.01 -46.77
C THR A 102 9.80 5.02 -48.29
N PHE A 103 8.83 5.78 -48.84
CA PHE A 103 8.54 5.89 -50.27
C PHE A 103 8.41 7.36 -50.74
N SER A 104 8.81 7.62 -51.99
CA SER A 104 8.70 8.94 -52.63
C SER A 104 7.31 9.23 -53.21
N SER A 105 6.45 8.22 -53.35
CA SER A 105 5.09 8.30 -53.90
C SER A 105 4.23 7.13 -53.42
N PRO A 106 2.90 7.30 -53.23
CA PRO A 106 1.99 6.23 -52.84
C PRO A 106 1.90 5.10 -53.89
N VAL A 107 2.25 5.39 -55.16
CA VAL A 107 2.30 4.37 -56.23
C VAL A 107 3.36 3.31 -55.89
N VAL A 108 4.50 3.72 -55.32
CA VAL A 108 5.57 2.82 -54.87
C VAL A 108 5.08 1.93 -53.73
N ALA A 109 4.32 2.49 -52.77
CA ALA A 109 3.73 1.72 -51.66
C ALA A 109 2.78 0.63 -52.19
N GLU A 110 1.86 0.98 -53.09
CA GLU A 110 0.92 0.03 -53.71
C GLU A 110 1.63 -1.09 -54.47
N SER A 111 2.68 -0.78 -55.24
CA SER A 111 3.49 -1.77 -55.96
C SER A 111 4.30 -2.67 -54.99
N HIS A 112 4.83 -2.09 -53.91
CA HIS A 112 5.59 -2.80 -52.88
C HIS A 112 4.74 -3.87 -52.17
N TYR A 113 3.52 -3.53 -51.74
CA TYR A 113 2.62 -4.46 -51.04
C TYR A 113 2.21 -5.70 -51.86
N ILE A 114 2.31 -5.65 -53.19
CA ILE A 114 2.01 -6.77 -54.11
C ILE A 114 3.28 -7.48 -54.61
N GLY A 115 4.47 -7.06 -54.15
CA GLY A 115 5.76 -7.64 -54.51
C GLY A 115 6.32 -8.59 -53.43
N LYS A 116 7.19 -9.51 -53.85
CA LYS A 116 7.79 -10.54 -52.97
C LYS A 116 8.55 -9.97 -51.77
N THR A 117 9.14 -8.78 -51.88
CA THR A 117 9.87 -8.11 -50.79
C THR A 117 9.00 -7.91 -49.55
N HIS A 118 7.75 -7.46 -49.72
CA HIS A 118 6.81 -7.31 -48.60
C HIS A 118 6.36 -8.66 -48.05
N ILE A 119 6.06 -9.61 -48.94
CA ILE A 119 5.62 -10.98 -48.59
C ILE A 119 6.67 -11.72 -47.76
N LYS A 120 7.96 -11.58 -48.11
CA LYS A 120 9.10 -12.13 -47.34
C LYS A 120 9.12 -11.56 -45.93
N ASN A 121 8.92 -10.25 -45.80
CA ASN A 121 8.86 -9.56 -44.50
C ASN A 121 7.70 -10.04 -43.62
N LEU A 122 6.56 -10.48 -44.17
CA LEU A 122 5.45 -11.05 -43.37
C LEU A 122 5.95 -12.21 -42.51
N ARG A 123 6.71 -13.13 -43.13
CA ARG A 123 7.32 -14.30 -42.46
C ARG A 123 8.37 -13.89 -41.43
N LEU A 124 9.20 -12.90 -41.76
CA LEU A 124 10.22 -12.37 -40.83
C LEU A 124 9.60 -11.74 -39.57
N ARG A 125 8.53 -10.95 -39.71
CA ARG A 125 7.82 -10.33 -38.57
C ARG A 125 7.03 -11.36 -37.75
N GLU A 126 6.40 -12.34 -38.40
CA GLU A 126 5.65 -13.42 -37.73
C GLU A 126 6.58 -14.38 -36.96
N GLN A 127 7.78 -14.64 -37.49
CA GLN A 127 8.80 -15.52 -36.94
C GLN A 127 10.20 -14.94 -37.22
#